data_5T6U
# 
_entry.id   5T6U 
# 
_audit_conform.dict_name       mmcif_pdbx.dic 
_audit_conform.dict_version    5.397 
_audit_conform.dict_location   http://mmcif.pdb.org/dictionaries/ascii/mmcif_pdbx.dic 
# 
loop_
_database_2.database_id 
_database_2.database_code 
_database_2.pdbx_database_accession 
_database_2.pdbx_DOI 
PDB   5T6U         pdb_00005t6u 10.2210/pdb5t6u/pdb 
WWPDB D_1000223823 ?            ?                   
# 
loop_
_pdbx_audit_revision_history.ordinal 
_pdbx_audit_revision_history.data_content_type 
_pdbx_audit_revision_history.major_revision 
_pdbx_audit_revision_history.minor_revision 
_pdbx_audit_revision_history.revision_date 
1 'Structure model' 1 0 2017-01-18 
2 'Structure model' 1 1 2017-03-08 
3 'Structure model' 1 2 2017-09-27 
4 'Structure model' 1 3 2020-01-08 
5 'Structure model' 1 4 2020-07-29 
6 'Structure model' 1 5 2023-10-04 
7 'Structure model' 1 6 2024-10-16 
# 
loop_
_pdbx_audit_revision_details.ordinal 
_pdbx_audit_revision_details.revision_ordinal 
_pdbx_audit_revision_details.data_content_type 
_pdbx_audit_revision_details.provider 
_pdbx_audit_revision_details.type 
_pdbx_audit_revision_details.description 
_pdbx_audit_revision_details.details 
1 1 'Structure model' repository 'Initial release' ?                          ? 
2 5 'Structure model' repository Remediation       'Carbohydrate remediation' ? 
# 
loop_
_pdbx_audit_revision_group.ordinal 
_pdbx_audit_revision_group.revision_ordinal 
_pdbx_audit_revision_group.data_content_type 
_pdbx_audit_revision_group.group 
1  2 'Structure model' 'Database references'        
2  3 'Structure model' 'Data collection'            
3  4 'Structure model' 'Author supporting evidence' 
4  5 'Structure model' 'Data collection'            
5  5 'Structure model' 'Derived calculations'       
6  5 'Structure model' 'Structure summary'          
7  6 'Structure model' 'Data collection'            
8  6 'Structure model' 'Database references'        
9  6 'Structure model' 'Refinement description'     
10 6 'Structure model' 'Structure summary'          
11 7 'Structure model' 'Structure summary'          
# 
loop_
_pdbx_audit_revision_category.ordinal 
_pdbx_audit_revision_category.revision_ordinal 
_pdbx_audit_revision_category.data_content_type 
_pdbx_audit_revision_category.category 
1  3 'Structure model' diffrn_detector               
2  4 'Structure model' pdbx_audit_support            
3  5 'Structure model' chem_comp                     
4  5 'Structure model' entity                        
5  5 'Structure model' pdbx_chem_comp_identifier     
6  5 'Structure model' pdbx_entity_nonpoly           
7  5 'Structure model' struct_conn                   
8  5 'Structure model' struct_site                   
9  5 'Structure model' struct_site_gen               
10 6 'Structure model' chem_comp                     
11 6 'Structure model' chem_comp_atom                
12 6 'Structure model' chem_comp_bond                
13 6 'Structure model' database_2                    
14 6 'Structure model' pdbx_initial_refinement_model 
15 7 'Structure model' pdbx_entry_details            
16 7 'Structure model' pdbx_modification_feature     
# 
loop_
_pdbx_audit_revision_item.ordinal 
_pdbx_audit_revision_item.revision_ordinal 
_pdbx_audit_revision_item.data_content_type 
_pdbx_audit_revision_item.item 
1  3 'Structure model' '_diffrn_detector.detector'                
2  4 'Structure model' '_pdbx_audit_support.funding_organization' 
3  5 'Structure model' '_chem_comp.name'                          
4  5 'Structure model' '_chem_comp.type'                          
5  5 'Structure model' '_entity.pdbx_description'                 
6  5 'Structure model' '_pdbx_entity_nonpoly.name'                
7  5 'Structure model' '_struct_conn.pdbx_role'                   
8  6 'Structure model' '_chem_comp.pdbx_synonyms'                 
9  6 'Structure model' '_database_2.pdbx_DOI'                     
10 6 'Structure model' '_database_2.pdbx_database_accession'      
# 
_pdbx_database_status.status_code                     REL 
_pdbx_database_status.status_code_sf                  REL 
_pdbx_database_status.status_code_mr                  ? 
_pdbx_database_status.entry_id                        5T6U 
_pdbx_database_status.recvd_initial_deposition_date   2016-09-01 
_pdbx_database_status.SG_entry                        N 
_pdbx_database_status.deposit_site                    RCSB 
_pdbx_database_status.process_site                    RCSB 
_pdbx_database_status.status_code_cs                  ? 
_pdbx_database_status.methods_development_category    ? 
_pdbx_database_status.pdb_format_compatible           Y 
_pdbx_database_status.status_code_nmr_data            ? 
# 
loop_
_audit_author.name 
_audit_author.pdbx_ordinal 
'Law, S.'    1 
'Aguda, A.'  2 
'Nguyen, N.' 3 
'Brayer, G.' 4 
'Bromme, D.' 5 
# 
_citation.abstract                  ? 
_citation.abstract_id_CAS           ? 
_citation.book_id_ISBN              ? 
_citation.book_publisher            ? 
_citation.book_publisher_city       ? 
_citation.book_title                ? 
_citation.coordinate_linkage        ? 
_citation.country                   UK 
_citation.database_id_Medline       ? 
_citation.details                   ? 
_citation.id                        primary 
_citation.journal_abbrev            'Biochem. J.' 
_citation.journal_id_ASTM           BIJOAK 
_citation.journal_id_CSD            0043 
_citation.journal_id_ISSN           1470-8728 
_citation.journal_full              ? 
_citation.journal_issue             ? 
_citation.journal_volume            474 
_citation.language                  ? 
_citation.page_first                851 
_citation.page_last                 864 
_citation.title                     
'Identification of mouse cathepsin K structural elements that regulate the potency of odanacatib.' 
_citation.year                      2017 
_citation.database_id_CSD           ? 
_citation.pdbx_database_id_DOI      10.1042/BCJ20160985 
_citation.pdbx_database_id_PubMed   28049758 
_citation.unpublished_flag          ? 
# 
loop_
_citation_author.citation_id 
_citation_author.name 
_citation_author.ordinal 
_citation_author.identifier_ORCID 
primary 'Law, S.'        1 ? 
primary 'Andrault, P.M.' 2 ? 
primary 'Aguda, A.H.'    3 ? 
primary 'Nguyen, N.T.'   4 ? 
primary 'Kruglyak, N.'   5 ? 
primary 'Brayer, G.D.'   6 ? 
primary 'Bromme, D.'     7 ? 
# 
loop_
_entity.id 
_entity.type 
_entity.src_method 
_entity.pdbx_description 
_entity.formula_weight 
_entity.pdbx_number_of_molecules 
_entity.pdbx_ec 
_entity.pdbx_mutation 
_entity.pdbx_fragment 
_entity.details 
1 polymer     man 'Cathepsin K'                            23448.391 1  3.4.22.38 ? ? ? 
2 non-polymer syn 'SULFATE ION'                            96.063    3  ?         ? ? ? 
3 non-polymer man 2-acetamido-2-deoxy-beta-D-glucopyranose 221.208   1  ?         ? ? ? 
4 water       nat water                                    18.015    22 ?         ? ? ? 
# 
_entity_poly.entity_id                      1 
_entity_poly.type                           'polypeptide(L)' 
_entity_poly.nstd_linkage                   no 
_entity_poly.nstd_monomer                   no 
_entity_poly.pdbx_seq_one_letter_code       
;VPDSIDYRKKGYVTPVKNQGQCGSCWAFSSAGALEGQLKKKTGKLLALSPQNLVDCVTENYGCGGGYMTTAFQYVQQNGG
IDSEDAYPYVGQDESCMYNATAKAAKCRGYREIPVGNEKALKRAVARVGPISVSIDASLASFQFYSRGVYYDENCDRDNV
NHAVLVVGYGTQKGSKHWIIKNSWGESWGNKGYALLARNKNNACGITNMASFPKM
;
_entity_poly.pdbx_seq_one_letter_code_can   
;VPDSIDYRKKGYVTPVKNQGQCGSCWAFSSAGALEGQLKKKTGKLLALSPQNLVDCVTENYGCGGGYMTTAFQYVQQNGG
IDSEDAYPYVGQDESCMYNATAKAAKCRGYREIPVGNEKALKRAVARVGPISVSIDASLASFQFYSRGVYYDENCDRDNV
NHAVLVVGYGTQKGSKHWIIKNSWGESWGNKGYALLARNKNNACGITNMASFPKM
;
_entity_poly.pdbx_strand_id                 A 
_entity_poly.pdbx_target_identifier         ? 
# 
loop_
_pdbx_entity_nonpoly.entity_id 
_pdbx_entity_nonpoly.name 
_pdbx_entity_nonpoly.comp_id 
2 'SULFATE ION'                            SO4 
3 2-acetamido-2-deoxy-beta-D-glucopyranose NAG 
4 water                                    HOH 
# 
loop_
_entity_poly_seq.entity_id 
_entity_poly_seq.num 
_entity_poly_seq.mon_id 
_entity_poly_seq.hetero 
1 1   VAL n 
1 2   PRO n 
1 3   ASP n 
1 4   SER n 
1 5   ILE n 
1 6   ASP n 
1 7   TYR n 
1 8   ARG n 
1 9   LYS n 
1 10  LYS n 
1 11  GLY n 
1 12  TYR n 
1 13  VAL n 
1 14  THR n 
1 15  PRO n 
1 16  VAL n 
1 17  LYS n 
1 18  ASN n 
1 19  GLN n 
1 20  GLY n 
1 21  GLN n 
1 22  CYS n 
1 23  GLY n 
1 24  SER n 
1 25  CYS n 
1 26  TRP n 
1 27  ALA n 
1 28  PHE n 
1 29  SER n 
1 30  SER n 
1 31  ALA n 
1 32  GLY n 
1 33  ALA n 
1 34  LEU n 
1 35  GLU n 
1 36  GLY n 
1 37  GLN n 
1 38  LEU n 
1 39  LYS n 
1 40  LYS n 
1 41  LYS n 
1 42  THR n 
1 43  GLY n 
1 44  LYS n 
1 45  LEU n 
1 46  LEU n 
1 47  ALA n 
1 48  LEU n 
1 49  SER n 
1 50  PRO n 
1 51  GLN n 
1 52  ASN n 
1 53  LEU n 
1 54  VAL n 
1 55  ASP n 
1 56  CYS n 
1 57  VAL n 
1 58  THR n 
1 59  GLU n 
1 60  ASN n 
1 61  TYR n 
1 62  GLY n 
1 63  CYS n 
1 64  GLY n 
1 65  GLY n 
1 66  GLY n 
1 67  TYR n 
1 68  MET n 
1 69  THR n 
1 70  THR n 
1 71  ALA n 
1 72  PHE n 
1 73  GLN n 
1 74  TYR n 
1 75  VAL n 
1 76  GLN n 
1 77  GLN n 
1 78  ASN n 
1 79  GLY n 
1 80  GLY n 
1 81  ILE n 
1 82  ASP n 
1 83  SER n 
1 84  GLU n 
1 85  ASP n 
1 86  ALA n 
1 87  TYR n 
1 88  PRO n 
1 89  TYR n 
1 90  VAL n 
1 91  GLY n 
1 92  GLN n 
1 93  ASP n 
1 94  GLU n 
1 95  SER n 
1 96  CYS n 
1 97  MET n 
1 98  TYR n 
1 99  ASN n 
1 100 ALA n 
1 101 THR n 
1 102 ALA n 
1 103 LYS n 
1 104 ALA n 
1 105 ALA n 
1 106 LYS n 
1 107 CYS n 
1 108 ARG n 
1 109 GLY n 
1 110 TYR n 
1 111 ARG n 
1 112 GLU n 
1 113 ILE n 
1 114 PRO n 
1 115 VAL n 
1 116 GLY n 
1 117 ASN n 
1 118 GLU n 
1 119 LYS n 
1 120 ALA n 
1 121 LEU n 
1 122 LYS n 
1 123 ARG n 
1 124 ALA n 
1 125 VAL n 
1 126 ALA n 
1 127 ARG n 
1 128 VAL n 
1 129 GLY n 
1 130 PRO n 
1 131 ILE n 
1 132 SER n 
1 133 VAL n 
1 134 SER n 
1 135 ILE n 
1 136 ASP n 
1 137 ALA n 
1 138 SER n 
1 139 LEU n 
1 140 ALA n 
1 141 SER n 
1 142 PHE n 
1 143 GLN n 
1 144 PHE n 
1 145 TYR n 
1 146 SER n 
1 147 ARG n 
1 148 GLY n 
1 149 VAL n 
1 150 TYR n 
1 151 TYR n 
1 152 ASP n 
1 153 GLU n 
1 154 ASN n 
1 155 CYS n 
1 156 ASP n 
1 157 ARG n 
1 158 ASP n 
1 159 ASN n 
1 160 VAL n 
1 161 ASN n 
1 162 HIS n 
1 163 ALA n 
1 164 VAL n 
1 165 LEU n 
1 166 VAL n 
1 167 VAL n 
1 168 GLY n 
1 169 TYR n 
1 170 GLY n 
1 171 THR n 
1 172 GLN n 
1 173 LYS n 
1 174 GLY n 
1 175 SER n 
1 176 LYS n 
1 177 HIS n 
1 178 TRP n 
1 179 ILE n 
1 180 ILE n 
1 181 LYS n 
1 182 ASN n 
1 183 SER n 
1 184 TRP n 
1 185 GLY n 
1 186 GLU n 
1 187 SER n 
1 188 TRP n 
1 189 GLY n 
1 190 ASN n 
1 191 LYS n 
1 192 GLY n 
1 193 TYR n 
1 194 ALA n 
1 195 LEU n 
1 196 LEU n 
1 197 ALA n 
1 198 ARG n 
1 199 ASN n 
1 200 LYS n 
1 201 ASN n 
1 202 ASN n 
1 203 ALA n 
1 204 CYS n 
1 205 GLY n 
1 206 ILE n 
1 207 THR n 
1 208 ASN n 
1 209 MET n 
1 210 ALA n 
1 211 SER n 
1 212 PHE n 
1 213 PRO n 
1 214 LYS n 
1 215 MET n 
# 
_entity_src_gen.entity_id                          1 
_entity_src_gen.pdbx_src_id                        1 
_entity_src_gen.pdbx_alt_source_flag               sample 
_entity_src_gen.pdbx_seq_type                      'Biological sequence' 
_entity_src_gen.pdbx_beg_seq_num                   1 
_entity_src_gen.pdbx_end_seq_num                   215 
_entity_src_gen.gene_src_common_name               Mouse 
_entity_src_gen.gene_src_genus                     ? 
_entity_src_gen.pdbx_gene_src_gene                 Ctsk 
_entity_src_gen.gene_src_species                   ? 
_entity_src_gen.gene_src_strain                    ? 
_entity_src_gen.gene_src_tissue                    ? 
_entity_src_gen.gene_src_tissue_fraction           ? 
_entity_src_gen.gene_src_details                   ? 
_entity_src_gen.pdbx_gene_src_fragment             ? 
_entity_src_gen.pdbx_gene_src_scientific_name      'Mus musculus' 
_entity_src_gen.pdbx_gene_src_ncbi_taxonomy_id     10090 
_entity_src_gen.pdbx_gene_src_variant              ? 
_entity_src_gen.pdbx_gene_src_cell_line            ? 
_entity_src_gen.pdbx_gene_src_atcc                 ? 
_entity_src_gen.pdbx_gene_src_organ                ? 
_entity_src_gen.pdbx_gene_src_organelle            ? 
_entity_src_gen.pdbx_gene_src_cell                 ? 
_entity_src_gen.pdbx_gene_src_cellular_location    ? 
_entity_src_gen.host_org_common_name               ? 
_entity_src_gen.pdbx_host_org_scientific_name      'Komagataella pastoris GS115' 
_entity_src_gen.pdbx_host_org_ncbi_taxonomy_id     644223 
_entity_src_gen.host_org_genus                     ? 
_entity_src_gen.pdbx_host_org_gene                 ? 
_entity_src_gen.pdbx_host_org_organ                ? 
_entity_src_gen.host_org_species                   ? 
_entity_src_gen.pdbx_host_org_tissue               ? 
_entity_src_gen.pdbx_host_org_tissue_fraction      ? 
_entity_src_gen.pdbx_host_org_strain               ? 
_entity_src_gen.pdbx_host_org_variant              ? 
_entity_src_gen.pdbx_host_org_cell_line            ? 
_entity_src_gen.pdbx_host_org_atcc                 ? 
_entity_src_gen.pdbx_host_org_culture_collection   ? 
_entity_src_gen.pdbx_host_org_cell                 ? 
_entity_src_gen.pdbx_host_org_organelle            ? 
_entity_src_gen.pdbx_host_org_cellular_location    ? 
_entity_src_gen.pdbx_host_org_vector_type          ? 
_entity_src_gen.pdbx_host_org_vector               ? 
_entity_src_gen.host_org_details                   ? 
_entity_src_gen.expression_system_id               ? 
_entity_src_gen.plasmid_name                       ppic9k 
_entity_src_gen.plasmid_details                    ? 
_entity_src_gen.pdbx_description                   ? 
# 
loop_
_chem_comp.id 
_chem_comp.type 
_chem_comp.mon_nstd_flag 
_chem_comp.name 
_chem_comp.pdbx_synonyms 
_chem_comp.formula 
_chem_comp.formula_weight 
ALA 'L-peptide linking'          y ALANINE                                  ? 'C3 H7 N O2'     89.093  
ARG 'L-peptide linking'          y ARGININE                                 ? 'C6 H15 N4 O2 1' 175.209 
ASN 'L-peptide linking'          y ASPARAGINE                               ? 'C4 H8 N2 O3'    132.118 
ASP 'L-peptide linking'          y 'ASPARTIC ACID'                          ? 'C4 H7 N O4'     133.103 
CYS 'L-peptide linking'          y CYSTEINE                                 ? 'C3 H7 N O2 S'   121.158 
GLN 'L-peptide linking'          y GLUTAMINE                                ? 'C5 H10 N2 O3'   146.144 
GLU 'L-peptide linking'          y 'GLUTAMIC ACID'                          ? 'C5 H9 N O4'     147.129 
GLY 'peptide linking'            y GLYCINE                                  ? 'C2 H5 N O2'     75.067  
HIS 'L-peptide linking'          y HISTIDINE                                ? 'C6 H10 N3 O2 1' 156.162 
HOH non-polymer                  . WATER                                    ? 'H2 O'           18.015  
ILE 'L-peptide linking'          y ISOLEUCINE                               ? 'C6 H13 N O2'    131.173 
LEU 'L-peptide linking'          y LEUCINE                                  ? 'C6 H13 N O2'    131.173 
LYS 'L-peptide linking'          y LYSINE                                   ? 'C6 H15 N2 O2 1' 147.195 
MET 'L-peptide linking'          y METHIONINE                               ? 'C5 H11 N O2 S'  149.211 
NAG 'D-saccharide, beta linking' . 2-acetamido-2-deoxy-beta-D-glucopyranose 
;N-acetyl-beta-D-glucosamine; 2-acetamido-2-deoxy-beta-D-glucose; 2-acetamido-2-deoxy-D-glucose; 2-acetamido-2-deoxy-glucose; N-ACETYL-D-GLUCOSAMINE
;
'C8 H15 N O6'    221.208 
PHE 'L-peptide linking'          y PHENYLALANINE                            ? 'C9 H11 N O2'    165.189 
PRO 'L-peptide linking'          y PROLINE                                  ? 'C5 H9 N O2'     115.130 
SER 'L-peptide linking'          y SERINE                                   ? 'C3 H7 N O3'     105.093 
SO4 non-polymer                  . 'SULFATE ION'                            ? 'O4 S -2'        96.063  
THR 'L-peptide linking'          y THREONINE                                ? 'C4 H9 N O3'     119.119 
TRP 'L-peptide linking'          y TRYPTOPHAN                               ? 'C11 H12 N2 O2'  204.225 
TYR 'L-peptide linking'          y TYROSINE                                 ? 'C9 H11 N O3'    181.189 
VAL 'L-peptide linking'          y VALINE                                   ? 'C5 H11 N O2'    117.146 
# 
loop_
_pdbx_chem_comp_identifier.comp_id 
_pdbx_chem_comp_identifier.type 
_pdbx_chem_comp_identifier.program 
_pdbx_chem_comp_identifier.program_version 
_pdbx_chem_comp_identifier.identifier 
NAG 'CONDENSED IUPAC CARBOHYDRATE SYMBOL' GMML     1.0 DGlcpNAcb                      
NAG 'COMMON NAME'                         GMML     1.0 N-acetyl-b-D-glucopyranosamine 
NAG 'IUPAC CARBOHYDRATE SYMBOL'           PDB-CARE 1.0 b-D-GlcpNAc                    
NAG 'SNFG CARBOHYDRATE SYMBOL'            GMML     1.0 GlcNAc                         
# 
loop_
_pdbx_poly_seq_scheme.asym_id 
_pdbx_poly_seq_scheme.entity_id 
_pdbx_poly_seq_scheme.seq_id 
_pdbx_poly_seq_scheme.mon_id 
_pdbx_poly_seq_scheme.ndb_seq_num 
_pdbx_poly_seq_scheme.pdb_seq_num 
_pdbx_poly_seq_scheme.auth_seq_num 
_pdbx_poly_seq_scheme.pdb_mon_id 
_pdbx_poly_seq_scheme.auth_mon_id 
_pdbx_poly_seq_scheme.pdb_strand_id 
_pdbx_poly_seq_scheme.pdb_ins_code 
_pdbx_poly_seq_scheme.hetero 
A 1 1   VAL 1   1   1   VAL VAL A . n 
A 1 2   PRO 2   2   2   PRO PRO A . n 
A 1 3   ASP 3   3   3   ASP ASP A . n 
A 1 4   SER 4   4   4   SER SER A . n 
A 1 5   ILE 5   5   5   ILE ILE A . n 
A 1 6   ASP 6   6   6   ASP ASP A . n 
A 1 7   TYR 7   7   7   TYR TYR A . n 
A 1 8   ARG 8   8   8   ARG ARG A . n 
A 1 9   LYS 9   9   9   LYS LYS A . n 
A 1 10  LYS 10  10  10  LYS LYS A . n 
A 1 11  GLY 11  11  11  GLY GLY A . n 
A 1 12  TYR 12  12  12  TYR TYR A . n 
A 1 13  VAL 13  13  13  VAL VAL A . n 
A 1 14  THR 14  14  14  THR THR A . n 
A 1 15  PRO 15  15  15  PRO PRO A . n 
A 1 16  VAL 16  16  16  VAL VAL A . n 
A 1 17  LYS 17  17  17  LYS LYS A . n 
A 1 18  ASN 18  18  18  ASN ASN A . n 
A 1 19  GLN 19  19  19  GLN GLN A . n 
A 1 20  GLY 20  20  20  GLY GLY A . n 
A 1 21  GLN 21  21  21  GLN GLN A . n 
A 1 22  CYS 22  22  22  CYS CYS A . n 
A 1 23  GLY 23  23  23  GLY GLY A . n 
A 1 24  SER 24  24  24  SER SER A . n 
A 1 25  CYS 25  25  25  CYS CYS A . n 
A 1 26  TRP 26  26  26  TRP TRP A . n 
A 1 27  ALA 27  27  27  ALA ALA A . n 
A 1 28  PHE 28  28  28  PHE PHE A . n 
A 1 29  SER 29  29  29  SER SER A . n 
A 1 30  SER 30  30  30  SER SER A . n 
A 1 31  ALA 31  31  31  ALA ALA A . n 
A 1 32  GLY 32  32  32  GLY GLY A . n 
A 1 33  ALA 33  33  33  ALA ALA A . n 
A 1 34  LEU 34  34  34  LEU LEU A . n 
A 1 35  GLU 35  35  35  GLU GLU A . n 
A 1 36  GLY 36  36  36  GLY GLY A . n 
A 1 37  GLN 37  37  37  GLN GLN A . n 
A 1 38  LEU 38  38  38  LEU LEU A . n 
A 1 39  LYS 39  39  39  LYS LYS A . n 
A 1 40  LYS 40  40  40  LYS LYS A . n 
A 1 41  LYS 41  41  41  LYS LYS A . n 
A 1 42  THR 42  42  42  THR THR A . n 
A 1 43  GLY 43  43  43  GLY GLY A . n 
A 1 44  LYS 44  44  44  LYS LYS A . n 
A 1 45  LEU 45  45  45  LEU LEU A . n 
A 1 46  LEU 46  46  46  LEU LEU A . n 
A 1 47  ALA 47  47  47  ALA ALA A . n 
A 1 48  LEU 48  48  48  LEU LEU A . n 
A 1 49  SER 49  49  49  SER SER A . n 
A 1 50  PRO 50  50  50  PRO PRO A . n 
A 1 51  GLN 51  51  51  GLN GLN A . n 
A 1 52  ASN 52  52  52  ASN ASN A . n 
A 1 53  LEU 53  53  53  LEU LEU A . n 
A 1 54  VAL 54  54  54  VAL VAL A . n 
A 1 55  ASP 55  55  55  ASP ASP A . n 
A 1 56  CYS 56  56  56  CYS CYS A . n 
A 1 57  VAL 57  57  57  VAL VAL A . n 
A 1 58  THR 58  58  58  THR THR A . n 
A 1 59  GLU 59  59  59  GLU GLU A . n 
A 1 60  ASN 60  60  60  ASN ASN A . n 
A 1 61  TYR 61  61  61  TYR TYR A . n 
A 1 62  GLY 62  62  62  GLY GLY A . n 
A 1 63  CYS 63  63  63  CYS CYS A . n 
A 1 64  GLY 64  64  64  GLY GLY A . n 
A 1 65  GLY 65  65  65  GLY GLY A . n 
A 1 66  GLY 66  66  66  GLY GLY A . n 
A 1 67  TYR 67  67  67  TYR TYR A . n 
A 1 68  MET 68  68  68  MET MET A . n 
A 1 69  THR 69  69  69  THR THR A . n 
A 1 70  THR 70  70  70  THR THR A . n 
A 1 71  ALA 71  71  71  ALA ALA A . n 
A 1 72  PHE 72  72  72  PHE PHE A . n 
A 1 73  GLN 73  73  73  GLN GLN A . n 
A 1 74  TYR 74  74  74  TYR TYR A . n 
A 1 75  VAL 75  75  75  VAL VAL A . n 
A 1 76  GLN 76  76  76  GLN GLN A . n 
A 1 77  GLN 77  77  77  GLN GLN A . n 
A 1 78  ASN 78  78  78  ASN ASN A . n 
A 1 79  GLY 79  79  79  GLY GLY A . n 
A 1 80  GLY 80  80  80  GLY GLY A . n 
A 1 81  ILE 81  81  81  ILE ILE A . n 
A 1 82  ASP 82  82  82  ASP ASP A . n 
A 1 83  SER 83  83  83  SER SER A . n 
A 1 84  GLU 84  84  84  GLU GLU A . n 
A 1 85  ASP 85  85  85  ASP ASP A . n 
A 1 86  ALA 86  86  86  ALA ALA A . n 
A 1 87  TYR 87  87  87  TYR TYR A . n 
A 1 88  PRO 88  88  88  PRO PRO A . n 
A 1 89  TYR 89  89  89  TYR TYR A . n 
A 1 90  VAL 90  90  90  VAL VAL A . n 
A 1 91  GLY 91  91  91  GLY GLY A . n 
A 1 92  GLN 92  92  92  GLN GLN A . n 
A 1 93  ASP 93  93  93  ASP ASP A . n 
A 1 94  GLU 94  94  94  GLU GLU A . n 
A 1 95  SER 95  95  95  SER SER A . n 
A 1 96  CYS 96  96  96  CYS CYS A . n 
A 1 97  MET 97  97  97  MET MET A . n 
A 1 98  TYR 98  98  98  TYR TYR A . n 
A 1 99  ASN 99  99  99  ASN ASN A . n 
A 1 100 ALA 100 100 100 ALA ALA A . n 
A 1 101 THR 101 101 101 THR THR A . n 
A 1 102 ALA 102 102 102 ALA ALA A . n 
A 1 103 LYS 103 103 103 LYS LYS A . n 
A 1 104 ALA 104 104 104 ALA ALA A . n 
A 1 105 ALA 105 105 105 ALA ALA A . n 
A 1 106 LYS 106 106 106 LYS LYS A . n 
A 1 107 CYS 107 107 107 CYS CYS A . n 
A 1 108 ARG 108 108 108 ARG ARG A . n 
A 1 109 GLY 109 109 109 GLY GLY A . n 
A 1 110 TYR 110 110 110 TYR TYR A . n 
A 1 111 ARG 111 111 111 ARG ARG A . n 
A 1 112 GLU 112 112 112 GLU GLU A . n 
A 1 113 ILE 113 113 113 ILE ILE A . n 
A 1 114 PRO 114 114 114 PRO PRO A . n 
A 1 115 VAL 115 115 115 VAL VAL A . n 
A 1 116 GLY 116 116 116 GLY GLY A . n 
A 1 117 ASN 117 117 117 ASN ASN A . n 
A 1 118 GLU 118 118 118 GLU GLU A . n 
A 1 119 LYS 119 119 119 LYS LYS A . n 
A 1 120 ALA 120 120 120 ALA ALA A . n 
A 1 121 LEU 121 121 121 LEU LEU A . n 
A 1 122 LYS 122 122 122 LYS LYS A . n 
A 1 123 ARG 123 123 123 ARG ARG A . n 
A 1 124 ALA 124 124 124 ALA ALA A . n 
A 1 125 VAL 125 125 125 VAL VAL A . n 
A 1 126 ALA 126 126 126 ALA ALA A . n 
A 1 127 ARG 127 127 127 ARG ARG A . n 
A 1 128 VAL 128 128 128 VAL VAL A . n 
A 1 129 GLY 129 129 129 GLY GLY A . n 
A 1 130 PRO 130 130 130 PRO PRO A . n 
A 1 131 ILE 131 131 131 ILE ILE A . n 
A 1 132 SER 132 132 132 SER SER A . n 
A 1 133 VAL 133 133 133 VAL VAL A . n 
A 1 134 SER 134 134 134 SER SER A . n 
A 1 135 ILE 135 135 135 ILE ILE A . n 
A 1 136 ASP 136 136 136 ASP ASP A . n 
A 1 137 ALA 137 137 137 ALA ALA A . n 
A 1 138 SER 138 138 138 SER SER A . n 
A 1 139 LEU 139 139 139 LEU LEU A . n 
A 1 140 ALA 140 140 140 ALA ALA A . n 
A 1 141 SER 141 141 141 SER SER A . n 
A 1 142 PHE 142 142 142 PHE PHE A . n 
A 1 143 GLN 143 143 143 GLN GLN A . n 
A 1 144 PHE 144 144 144 PHE PHE A . n 
A 1 145 TYR 145 145 145 TYR TYR A . n 
A 1 146 SER 146 146 146 SER SER A . n 
A 1 147 ARG 147 147 147 ARG ARG A . n 
A 1 148 GLY 148 148 148 GLY GLY A . n 
A 1 149 VAL 149 149 149 VAL VAL A . n 
A 1 150 TYR 150 150 150 TYR TYR A . n 
A 1 151 TYR 151 151 151 TYR TYR A . n 
A 1 152 ASP 152 152 152 ASP ASP A . n 
A 1 153 GLU 153 153 153 GLU GLU A . n 
A 1 154 ASN 154 154 154 ASN ASN A . n 
A 1 155 CYS 155 155 155 CYS CYS A . n 
A 1 156 ASP 156 156 156 ASP ASP A . n 
A 1 157 ARG 157 157 157 ARG ARG A . n 
A 1 158 ASP 158 158 158 ASP ASP A . n 
A 1 159 ASN 159 159 159 ASN ASN A . n 
A 1 160 VAL 160 160 160 VAL VAL A . n 
A 1 161 ASN 161 161 161 ASN ASN A . n 
A 1 162 HIS 162 162 162 HIS HIS A . n 
A 1 163 ALA 163 163 163 ALA ALA A . n 
A 1 164 VAL 164 164 164 VAL VAL A . n 
A 1 165 LEU 165 165 165 LEU LEU A . n 
A 1 166 VAL 166 166 166 VAL VAL A . n 
A 1 167 VAL 167 167 167 VAL VAL A . n 
A 1 168 GLY 168 168 168 GLY GLY A . n 
A 1 169 TYR 169 169 169 TYR TYR A . n 
A 1 170 GLY 170 170 170 GLY GLY A . n 
A 1 171 THR 171 171 171 THR THR A . n 
A 1 172 GLN 172 172 172 GLN GLN A . n 
A 1 173 LYS 173 173 173 LYS LYS A . n 
A 1 174 GLY 174 174 174 GLY GLY A . n 
A 1 175 SER 175 175 175 SER SER A . n 
A 1 176 LYS 176 176 176 LYS LYS A . n 
A 1 177 HIS 177 177 177 HIS HIS A . n 
A 1 178 TRP 178 178 178 TRP TRP A . n 
A 1 179 ILE 179 179 179 ILE ILE A . n 
A 1 180 ILE 180 180 180 ILE ILE A . n 
A 1 181 LYS 181 181 181 LYS LYS A . n 
A 1 182 ASN 182 182 182 ASN ASN A . n 
A 1 183 SER 183 183 183 SER SER A . n 
A 1 184 TRP 184 184 184 TRP TRP A . n 
A 1 185 GLY 185 185 185 GLY GLY A . n 
A 1 186 GLU 186 186 186 GLU GLU A . n 
A 1 187 SER 187 187 187 SER SER A . n 
A 1 188 TRP 188 188 188 TRP TRP A . n 
A 1 189 GLY 189 189 189 GLY GLY A . n 
A 1 190 ASN 190 190 190 ASN ASN A . n 
A 1 191 LYS 191 191 191 LYS LYS A . n 
A 1 192 GLY 192 192 192 GLY GLY A . n 
A 1 193 TYR 193 193 193 TYR TYR A . n 
A 1 194 ALA 194 194 194 ALA ALA A . n 
A 1 195 LEU 195 195 195 LEU LEU A . n 
A 1 196 LEU 196 196 196 LEU LEU A . n 
A 1 197 ALA 197 197 197 ALA ALA A . n 
A 1 198 ARG 198 198 198 ARG ARG A . n 
A 1 199 ASN 199 199 199 ASN ASN A . n 
A 1 200 LYS 200 200 200 LYS LYS A . n 
A 1 201 ASN 201 201 201 ASN ASN A . n 
A 1 202 ASN 202 202 202 ASN ASN A . n 
A 1 203 ALA 203 203 203 ALA ALA A . n 
A 1 204 CYS 204 204 204 CYS CYS A . n 
A 1 205 GLY 205 205 205 GLY GLY A . n 
A 1 206 ILE 206 206 206 ILE ILE A . n 
A 1 207 THR 207 207 207 THR THR A . n 
A 1 208 ASN 208 208 208 ASN ASN A . n 
A 1 209 MET 209 209 209 MET MET A . n 
A 1 210 ALA 210 210 210 ALA ALA A . n 
A 1 211 SER 211 211 211 SER SER A . n 
A 1 212 PHE 212 212 212 PHE PHE A . n 
A 1 213 PRO 213 213 213 PRO PRO A . n 
A 1 214 LYS 214 214 214 LYS LYS A . n 
A 1 215 MET 215 215 215 MET MET A . n 
# 
loop_
_pdbx_nonpoly_scheme.asym_id 
_pdbx_nonpoly_scheme.entity_id 
_pdbx_nonpoly_scheme.mon_id 
_pdbx_nonpoly_scheme.ndb_seq_num 
_pdbx_nonpoly_scheme.pdb_seq_num 
_pdbx_nonpoly_scheme.auth_seq_num 
_pdbx_nonpoly_scheme.pdb_mon_id 
_pdbx_nonpoly_scheme.auth_mon_id 
_pdbx_nonpoly_scheme.pdb_strand_id 
_pdbx_nonpoly_scheme.pdb_ins_code 
B 2 SO4 1  301 1  SO4 SO4 A . 
C 2 SO4 1  302 2  SO4 SO4 A . 
D 2 SO4 1  303 3  SO4 SO4 A . 
E 3 NAG 1  304 1  NAG NAG A . 
F 4 HOH 1  401 2  HOH HOH A . 
F 4 HOH 2  402 1  HOH HOH A . 
F 4 HOH 3  403 14 HOH HOH A . 
F 4 HOH 4  404 17 HOH HOH A . 
F 4 HOH 5  405 8  HOH HOH A . 
F 4 HOH 6  406 13 HOH HOH A . 
F 4 HOH 7  407 19 HOH HOH A . 
F 4 HOH 8  408 9  HOH HOH A . 
F 4 HOH 9  409 4  HOH HOH A . 
F 4 HOH 10 410 20 HOH HOH A . 
F 4 HOH 11 411 5  HOH HOH A . 
F 4 HOH 12 412 6  HOH HOH A . 
F 4 HOH 13 413 10 HOH HOH A . 
F 4 HOH 14 414 16 HOH HOH A . 
F 4 HOH 15 415 3  HOH HOH A . 
F 4 HOH 16 416 23 HOH HOH A . 
F 4 HOH 17 417 12 HOH HOH A . 
F 4 HOH 18 418 11 HOH HOH A . 
F 4 HOH 19 419 22 HOH HOH A . 
F 4 HOH 20 420 7  HOH HOH A . 
F 4 HOH 21 421 18 HOH HOH A . 
F 4 HOH 22 422 21 HOH HOH A . 
# 
loop_
_software.citation_id 
_software.classification 
_software.compiler_name 
_software.compiler_version 
_software.contact_author 
_software.contact_author_email 
_software.date 
_software.description 
_software.dependencies 
_software.hardware 
_software.language 
_software.location 
_software.mods 
_software.name 
_software.os 
_software.os_version 
_software.type 
_software.version 
_software.pdbx_ordinal 
? refinement       ? ? ? ? ? ? ? ? ? ? ? PHENIX  ? ? ? 1.8.1_1168 1 
? 'data reduction' ? ? ? ? ? ? ? ? ? ? ? iMOSFLM ? ? ? 7.2.1      2 
? 'data scaling'   ? ? ? ? ? ? ? ? ? ? ? SCALA   ? ? ? 3.3.22     3 
? phasing          ? ? ? ? ? ? ? ? ? ? ? PHASER  ? ? ? 2.5.6      4 
# 
_cell.angle_alpha                  90.00 
_cell.angle_alpha_esd              ? 
_cell.angle_beta                   90.00 
_cell.angle_beta_esd               ? 
_cell.angle_gamma                  90.00 
_cell.angle_gamma_esd              ? 
_cell.entry_id                     5T6U 
_cell.details                      ? 
_cell.formula_units_Z              ? 
_cell.length_a                     37.920 
_cell.length_a_esd                 ? 
_cell.length_b                     43.260 
_cell.length_b_esd                 ? 
_cell.length_c                     133.970 
_cell.length_c_esd                 ? 
_cell.volume                       ? 
_cell.volume_esd                   ? 
_cell.Z_PDB                        4 
_cell.reciprocal_angle_alpha       ? 
_cell.reciprocal_angle_beta        ? 
_cell.reciprocal_angle_gamma       ? 
_cell.reciprocal_angle_alpha_esd   ? 
_cell.reciprocal_angle_beta_esd    ? 
_cell.reciprocal_angle_gamma_esd   ? 
_cell.reciprocal_length_a          ? 
_cell.reciprocal_length_b          ? 
_cell.reciprocal_length_c          ? 
_cell.reciprocal_length_a_esd      ? 
_cell.reciprocal_length_b_esd      ? 
_cell.reciprocal_length_c_esd      ? 
_cell.pdbx_unique_axis             ? 
# 
_symmetry.entry_id                         5T6U 
_symmetry.cell_setting                     ? 
_symmetry.Int_Tables_number                18 
_symmetry.space_group_name_Hall            ? 
_symmetry.space_group_name_H-M             'P 21 2 21' 
_symmetry.pdbx_full_space_group_name_H-M   ? 
# 
_exptl.absorpt_coefficient_mu     ? 
_exptl.absorpt_correction_T_max   ? 
_exptl.absorpt_correction_T_min   ? 
_exptl.absorpt_correction_type    ? 
_exptl.absorpt_process_details    ? 
_exptl.entry_id                   5T6U 
_exptl.crystals_number            1 
_exptl.details                    ? 
_exptl.method                     'X-RAY DIFFRACTION' 
_exptl.method_details             ? 
# 
_exptl_crystal.colour                      ? 
_exptl_crystal.density_diffrn              ? 
_exptl_crystal.density_Matthews            2.34 
_exptl_crystal.density_method              ? 
_exptl_crystal.density_percent_sol         47.51 
_exptl_crystal.description                 ? 
_exptl_crystal.F_000                       ? 
_exptl_crystal.id                          1 
_exptl_crystal.preparation                 ? 
_exptl_crystal.size_max                    ? 
_exptl_crystal.size_mid                    ? 
_exptl_crystal.size_min                    ? 
_exptl_crystal.size_rad                    ? 
_exptl_crystal.colour_lustre               ? 
_exptl_crystal.colour_modifier             ? 
_exptl_crystal.colour_primary              ? 
_exptl_crystal.density_meas                ? 
_exptl_crystal.density_meas_esd            ? 
_exptl_crystal.density_meas_gt             ? 
_exptl_crystal.density_meas_lt             ? 
_exptl_crystal.density_meas_temp           ? 
_exptl_crystal.density_meas_temp_esd       ? 
_exptl_crystal.density_meas_temp_gt        ? 
_exptl_crystal.density_meas_temp_lt        ? 
_exptl_crystal.pdbx_crystal_image_url      ? 
_exptl_crystal.pdbx_crystal_image_format   ? 
_exptl_crystal.pdbx_mosaicity              ? 
_exptl_crystal.pdbx_mosaicity_esd          ? 
# 
_exptl_crystal_grow.apparatus       ? 
_exptl_crystal_grow.atmosphere      ? 
_exptl_crystal_grow.crystal_id      1 
_exptl_crystal_grow.details         ? 
_exptl_crystal_grow.method          'VAPOR DIFFUSION, SITTING DROP' 
_exptl_crystal_grow.method_ref      ? 
_exptl_crystal_grow.pH              6.2 
_exptl_crystal_grow.pressure        ? 
_exptl_crystal_grow.pressure_esd    ? 
_exptl_crystal_grow.seeding         ? 
_exptl_crystal_grow.seeding_ref     ? 
_exptl_crystal_grow.temp            298 
_exptl_crystal_grow.temp_details    ? 
_exptl_crystal_grow.temp_esd        ? 
_exptl_crystal_grow.time            ? 
_exptl_crystal_grow.pdbx_details    
;0.1 M sodium phosphate pH 6.2
25% (v/v) 1,2-propanediol
10% (v/v) glycerol
;
_exptl_crystal_grow.pdbx_pH_range   ? 
# 
_diffrn.ambient_environment    ? 
_diffrn.ambient_temp           100 
_diffrn.ambient_temp_details   ? 
_diffrn.ambient_temp_esd       ? 
_diffrn.crystal_id             1 
_diffrn.crystal_support        ? 
_diffrn.crystal_treatment      ? 
_diffrn.details                ? 
_diffrn.id                     1 
_diffrn.ambient_pressure       ? 
_diffrn.ambient_pressure_esd   ? 
_diffrn.ambient_pressure_gt    ? 
_diffrn.ambient_pressure_lt    ? 
_diffrn.ambient_temp_gt        ? 
_diffrn.ambient_temp_lt        ? 
# 
_diffrn_detector.details                      ? 
_diffrn_detector.detector                     PIXEL 
_diffrn_detector.diffrn_id                    1 
_diffrn_detector.type                         'DECTRIS PILATUS 6M' 
_diffrn_detector.area_resol_mean              ? 
_diffrn_detector.dtime                        ? 
_diffrn_detector.pdbx_frames_total            ? 
_diffrn_detector.pdbx_collection_time_total   ? 
_diffrn_detector.pdbx_collection_date         2016-05-14 
# 
_diffrn_radiation.collimation                      ? 
_diffrn_radiation.diffrn_id                        1 
_diffrn_radiation.filter_edge                      ? 
_diffrn_radiation.inhomogeneity                    ? 
_diffrn_radiation.monochromator                    ? 
_diffrn_radiation.polarisn_norm                    ? 
_diffrn_radiation.polarisn_ratio                   ? 
_diffrn_radiation.probe                            ? 
_diffrn_radiation.type                             ? 
_diffrn_radiation.xray_symbol                      ? 
_diffrn_radiation.wavelength_id                    1 
_diffrn_radiation.pdbx_monochromatic_or_laue_m_l   M 
_diffrn_radiation.pdbx_wavelength_list             ? 
_diffrn_radiation.pdbx_wavelength                  ? 
_diffrn_radiation.pdbx_diffrn_protocol             'SINGLE WAVELENGTH' 
_diffrn_radiation.pdbx_analyzer                    ? 
_diffrn_radiation.pdbx_scattering_type             x-ray 
# 
_diffrn_radiation_wavelength.id           1 
_diffrn_radiation_wavelength.wavelength   0.98 
_diffrn_radiation_wavelength.wt           1.0 
# 
_diffrn_source.current                     ? 
_diffrn_source.details                     ? 
_diffrn_source.diffrn_id                   1 
_diffrn_source.power                       ? 
_diffrn_source.size                        ? 
_diffrn_source.source                      SYNCHROTRON 
_diffrn_source.target                      ? 
_diffrn_source.type                        'SSRL BEAMLINE BL12-2' 
_diffrn_source.voltage                     ? 
_diffrn_source.take-off_angle              ? 
_diffrn_source.pdbx_wavelength_list        0.98 
_diffrn_source.pdbx_wavelength             ? 
_diffrn_source.pdbx_synchrotron_beamline   BL12-2 
_diffrn_source.pdbx_synchrotron_site       SSRL 
# 
_reflns.B_iso_Wilson_estimate            ? 
_reflns.entry_id                         5T6U 
_reflns.data_reduction_details           ? 
_reflns.data_reduction_method            ? 
_reflns.d_resolution_high                2.9 
_reflns.d_resolution_low                 43.26 
_reflns.details                          ? 
_reflns.limit_h_max                      ? 
_reflns.limit_h_min                      ? 
_reflns.limit_k_max                      ? 
_reflns.limit_k_min                      ? 
_reflns.limit_l_max                      ? 
_reflns.limit_l_min                      ? 
_reflns.number_all                       ? 
_reflns.number_obs                       5243 
_reflns.observed_criterion               ? 
_reflns.observed_criterion_F_max         ? 
_reflns.observed_criterion_F_min         ? 
_reflns.observed_criterion_I_max         ? 
_reflns.observed_criterion_I_min         ? 
_reflns.observed_criterion_sigma_F       ? 
_reflns.observed_criterion_sigma_I       ? 
_reflns.percent_possible_obs             99.53 
_reflns.R_free_details                   ? 
_reflns.Rmerge_F_all                     ? 
_reflns.Rmerge_F_obs                     ? 
_reflns.Friedel_coverage                 ? 
_reflns.number_gt                        ? 
_reflns.threshold_expression             ? 
_reflns.pdbx_redundancy                  5.4 
_reflns.pdbx_Rmerge_I_obs                0.122 
_reflns.pdbx_Rmerge_I_all                ? 
_reflns.pdbx_Rsym_value                  ? 
_reflns.pdbx_netI_over_av_sigmaI         10.6 
_reflns.pdbx_netI_over_sigmaI            10.66 
_reflns.pdbx_res_netI_over_av_sigmaI_2   ? 
_reflns.pdbx_res_netI_over_sigmaI_2      ? 
_reflns.pdbx_chi_squared                 ? 
_reflns.pdbx_scaling_rejects             ? 
_reflns.pdbx_d_res_high_opt              ? 
_reflns.pdbx_d_res_low_opt               ? 
_reflns.pdbx_d_res_opt_method            ? 
_reflns.phase_calculation_details        ? 
_reflns.pdbx_Rrim_I_all                  ? 
_reflns.pdbx_Rpim_I_all                  ? 
_reflns.pdbx_d_opt                       ? 
_reflns.pdbx_number_measured_all         ? 
_reflns.pdbx_diffrn_id                   1 
_reflns.pdbx_ordinal                     1 
_reflns.pdbx_CC_half                     0.99 
_reflns.pdbx_R_split                     ? 
# 
_reflns_shell.d_res_high                  2.9 
_reflns_shell.d_res_low                   3.06 
_reflns_shell.meanI_over_sigI_all         ? 
_reflns_shell.meanI_over_sigI_obs         5.3 
_reflns_shell.number_measured_all         ? 
_reflns_shell.number_measured_obs         ? 
_reflns_shell.number_possible             ? 
_reflns_shell.number_unique_all           ? 
_reflns_shell.number_unique_obs           ? 
_reflns_shell.percent_possible_all        99.9 
_reflns_shell.percent_possible_obs        ? 
_reflns_shell.Rmerge_F_all                ? 
_reflns_shell.Rmerge_F_obs                ? 
_reflns_shell.Rmerge_I_all                ? 
_reflns_shell.Rmerge_I_obs                0.32 
_reflns_shell.meanI_over_sigI_gt          ? 
_reflns_shell.meanI_over_uI_all           ? 
_reflns_shell.meanI_over_uI_gt            ? 
_reflns_shell.number_measured_gt          ? 
_reflns_shell.number_unique_gt            ? 
_reflns_shell.percent_possible_gt         ? 
_reflns_shell.Rmerge_F_gt                 ? 
_reflns_shell.Rmerge_I_gt                 ? 
_reflns_shell.pdbx_redundancy             5.8 
_reflns_shell.pdbx_Rsym_value             ? 
_reflns_shell.pdbx_chi_squared            ? 
_reflns_shell.pdbx_netI_over_sigmaI_all   ? 
_reflns_shell.pdbx_netI_over_sigmaI_obs   ? 
_reflns_shell.pdbx_Rrim_I_all             ? 
_reflns_shell.pdbx_Rpim_I_all             ? 
_reflns_shell.pdbx_rejects                ? 
_reflns_shell.pdbx_ordinal                1 
_reflns_shell.pdbx_diffrn_id              1 
_reflns_shell.pdbx_CC_half                0.953 
_reflns_shell.pdbx_R_split                ? 
# 
_refine.aniso_B[1][1]                            ? 
_refine.aniso_B[1][2]                            ? 
_refine.aniso_B[1][3]                            ? 
_refine.aniso_B[2][2]                            ? 
_refine.aniso_B[2][3]                            ? 
_refine.aniso_B[3][3]                            ? 
_refine.B_iso_max                                ? 
_refine.B_iso_mean                               ? 
_refine.B_iso_min                                ? 
_refine.correlation_coeff_Fo_to_Fc               ? 
_refine.correlation_coeff_Fo_to_Fc_free          ? 
_refine.details                                  ? 
_refine.diff_density_max                         ? 
_refine.diff_density_max_esd                     ? 
_refine.diff_density_min                         ? 
_refine.diff_density_min_esd                     ? 
_refine.diff_density_rms                         ? 
_refine.diff_density_rms_esd                     ? 
_refine.entry_id                                 5T6U 
_refine.pdbx_refine_id                           'X-RAY DIFFRACTION' 
_refine.ls_abs_structure_details                 ? 
_refine.ls_abs_structure_Flack                   ? 
_refine.ls_abs_structure_Flack_esd               ? 
_refine.ls_abs_structure_Rogers                  ? 
_refine.ls_abs_structure_Rogers_esd              ? 
_refine.ls_d_res_high                            2.900 
_refine.ls_d_res_low                             43.260 
_refine.ls_extinction_coef                       ? 
_refine.ls_extinction_coef_esd                   ? 
_refine.ls_extinction_expression                 ? 
_refine.ls_extinction_method                     ? 
_refine.ls_goodness_of_fit_all                   ? 
_refine.ls_goodness_of_fit_all_esd               ? 
_refine.ls_goodness_of_fit_obs                   ? 
_refine.ls_goodness_of_fit_obs_esd               ? 
_refine.ls_hydrogen_treatment                    ? 
_refine.ls_matrix_type                           ? 
_refine.ls_number_constraints                    ? 
_refine.ls_number_parameters                     ? 
_refine.ls_number_reflns_all                     ? 
_refine.ls_number_reflns_obs                     5241 
_refine.ls_number_reflns_R_free                  261 
_refine.ls_number_reflns_R_work                  ? 
_refine.ls_number_restraints                     ? 
_refine.ls_percent_reflns_obs                    99.30 
_refine.ls_percent_reflns_R_free                 4.98 
_refine.ls_R_factor_all                          ? 
_refine.ls_R_factor_obs                          0.2058 
_refine.ls_R_factor_R_free                       0.2206 
_refine.ls_R_factor_R_free_error                 ? 
_refine.ls_R_factor_R_free_error_details         ? 
_refine.ls_R_factor_R_work                       0.2050 
_refine.ls_R_Fsqd_factor_obs                     ? 
_refine.ls_R_I_factor_obs                        ? 
_refine.ls_redundancy_reflns_all                 ? 
_refine.ls_redundancy_reflns_obs                 ? 
_refine.ls_restrained_S_all                      ? 
_refine.ls_restrained_S_obs                      ? 
_refine.ls_shift_over_esd_max                    ? 
_refine.ls_shift_over_esd_mean                   ? 
_refine.ls_structure_factor_coef                 ? 
_refine.ls_weighting_details                     ? 
_refine.ls_weighting_scheme                      ? 
_refine.ls_wR_factor_all                         ? 
_refine.ls_wR_factor_obs                         ? 
_refine.ls_wR_factor_R_free                      ? 
_refine.ls_wR_factor_R_work                      ? 
_refine.occupancy_max                            ? 
_refine.occupancy_min                            ? 
_refine.solvent_model_details                    ? 
_refine.solvent_model_param_bsol                 ? 
_refine.solvent_model_param_ksol                 ? 
_refine.ls_R_factor_gt                           ? 
_refine.ls_goodness_of_fit_gt                    ? 
_refine.ls_goodness_of_fit_ref                   ? 
_refine.ls_shift_over_su_max                     ? 
_refine.ls_shift_over_su_max_lt                  ? 
_refine.ls_shift_over_su_mean                    ? 
_refine.ls_shift_over_su_mean_lt                 ? 
_refine.pdbx_ls_sigma_I                          ? 
_refine.pdbx_ls_sigma_F                          1.35 
_refine.pdbx_ls_sigma_Fsqd                       ? 
_refine.pdbx_data_cutoff_high_absF               ? 
_refine.pdbx_data_cutoff_high_rms_absF           ? 
_refine.pdbx_data_cutoff_low_absF                ? 
_refine.pdbx_isotropic_thermal_model             ? 
_refine.pdbx_ls_cross_valid_method               'FREE R-VALUE' 
_refine.pdbx_method_to_determine_struct          'MOLECULAR REPLACEMENT' 
_refine.pdbx_starting_model                      4X6H 
_refine.pdbx_stereochemistry_target_values       ? 
_refine.pdbx_R_Free_selection_details            ? 
_refine.pdbx_stereochem_target_val_spec_case     ? 
_refine.pdbx_overall_ESU_R                       ? 
_refine.pdbx_overall_ESU_R_Free                  ? 
_refine.pdbx_solvent_vdw_probe_radii             1.11 
_refine.pdbx_solvent_ion_probe_radii             ? 
_refine.pdbx_solvent_shrinkage_radii             0.90 
_refine.pdbx_real_space_R                        ? 
_refine.pdbx_density_correlation                 ? 
_refine.pdbx_pd_number_of_powder_patterns        ? 
_refine.pdbx_pd_number_of_points                 ? 
_refine.pdbx_pd_meas_number_of_points            ? 
_refine.pdbx_pd_proc_ls_prof_R_factor            ? 
_refine.pdbx_pd_proc_ls_prof_wR_factor           ? 
_refine.pdbx_pd_Marquardt_correlation_coeff      ? 
_refine.pdbx_pd_Fsqrd_R_factor                   ? 
_refine.pdbx_pd_ls_matrix_band_width             ? 
_refine.pdbx_overall_phase_error                 19.45 
_refine.pdbx_overall_SU_R_free_Cruickshank_DPI   ? 
_refine.pdbx_overall_SU_R_free_Blow_DPI          ? 
_refine.pdbx_overall_SU_R_Blow_DPI               ? 
_refine.pdbx_TLS_residual_ADP_flag               ? 
_refine.pdbx_diffrn_id                           1 
_refine.overall_SU_B                             ? 
_refine.overall_SU_ML                            0.14 
_refine.overall_SU_R_Cruickshank_DPI             ? 
_refine.overall_SU_R_free                        ? 
_refine.overall_FOM_free_R_set                   ? 
_refine.overall_FOM_work_R_set                   ? 
_refine.pdbx_average_fsc_overall                 ? 
_refine.pdbx_average_fsc_work                    ? 
_refine.pdbx_average_fsc_free                    ? 
# 
_refine_hist.pdbx_refine_id                   'X-RAY DIFFRACTION' 
_refine_hist.cycle_id                         LAST 
_refine_hist.pdbx_number_atoms_protein        1644 
_refine_hist.pdbx_number_atoms_nucleic_acid   0 
_refine_hist.pdbx_number_atoms_ligand         29 
_refine_hist.number_atoms_solvent             22 
_refine_hist.number_atoms_total               1695 
_refine_hist.d_res_high                       2.900 
_refine_hist.d_res_low                        43.260 
# 
loop_
_refine_ls_restr.pdbx_refine_id 
_refine_ls_restr.criterion 
_refine_ls_restr.dev_ideal 
_refine_ls_restr.dev_ideal_target 
_refine_ls_restr.number 
_refine_ls_restr.rejects 
_refine_ls_restr.type 
_refine_ls_restr.weight 
_refine_ls_restr.pdbx_restraint_function 
'X-RAY DIFFRACTION' ? 0.002  ? 1709 ? f_bond_d           ? ? 
'X-RAY DIFFRACTION' ? 0.611  ? 2307 ? f_angle_d          ? ? 
'X-RAY DIFFRACTION' ? 11.798 ? 618  ? f_dihedral_angle_d ? ? 
'X-RAY DIFFRACTION' ? 0.045  ? 238  ? f_chiral_restr     ? ? 
'X-RAY DIFFRACTION' ? 0.002  ? 299  ? f_plane_restr      ? ? 
# 
loop_
_refine_ls_shell.pdbx_refine_id 
_refine_ls_shell.d_res_high 
_refine_ls_shell.d_res_low 
_refine_ls_shell.number_reflns_all 
_refine_ls_shell.number_reflns_obs 
_refine_ls_shell.number_reflns_R_free 
_refine_ls_shell.number_reflns_R_work 
_refine_ls_shell.percent_reflns_obs 
_refine_ls_shell.percent_reflns_R_free 
_refine_ls_shell.R_factor_all 
_refine_ls_shell.R_factor_obs 
_refine_ls_shell.R_factor_R_free 
_refine_ls_shell.R_factor_R_free_error 
_refine_ls_shell.R_factor_R_work 
_refine_ls_shell.redundancy_reflns_all 
_refine_ls_shell.redundancy_reflns_obs 
_refine_ls_shell.wR_factor_all 
_refine_ls_shell.wR_factor_obs 
_refine_ls_shell.wR_factor_R_free 
_refine_ls_shell.wR_factor_R_work 
_refine_ls_shell.pdbx_total_number_of_bins_used 
_refine_ls_shell.pdbx_phase_error 
_refine_ls_shell.pdbx_fsc_work 
_refine_ls_shell.pdbx_fsc_free 
'X-RAY DIFFRACTION' 2.9000 3.6534  . . 125 2412 99.00  . . . 0.2125 . 0.2173 . . . . . . . . . . 
'X-RAY DIFFRACTION' 3.6534 43.2648 . . 136 2568 100.00 . . . 0.2258 . 0.1977 . . . . . . . . . . 
# 
_struct.entry_id                     5T6U 
_struct.title                        'Crystal structure of mouse cathepsin K at 2.9 Angstroms resolution.' 
_struct.pdbx_model_details           ? 
_struct.pdbx_formula_weight          ? 
_struct.pdbx_formula_weight_method   ? 
_struct.pdbx_model_type_details      ? 
_struct.pdbx_CASP_flag               N 
# 
_struct_keywords.entry_id        5T6U 
_struct_keywords.text            'cathepsin K, N-ACETYL-D-GLUCOSAMINE, hydrolase' 
_struct_keywords.pdbx_keywords   HYDROLASE 
# 
loop_
_struct_asym.id 
_struct_asym.pdbx_blank_PDB_chainid_flag 
_struct_asym.pdbx_modified 
_struct_asym.entity_id 
_struct_asym.details 
A N N 1 ? 
B N N 2 ? 
C N N 2 ? 
D N N 2 ? 
E N N 3 ? 
F N N 4 ? 
# 
_struct_ref.id                         1 
_struct_ref.db_name                    UNP 
_struct_ref.db_code                    CATK_MOUSE 
_struct_ref.pdbx_db_accession          P55097 
_struct_ref.pdbx_db_isoform            ? 
_struct_ref.entity_id                  1 
_struct_ref.pdbx_seq_one_letter_code   
;VPDSIDYRKKGYVTPVKNQGQCGSCWAFSSAGALEGQLKKKTGKLLALSPQNLVDCVTENYGCGGGYMTTAFQYVQQNGG
IDSEDAYPYVGQDESCMYNATAKAAKCRGYREIPVGNEKALKRAVARVGPISVSIDASLASFQFYSRGVYYDENCDRDNV
NHAVLVVGYGTQKGSKHWIIKNSWGESWGNKGYALLARNKNNACGITNMASFPKM
;
_struct_ref.pdbx_align_begin           115 
# 
_struct_ref_seq.align_id                      1 
_struct_ref_seq.ref_id                        1 
_struct_ref_seq.pdbx_PDB_id_code              5T6U 
_struct_ref_seq.pdbx_strand_id                A 
_struct_ref_seq.seq_align_beg                 1 
_struct_ref_seq.pdbx_seq_align_beg_ins_code   ? 
_struct_ref_seq.seq_align_end                 215 
_struct_ref_seq.pdbx_seq_align_end_ins_code   ? 
_struct_ref_seq.pdbx_db_accession             P55097 
_struct_ref_seq.db_align_beg                  115 
_struct_ref_seq.pdbx_db_align_beg_ins_code    ? 
_struct_ref_seq.db_align_end                  329 
_struct_ref_seq.pdbx_db_align_end_ins_code    ? 
_struct_ref_seq.pdbx_auth_seq_align_beg       1 
_struct_ref_seq.pdbx_auth_seq_align_end       215 
# 
_pdbx_struct_assembly.id                   1 
_pdbx_struct_assembly.details              author_and_software_defined_assembly 
_pdbx_struct_assembly.method_details       PISA 
_pdbx_struct_assembly.oligomeric_details   dimeric 
_pdbx_struct_assembly.oligomeric_count     2 
# 
loop_
_pdbx_struct_assembly_prop.biol_id 
_pdbx_struct_assembly_prop.type 
_pdbx_struct_assembly_prop.value 
_pdbx_struct_assembly_prop.details 
1 'ABSA (A^2)' 2780  ? 
1 MORE         -80   ? 
1 'SSA (A^2)'  18490 ? 
# 
_pdbx_struct_assembly_gen.assembly_id       1 
_pdbx_struct_assembly_gen.oper_expression   1,2 
_pdbx_struct_assembly_gen.asym_id_list      A,B,C,D,E,F 
# 
loop_
_pdbx_struct_oper_list.id 
_pdbx_struct_oper_list.type 
_pdbx_struct_oper_list.name 
_pdbx_struct_oper_list.symmetry_operation 
_pdbx_struct_oper_list.matrix[1][1] 
_pdbx_struct_oper_list.matrix[1][2] 
_pdbx_struct_oper_list.matrix[1][3] 
_pdbx_struct_oper_list.vector[1] 
_pdbx_struct_oper_list.matrix[2][1] 
_pdbx_struct_oper_list.matrix[2][2] 
_pdbx_struct_oper_list.matrix[2][3] 
_pdbx_struct_oper_list.vector[2] 
_pdbx_struct_oper_list.matrix[3][1] 
_pdbx_struct_oper_list.matrix[3][2] 
_pdbx_struct_oper_list.matrix[3][3] 
_pdbx_struct_oper_list.vector[3] 
1 'identity operation'         1_555 x,y,z     1.0000000000  0.0000000000 0.0000000000  0.0000000000  0.0000000000 1.0000000000 0.0000000000  0.0000000000  0.0000000000  0.0000000000  1.0000000000  0.0000000000  
2 'crystal symmetry operation' 2_655 -x+1,y,-z -0.9133575244 0.3954010385 -0.0971393396 36.0046830550 0.3954010385 0.8044496103 -0.4433044588 -4.5734182427 -0.0971393396 -0.4433044588 -0.8910920859 13.4981414823 
# 
loop_
_struct_conf.conf_type_id 
_struct_conf.id 
_struct_conf.pdbx_PDB_helix_id 
_struct_conf.beg_label_comp_id 
_struct_conf.beg_label_asym_id 
_struct_conf.beg_label_seq_id 
_struct_conf.pdbx_beg_PDB_ins_code 
_struct_conf.end_label_comp_id 
_struct_conf.end_label_asym_id 
_struct_conf.end_label_seq_id 
_struct_conf.pdbx_end_PDB_ins_code 
_struct_conf.beg_auth_comp_id 
_struct_conf.beg_auth_asym_id 
_struct_conf.beg_auth_seq_id 
_struct_conf.end_auth_comp_id 
_struct_conf.end_auth_asym_id 
_struct_conf.end_auth_seq_id 
_struct_conf.pdbx_PDB_helix_class 
_struct_conf.details 
_struct_conf.pdbx_PDB_helix_length 
HELX_P HELX_P1 AA1 SER A 24  ? GLY A 43  ? SER A 24  GLY A 43  1 ? 20 
HELX_P HELX_P2 AA2 SER A 49  ? VAL A 57  ? SER A 49  VAL A 57  1 ? 9  
HELX_P HELX_P3 AA3 TYR A 61  ? GLY A 65  ? TYR A 61  GLY A 65  5 ? 5  
HELX_P HELX_P4 AA4 TYR A 67  ? GLY A 79  ? TYR A 67  GLY A 79  1 ? 13 
HELX_P HELX_P5 AA5 ASN A 99  ? THR A 101 ? ASN A 99  THR A 101 5 ? 3  
HELX_P HELX_P6 AA6 ASN A 117 ? VAL A 128 ? ASN A 117 VAL A 128 1 ? 12 
HELX_P HELX_P7 AA7 LEU A 139 ? PHE A 144 ? LEU A 139 PHE A 144 1 ? 6  
HELX_P HELX_P8 AA8 ASN A 202 ? ILE A 206 ? ASN A 202 ILE A 206 5 ? 5  
# 
_struct_conf_type.id          HELX_P 
_struct_conf_type.criteria    ? 
_struct_conf_type.reference   ? 
# 
loop_
_struct_conn.id 
_struct_conn.conn_type_id 
_struct_conn.pdbx_leaving_atom_flag 
_struct_conn.pdbx_PDB_id 
_struct_conn.ptnr1_label_asym_id 
_struct_conn.ptnr1_label_comp_id 
_struct_conn.ptnr1_label_seq_id 
_struct_conn.ptnr1_label_atom_id 
_struct_conn.pdbx_ptnr1_label_alt_id 
_struct_conn.pdbx_ptnr1_PDB_ins_code 
_struct_conn.pdbx_ptnr1_standard_comp_id 
_struct_conn.ptnr1_symmetry 
_struct_conn.ptnr2_label_asym_id 
_struct_conn.ptnr2_label_comp_id 
_struct_conn.ptnr2_label_seq_id 
_struct_conn.ptnr2_label_atom_id 
_struct_conn.pdbx_ptnr2_label_alt_id 
_struct_conn.pdbx_ptnr2_PDB_ins_code 
_struct_conn.ptnr1_auth_asym_id 
_struct_conn.ptnr1_auth_comp_id 
_struct_conn.ptnr1_auth_seq_id 
_struct_conn.ptnr2_auth_asym_id 
_struct_conn.ptnr2_auth_comp_id 
_struct_conn.ptnr2_auth_seq_id 
_struct_conn.ptnr2_symmetry 
_struct_conn.pdbx_ptnr3_label_atom_id 
_struct_conn.pdbx_ptnr3_label_seq_id 
_struct_conn.pdbx_ptnr3_label_comp_id 
_struct_conn.pdbx_ptnr3_label_asym_id 
_struct_conn.pdbx_ptnr3_label_alt_id 
_struct_conn.pdbx_ptnr3_PDB_ins_code 
_struct_conn.details 
_struct_conn.pdbx_dist_value 
_struct_conn.pdbx_value_order 
_struct_conn.pdbx_role 
disulf1 disulf ?   ? A CYS 22  SG  ? ? ? 1_555 A CYS 63  SG ? ? A CYS 22  A CYS 63  1_555 ? ? ? ? ? ? ? 2.029 ? ?               
disulf2 disulf ?   ? A CYS 56  SG  ? ? ? 1_555 A CYS 96  SG ? ? A CYS 56  A CYS 96  1_555 ? ? ? ? ? ? ? 2.034 ? ?               
disulf3 disulf ?   ? A CYS 155 SG  ? ? ? 1_555 A CYS 204 SG ? ? A CYS 155 A CYS 204 1_555 ? ? ? ? ? ? ? 2.032 ? ?               
covale1 covale one ? A ASN 99  ND2 ? ? ? 1_555 E NAG .   C1 ? ? A ASN 99  A NAG 304 1_555 ? ? ? ? ? ? ? 1.438 ? N-Glycosylation 
# 
loop_
_struct_conn_type.id 
_struct_conn_type.criteria 
_struct_conn_type.reference 
disulf ? ? 
covale ? ? 
# 
loop_
_pdbx_modification_feature.ordinal 
_pdbx_modification_feature.label_comp_id 
_pdbx_modification_feature.label_asym_id 
_pdbx_modification_feature.label_seq_id 
_pdbx_modification_feature.label_alt_id 
_pdbx_modification_feature.modified_residue_label_comp_id 
_pdbx_modification_feature.modified_residue_label_asym_id 
_pdbx_modification_feature.modified_residue_label_seq_id 
_pdbx_modification_feature.modified_residue_label_alt_id 
_pdbx_modification_feature.auth_comp_id 
_pdbx_modification_feature.auth_asym_id 
_pdbx_modification_feature.auth_seq_id 
_pdbx_modification_feature.PDB_ins_code 
_pdbx_modification_feature.symmetry 
_pdbx_modification_feature.modified_residue_auth_comp_id 
_pdbx_modification_feature.modified_residue_auth_asym_id 
_pdbx_modification_feature.modified_residue_auth_seq_id 
_pdbx_modification_feature.modified_residue_PDB_ins_code 
_pdbx_modification_feature.modified_residue_symmetry 
_pdbx_modification_feature.comp_id_linking_atom 
_pdbx_modification_feature.modified_residue_id_linking_atom 
_pdbx_modification_feature.modified_residue_id 
_pdbx_modification_feature.ref_pcm_id 
_pdbx_modification_feature.ref_comp_id 
_pdbx_modification_feature.type 
_pdbx_modification_feature.category 
1 NAG E .   ? ASN A 99  ? NAG A 304 ? 1_555 ASN A 99  ? 1_555 C1 ND2 ASN 1 NAG N-Glycosylation Carbohydrate       
2 CYS A 22  ? CYS A 63  ? CYS A 22  ? 1_555 CYS A 63  ? 1_555 SG SG  .   . .   None            'Disulfide bridge' 
3 CYS A 56  ? CYS A 96  ? CYS A 56  ? 1_555 CYS A 96  ? 1_555 SG SG  .   . .   None            'Disulfide bridge' 
4 CYS A 155 ? CYS A 204 ? CYS A 155 ? 1_555 CYS A 204 ? 1_555 SG SG  .   . .   None            'Disulfide bridge' 
# 
loop_
_struct_sheet.id 
_struct_sheet.type 
_struct_sheet.number_strands 
_struct_sheet.details 
AA1 ? 3 ? 
AA2 ? 5 ? 
AA3 ? 2 ? 
AA4 ? 2 ? 
# 
loop_
_struct_sheet_order.sheet_id 
_struct_sheet_order.range_id_1 
_struct_sheet_order.range_id_2 
_struct_sheet_order.offset 
_struct_sheet_order.sense 
AA1 1 2 ? anti-parallel 
AA1 2 3 ? anti-parallel 
AA2 1 2 ? anti-parallel 
AA2 2 3 ? anti-parallel 
AA2 3 4 ? anti-parallel 
AA2 4 5 ? parallel      
AA3 1 2 ? anti-parallel 
AA4 1 2 ? anti-parallel 
# 
loop_
_struct_sheet_range.sheet_id 
_struct_sheet_range.id 
_struct_sheet_range.beg_label_comp_id 
_struct_sheet_range.beg_label_asym_id 
_struct_sheet_range.beg_label_seq_id 
_struct_sheet_range.pdbx_beg_PDB_ins_code 
_struct_sheet_range.end_label_comp_id 
_struct_sheet_range.end_label_asym_id 
_struct_sheet_range.end_label_seq_id 
_struct_sheet_range.pdbx_end_PDB_ins_code 
_struct_sheet_range.beg_auth_comp_id 
_struct_sheet_range.beg_auth_asym_id 
_struct_sheet_range.beg_auth_seq_id 
_struct_sheet_range.end_auth_comp_id 
_struct_sheet_range.end_auth_asym_id 
_struct_sheet_range.end_auth_seq_id 
AA1 1 ILE A 5   ? ASP A 6   ? ILE A 5   ASP A 6   
AA1 2 HIS A 162 ? GLN A 172 ? HIS A 162 GLN A 172 
AA1 3 ILE A 131 ? ILE A 135 ? ILE A 131 ILE A 135 
AA2 1 ILE A 5   ? ASP A 6   ? ILE A 5   ASP A 6   
AA2 2 HIS A 162 ? GLN A 172 ? HIS A 162 GLN A 172 
AA2 3 SER A 175 ? LYS A 181 ? SER A 175 LYS A 181 
AA2 4 TYR A 193 ? ALA A 197 ? TYR A 193 ALA A 197 
AA2 5 VAL A 149 ? TYR A 150 ? VAL A 149 TYR A 150 
AA3 1 ILE A 81  ? ASP A 82  ? ILE A 81  ASP A 82  
AA3 2 LYS A 103 ? ALA A 105 ? LYS A 103 ALA A 105 
AA4 1 TYR A 110 ? GLU A 112 ? TYR A 110 GLU A 112 
AA4 2 SER A 211 ? PRO A 213 ? SER A 211 PRO A 213 
# 
loop_
_pdbx_struct_sheet_hbond.sheet_id 
_pdbx_struct_sheet_hbond.range_id_1 
_pdbx_struct_sheet_hbond.range_id_2 
_pdbx_struct_sheet_hbond.range_1_label_atom_id 
_pdbx_struct_sheet_hbond.range_1_label_comp_id 
_pdbx_struct_sheet_hbond.range_1_label_asym_id 
_pdbx_struct_sheet_hbond.range_1_label_seq_id 
_pdbx_struct_sheet_hbond.range_1_PDB_ins_code 
_pdbx_struct_sheet_hbond.range_1_auth_atom_id 
_pdbx_struct_sheet_hbond.range_1_auth_comp_id 
_pdbx_struct_sheet_hbond.range_1_auth_asym_id 
_pdbx_struct_sheet_hbond.range_1_auth_seq_id 
_pdbx_struct_sheet_hbond.range_2_label_atom_id 
_pdbx_struct_sheet_hbond.range_2_label_comp_id 
_pdbx_struct_sheet_hbond.range_2_label_asym_id 
_pdbx_struct_sheet_hbond.range_2_label_seq_id 
_pdbx_struct_sheet_hbond.range_2_PDB_ins_code 
_pdbx_struct_sheet_hbond.range_2_auth_atom_id 
_pdbx_struct_sheet_hbond.range_2_auth_comp_id 
_pdbx_struct_sheet_hbond.range_2_auth_asym_id 
_pdbx_struct_sheet_hbond.range_2_auth_seq_id 
AA1 1 2 N ILE A 5   ? N ILE A 5   O TYR A 169 ? O TYR A 169 
AA1 2 3 O HIS A 162 ? O HIS A 162 N ILE A 135 ? N ILE A 135 
AA2 1 2 N ILE A 5   ? N ILE A 5   O TYR A 169 ? O TYR A 169 
AA2 2 3 N GLY A 168 ? N GLY A 168 O ILE A 179 ? O ILE A 179 
AA2 3 4 N ILE A 180 ? N ILE A 180 O ALA A 194 ? O ALA A 194 
AA2 4 5 O LEU A 195 ? O LEU A 195 N TYR A 150 ? N TYR A 150 
AA3 1 2 N ILE A 81  ? N ILE A 81  O ALA A 104 ? O ALA A 104 
AA4 1 2 N ARG A 111 ? N ARG A 111 O PHE A 212 ? O PHE A 212 
# 
_pdbx_entry_details.entry_id                   5T6U 
_pdbx_entry_details.compound_details           ? 
_pdbx_entry_details.source_details             ? 
_pdbx_entry_details.nonpolymer_details         ? 
_pdbx_entry_details.sequence_details           ? 
_pdbx_entry_details.has_ligand_of_interest     ? 
_pdbx_entry_details.has_protein_modification   Y 
# 
loop_
_pdbx_validate_torsion.id 
_pdbx_validate_torsion.PDB_model_num 
_pdbx_validate_torsion.auth_comp_id 
_pdbx_validate_torsion.auth_asym_id 
_pdbx_validate_torsion.auth_seq_id 
_pdbx_validate_torsion.PDB_ins_code 
_pdbx_validate_torsion.label_alt_id 
_pdbx_validate_torsion.phi 
_pdbx_validate_torsion.psi 
1 1 VAL A 128 ? ? -103.50 -66.12 
2 1 SER A 146 ? ? -148.41 -32.12 
3 1 ASN A 161 ? ? -147.61 15.46  
4 1 LYS A 200 ? ? -91.52  41.27  
# 
_pdbx_struct_special_symmetry.id              1 
_pdbx_struct_special_symmetry.PDB_model_num   1 
_pdbx_struct_special_symmetry.auth_asym_id    A 
_pdbx_struct_special_symmetry.auth_comp_id    HOH 
_pdbx_struct_special_symmetry.auth_seq_id     422 
_pdbx_struct_special_symmetry.PDB_ins_code    ? 
_pdbx_struct_special_symmetry.label_asym_id   F 
_pdbx_struct_special_symmetry.label_comp_id   HOH 
_pdbx_struct_special_symmetry.label_seq_id    . 
# 
loop_
_chem_comp_atom.comp_id 
_chem_comp_atom.atom_id 
_chem_comp_atom.type_symbol 
_chem_comp_atom.pdbx_aromatic_flag 
_chem_comp_atom.pdbx_stereo_config 
_chem_comp_atom.pdbx_ordinal 
ALA N    N N N 1   
ALA CA   C N S 2   
ALA C    C N N 3   
ALA O    O N N 4   
ALA CB   C N N 5   
ALA OXT  O N N 6   
ALA H    H N N 7   
ALA H2   H N N 8   
ALA HA   H N N 9   
ALA HB1  H N N 10  
ALA HB2  H N N 11  
ALA HB3  H N N 12  
ALA HXT  H N N 13  
ARG N    N N N 14  
ARG CA   C N S 15  
ARG C    C N N 16  
ARG O    O N N 17  
ARG CB   C N N 18  
ARG CG   C N N 19  
ARG CD   C N N 20  
ARG NE   N N N 21  
ARG CZ   C N N 22  
ARG NH1  N N N 23  
ARG NH2  N N N 24  
ARG OXT  O N N 25  
ARG H    H N N 26  
ARG H2   H N N 27  
ARG HA   H N N 28  
ARG HB2  H N N 29  
ARG HB3  H N N 30  
ARG HG2  H N N 31  
ARG HG3  H N N 32  
ARG HD2  H N N 33  
ARG HD3  H N N 34  
ARG HE   H N N 35  
ARG HH11 H N N 36  
ARG HH12 H N N 37  
ARG HH21 H N N 38  
ARG HH22 H N N 39  
ARG HXT  H N N 40  
ASN N    N N N 41  
ASN CA   C N S 42  
ASN C    C N N 43  
ASN O    O N N 44  
ASN CB   C N N 45  
ASN CG   C N N 46  
ASN OD1  O N N 47  
ASN ND2  N N N 48  
ASN OXT  O N N 49  
ASN H    H N N 50  
ASN H2   H N N 51  
ASN HA   H N N 52  
ASN HB2  H N N 53  
ASN HB3  H N N 54  
ASN HD21 H N N 55  
ASN HD22 H N N 56  
ASN HXT  H N N 57  
ASP N    N N N 58  
ASP CA   C N S 59  
ASP C    C N N 60  
ASP O    O N N 61  
ASP CB   C N N 62  
ASP CG   C N N 63  
ASP OD1  O N N 64  
ASP OD2  O N N 65  
ASP OXT  O N N 66  
ASP H    H N N 67  
ASP H2   H N N 68  
ASP HA   H N N 69  
ASP HB2  H N N 70  
ASP HB3  H N N 71  
ASP HD2  H N N 72  
ASP HXT  H N N 73  
CYS N    N N N 74  
CYS CA   C N R 75  
CYS C    C N N 76  
CYS O    O N N 77  
CYS CB   C N N 78  
CYS SG   S N N 79  
CYS OXT  O N N 80  
CYS H    H N N 81  
CYS H2   H N N 82  
CYS HA   H N N 83  
CYS HB2  H N N 84  
CYS HB3  H N N 85  
CYS HG   H N N 86  
CYS HXT  H N N 87  
GLN N    N N N 88  
GLN CA   C N S 89  
GLN C    C N N 90  
GLN O    O N N 91  
GLN CB   C N N 92  
GLN CG   C N N 93  
GLN CD   C N N 94  
GLN OE1  O N N 95  
GLN NE2  N N N 96  
GLN OXT  O N N 97  
GLN H    H N N 98  
GLN H2   H N N 99  
GLN HA   H N N 100 
GLN HB2  H N N 101 
GLN HB3  H N N 102 
GLN HG2  H N N 103 
GLN HG3  H N N 104 
GLN HE21 H N N 105 
GLN HE22 H N N 106 
GLN HXT  H N N 107 
GLU N    N N N 108 
GLU CA   C N S 109 
GLU C    C N N 110 
GLU O    O N N 111 
GLU CB   C N N 112 
GLU CG   C N N 113 
GLU CD   C N N 114 
GLU OE1  O N N 115 
GLU OE2  O N N 116 
GLU OXT  O N N 117 
GLU H    H N N 118 
GLU H2   H N N 119 
GLU HA   H N N 120 
GLU HB2  H N N 121 
GLU HB3  H N N 122 
GLU HG2  H N N 123 
GLU HG3  H N N 124 
GLU HE2  H N N 125 
GLU HXT  H N N 126 
GLY N    N N N 127 
GLY CA   C N N 128 
GLY C    C N N 129 
GLY O    O N N 130 
GLY OXT  O N N 131 
GLY H    H N N 132 
GLY H2   H N N 133 
GLY HA2  H N N 134 
GLY HA3  H N N 135 
GLY HXT  H N N 136 
HIS N    N N N 137 
HIS CA   C N S 138 
HIS C    C N N 139 
HIS O    O N N 140 
HIS CB   C N N 141 
HIS CG   C Y N 142 
HIS ND1  N Y N 143 
HIS CD2  C Y N 144 
HIS CE1  C Y N 145 
HIS NE2  N Y N 146 
HIS OXT  O N N 147 
HIS H    H N N 148 
HIS H2   H N N 149 
HIS HA   H N N 150 
HIS HB2  H N N 151 
HIS HB3  H N N 152 
HIS HD1  H N N 153 
HIS HD2  H N N 154 
HIS HE1  H N N 155 
HIS HE2  H N N 156 
HIS HXT  H N N 157 
HOH O    O N N 158 
HOH H1   H N N 159 
HOH H2   H N N 160 
ILE N    N N N 161 
ILE CA   C N S 162 
ILE C    C N N 163 
ILE O    O N N 164 
ILE CB   C N S 165 
ILE CG1  C N N 166 
ILE CG2  C N N 167 
ILE CD1  C N N 168 
ILE OXT  O N N 169 
ILE H    H N N 170 
ILE H2   H N N 171 
ILE HA   H N N 172 
ILE HB   H N N 173 
ILE HG12 H N N 174 
ILE HG13 H N N 175 
ILE HG21 H N N 176 
ILE HG22 H N N 177 
ILE HG23 H N N 178 
ILE HD11 H N N 179 
ILE HD12 H N N 180 
ILE HD13 H N N 181 
ILE HXT  H N N 182 
LEU N    N N N 183 
LEU CA   C N S 184 
LEU C    C N N 185 
LEU O    O N N 186 
LEU CB   C N N 187 
LEU CG   C N N 188 
LEU CD1  C N N 189 
LEU CD2  C N N 190 
LEU OXT  O N N 191 
LEU H    H N N 192 
LEU H2   H N N 193 
LEU HA   H N N 194 
LEU HB2  H N N 195 
LEU HB3  H N N 196 
LEU HG   H N N 197 
LEU HD11 H N N 198 
LEU HD12 H N N 199 
LEU HD13 H N N 200 
LEU HD21 H N N 201 
LEU HD22 H N N 202 
LEU HD23 H N N 203 
LEU HXT  H N N 204 
LYS N    N N N 205 
LYS CA   C N S 206 
LYS C    C N N 207 
LYS O    O N N 208 
LYS CB   C N N 209 
LYS CG   C N N 210 
LYS CD   C N N 211 
LYS CE   C N N 212 
LYS NZ   N N N 213 
LYS OXT  O N N 214 
LYS H    H N N 215 
LYS H2   H N N 216 
LYS HA   H N N 217 
LYS HB2  H N N 218 
LYS HB3  H N N 219 
LYS HG2  H N N 220 
LYS HG3  H N N 221 
LYS HD2  H N N 222 
LYS HD3  H N N 223 
LYS HE2  H N N 224 
LYS HE3  H N N 225 
LYS HZ1  H N N 226 
LYS HZ2  H N N 227 
LYS HZ3  H N N 228 
LYS HXT  H N N 229 
MET N    N N N 230 
MET CA   C N S 231 
MET C    C N N 232 
MET O    O N N 233 
MET CB   C N N 234 
MET CG   C N N 235 
MET SD   S N N 236 
MET CE   C N N 237 
MET OXT  O N N 238 
MET H    H N N 239 
MET H2   H N N 240 
MET HA   H N N 241 
MET HB2  H N N 242 
MET HB3  H N N 243 
MET HG2  H N N 244 
MET HG3  H N N 245 
MET HE1  H N N 246 
MET HE2  H N N 247 
MET HE3  H N N 248 
MET HXT  H N N 249 
NAG C1   C N R 250 
NAG C2   C N R 251 
NAG C3   C N R 252 
NAG C4   C N S 253 
NAG C5   C N R 254 
NAG C6   C N N 255 
NAG C7   C N N 256 
NAG C8   C N N 257 
NAG N2   N N N 258 
NAG O1   O N N 259 
NAG O3   O N N 260 
NAG O4   O N N 261 
NAG O5   O N N 262 
NAG O6   O N N 263 
NAG O7   O N N 264 
NAG H1   H N N 265 
NAG H2   H N N 266 
NAG H3   H N N 267 
NAG H4   H N N 268 
NAG H5   H N N 269 
NAG H61  H N N 270 
NAG H62  H N N 271 
NAG H81  H N N 272 
NAG H82  H N N 273 
NAG H83  H N N 274 
NAG HN2  H N N 275 
NAG HO1  H N N 276 
NAG HO3  H N N 277 
NAG HO4  H N N 278 
NAG HO6  H N N 279 
PHE N    N N N 280 
PHE CA   C N S 281 
PHE C    C N N 282 
PHE O    O N N 283 
PHE CB   C N N 284 
PHE CG   C Y N 285 
PHE CD1  C Y N 286 
PHE CD2  C Y N 287 
PHE CE1  C Y N 288 
PHE CE2  C Y N 289 
PHE CZ   C Y N 290 
PHE OXT  O N N 291 
PHE H    H N N 292 
PHE H2   H N N 293 
PHE HA   H N N 294 
PHE HB2  H N N 295 
PHE HB3  H N N 296 
PHE HD1  H N N 297 
PHE HD2  H N N 298 
PHE HE1  H N N 299 
PHE HE2  H N N 300 
PHE HZ   H N N 301 
PHE HXT  H N N 302 
PRO N    N N N 303 
PRO CA   C N S 304 
PRO C    C N N 305 
PRO O    O N N 306 
PRO CB   C N N 307 
PRO CG   C N N 308 
PRO CD   C N N 309 
PRO OXT  O N N 310 
PRO H    H N N 311 
PRO HA   H N N 312 
PRO HB2  H N N 313 
PRO HB3  H N N 314 
PRO HG2  H N N 315 
PRO HG3  H N N 316 
PRO HD2  H N N 317 
PRO HD3  H N N 318 
PRO HXT  H N N 319 
SER N    N N N 320 
SER CA   C N S 321 
SER C    C N N 322 
SER O    O N N 323 
SER CB   C N N 324 
SER OG   O N N 325 
SER OXT  O N N 326 
SER H    H N N 327 
SER H2   H N N 328 
SER HA   H N N 329 
SER HB2  H N N 330 
SER HB3  H N N 331 
SER HG   H N N 332 
SER HXT  H N N 333 
SO4 S    S N N 334 
SO4 O1   O N N 335 
SO4 O2   O N N 336 
SO4 O3   O N N 337 
SO4 O4   O N N 338 
THR N    N N N 339 
THR CA   C N S 340 
THR C    C N N 341 
THR O    O N N 342 
THR CB   C N R 343 
THR OG1  O N N 344 
THR CG2  C N N 345 
THR OXT  O N N 346 
THR H    H N N 347 
THR H2   H N N 348 
THR HA   H N N 349 
THR HB   H N N 350 
THR HG1  H N N 351 
THR HG21 H N N 352 
THR HG22 H N N 353 
THR HG23 H N N 354 
THR HXT  H N N 355 
TRP N    N N N 356 
TRP CA   C N S 357 
TRP C    C N N 358 
TRP O    O N N 359 
TRP CB   C N N 360 
TRP CG   C Y N 361 
TRP CD1  C Y N 362 
TRP CD2  C Y N 363 
TRP NE1  N Y N 364 
TRP CE2  C Y N 365 
TRP CE3  C Y N 366 
TRP CZ2  C Y N 367 
TRP CZ3  C Y N 368 
TRP CH2  C Y N 369 
TRP OXT  O N N 370 
TRP H    H N N 371 
TRP H2   H N N 372 
TRP HA   H N N 373 
TRP HB2  H N N 374 
TRP HB3  H N N 375 
TRP HD1  H N N 376 
TRP HE1  H N N 377 
TRP HE3  H N N 378 
TRP HZ2  H N N 379 
TRP HZ3  H N N 380 
TRP HH2  H N N 381 
TRP HXT  H N N 382 
TYR N    N N N 383 
TYR CA   C N S 384 
TYR C    C N N 385 
TYR O    O N N 386 
TYR CB   C N N 387 
TYR CG   C Y N 388 
TYR CD1  C Y N 389 
TYR CD2  C Y N 390 
TYR CE1  C Y N 391 
TYR CE2  C Y N 392 
TYR CZ   C Y N 393 
TYR OH   O N N 394 
TYR OXT  O N N 395 
TYR H    H N N 396 
TYR H2   H N N 397 
TYR HA   H N N 398 
TYR HB2  H N N 399 
TYR HB3  H N N 400 
TYR HD1  H N N 401 
TYR HD2  H N N 402 
TYR HE1  H N N 403 
TYR HE2  H N N 404 
TYR HH   H N N 405 
TYR HXT  H N N 406 
VAL N    N N N 407 
VAL CA   C N S 408 
VAL C    C N N 409 
VAL O    O N N 410 
VAL CB   C N N 411 
VAL CG1  C N N 412 
VAL CG2  C N N 413 
VAL OXT  O N N 414 
VAL H    H N N 415 
VAL H2   H N N 416 
VAL HA   H N N 417 
VAL HB   H N N 418 
VAL HG11 H N N 419 
VAL HG12 H N N 420 
VAL HG13 H N N 421 
VAL HG21 H N N 422 
VAL HG22 H N N 423 
VAL HG23 H N N 424 
VAL HXT  H N N 425 
# 
loop_
_chem_comp_bond.comp_id 
_chem_comp_bond.atom_id_1 
_chem_comp_bond.atom_id_2 
_chem_comp_bond.value_order 
_chem_comp_bond.pdbx_aromatic_flag 
_chem_comp_bond.pdbx_stereo_config 
_chem_comp_bond.pdbx_ordinal 
ALA N   CA   sing N N 1   
ALA N   H    sing N N 2   
ALA N   H2   sing N N 3   
ALA CA  C    sing N N 4   
ALA CA  CB   sing N N 5   
ALA CA  HA   sing N N 6   
ALA C   O    doub N N 7   
ALA C   OXT  sing N N 8   
ALA CB  HB1  sing N N 9   
ALA CB  HB2  sing N N 10  
ALA CB  HB3  sing N N 11  
ALA OXT HXT  sing N N 12  
ARG N   CA   sing N N 13  
ARG N   H    sing N N 14  
ARG N   H2   sing N N 15  
ARG CA  C    sing N N 16  
ARG CA  CB   sing N N 17  
ARG CA  HA   sing N N 18  
ARG C   O    doub N N 19  
ARG C   OXT  sing N N 20  
ARG CB  CG   sing N N 21  
ARG CB  HB2  sing N N 22  
ARG CB  HB3  sing N N 23  
ARG CG  CD   sing N N 24  
ARG CG  HG2  sing N N 25  
ARG CG  HG3  sing N N 26  
ARG CD  NE   sing N N 27  
ARG CD  HD2  sing N N 28  
ARG CD  HD3  sing N N 29  
ARG NE  CZ   sing N N 30  
ARG NE  HE   sing N N 31  
ARG CZ  NH1  sing N N 32  
ARG CZ  NH2  doub N N 33  
ARG NH1 HH11 sing N N 34  
ARG NH1 HH12 sing N N 35  
ARG NH2 HH21 sing N N 36  
ARG NH2 HH22 sing N N 37  
ARG OXT HXT  sing N N 38  
ASN N   CA   sing N N 39  
ASN N   H    sing N N 40  
ASN N   H2   sing N N 41  
ASN CA  C    sing N N 42  
ASN CA  CB   sing N N 43  
ASN CA  HA   sing N N 44  
ASN C   O    doub N N 45  
ASN C   OXT  sing N N 46  
ASN CB  CG   sing N N 47  
ASN CB  HB2  sing N N 48  
ASN CB  HB3  sing N N 49  
ASN CG  OD1  doub N N 50  
ASN CG  ND2  sing N N 51  
ASN ND2 HD21 sing N N 52  
ASN ND2 HD22 sing N N 53  
ASN OXT HXT  sing N N 54  
ASP N   CA   sing N N 55  
ASP N   H    sing N N 56  
ASP N   H2   sing N N 57  
ASP CA  C    sing N N 58  
ASP CA  CB   sing N N 59  
ASP CA  HA   sing N N 60  
ASP C   O    doub N N 61  
ASP C   OXT  sing N N 62  
ASP CB  CG   sing N N 63  
ASP CB  HB2  sing N N 64  
ASP CB  HB3  sing N N 65  
ASP CG  OD1  doub N N 66  
ASP CG  OD2  sing N N 67  
ASP OD2 HD2  sing N N 68  
ASP OXT HXT  sing N N 69  
CYS N   CA   sing N N 70  
CYS N   H    sing N N 71  
CYS N   H2   sing N N 72  
CYS CA  C    sing N N 73  
CYS CA  CB   sing N N 74  
CYS CA  HA   sing N N 75  
CYS C   O    doub N N 76  
CYS C   OXT  sing N N 77  
CYS CB  SG   sing N N 78  
CYS CB  HB2  sing N N 79  
CYS CB  HB3  sing N N 80  
CYS SG  HG   sing N N 81  
CYS OXT HXT  sing N N 82  
GLN N   CA   sing N N 83  
GLN N   H    sing N N 84  
GLN N   H2   sing N N 85  
GLN CA  C    sing N N 86  
GLN CA  CB   sing N N 87  
GLN CA  HA   sing N N 88  
GLN C   O    doub N N 89  
GLN C   OXT  sing N N 90  
GLN CB  CG   sing N N 91  
GLN CB  HB2  sing N N 92  
GLN CB  HB3  sing N N 93  
GLN CG  CD   sing N N 94  
GLN CG  HG2  sing N N 95  
GLN CG  HG3  sing N N 96  
GLN CD  OE1  doub N N 97  
GLN CD  NE2  sing N N 98  
GLN NE2 HE21 sing N N 99  
GLN NE2 HE22 sing N N 100 
GLN OXT HXT  sing N N 101 
GLU N   CA   sing N N 102 
GLU N   H    sing N N 103 
GLU N   H2   sing N N 104 
GLU CA  C    sing N N 105 
GLU CA  CB   sing N N 106 
GLU CA  HA   sing N N 107 
GLU C   O    doub N N 108 
GLU C   OXT  sing N N 109 
GLU CB  CG   sing N N 110 
GLU CB  HB2  sing N N 111 
GLU CB  HB3  sing N N 112 
GLU CG  CD   sing N N 113 
GLU CG  HG2  sing N N 114 
GLU CG  HG3  sing N N 115 
GLU CD  OE1  doub N N 116 
GLU CD  OE2  sing N N 117 
GLU OE2 HE2  sing N N 118 
GLU OXT HXT  sing N N 119 
GLY N   CA   sing N N 120 
GLY N   H    sing N N 121 
GLY N   H2   sing N N 122 
GLY CA  C    sing N N 123 
GLY CA  HA2  sing N N 124 
GLY CA  HA3  sing N N 125 
GLY C   O    doub N N 126 
GLY C   OXT  sing N N 127 
GLY OXT HXT  sing N N 128 
HIS N   CA   sing N N 129 
HIS N   H    sing N N 130 
HIS N   H2   sing N N 131 
HIS CA  C    sing N N 132 
HIS CA  CB   sing N N 133 
HIS CA  HA   sing N N 134 
HIS C   O    doub N N 135 
HIS C   OXT  sing N N 136 
HIS CB  CG   sing N N 137 
HIS CB  HB2  sing N N 138 
HIS CB  HB3  sing N N 139 
HIS CG  ND1  sing Y N 140 
HIS CG  CD2  doub Y N 141 
HIS ND1 CE1  doub Y N 142 
HIS ND1 HD1  sing N N 143 
HIS CD2 NE2  sing Y N 144 
HIS CD2 HD2  sing N N 145 
HIS CE1 NE2  sing Y N 146 
HIS CE1 HE1  sing N N 147 
HIS NE2 HE2  sing N N 148 
HIS OXT HXT  sing N N 149 
HOH O   H1   sing N N 150 
HOH O   H2   sing N N 151 
ILE N   CA   sing N N 152 
ILE N   H    sing N N 153 
ILE N   H2   sing N N 154 
ILE CA  C    sing N N 155 
ILE CA  CB   sing N N 156 
ILE CA  HA   sing N N 157 
ILE C   O    doub N N 158 
ILE C   OXT  sing N N 159 
ILE CB  CG1  sing N N 160 
ILE CB  CG2  sing N N 161 
ILE CB  HB   sing N N 162 
ILE CG1 CD1  sing N N 163 
ILE CG1 HG12 sing N N 164 
ILE CG1 HG13 sing N N 165 
ILE CG2 HG21 sing N N 166 
ILE CG2 HG22 sing N N 167 
ILE CG2 HG23 sing N N 168 
ILE CD1 HD11 sing N N 169 
ILE CD1 HD12 sing N N 170 
ILE CD1 HD13 sing N N 171 
ILE OXT HXT  sing N N 172 
LEU N   CA   sing N N 173 
LEU N   H    sing N N 174 
LEU N   H2   sing N N 175 
LEU CA  C    sing N N 176 
LEU CA  CB   sing N N 177 
LEU CA  HA   sing N N 178 
LEU C   O    doub N N 179 
LEU C   OXT  sing N N 180 
LEU CB  CG   sing N N 181 
LEU CB  HB2  sing N N 182 
LEU CB  HB3  sing N N 183 
LEU CG  CD1  sing N N 184 
LEU CG  CD2  sing N N 185 
LEU CG  HG   sing N N 186 
LEU CD1 HD11 sing N N 187 
LEU CD1 HD12 sing N N 188 
LEU CD1 HD13 sing N N 189 
LEU CD2 HD21 sing N N 190 
LEU CD2 HD22 sing N N 191 
LEU CD2 HD23 sing N N 192 
LEU OXT HXT  sing N N 193 
LYS N   CA   sing N N 194 
LYS N   H    sing N N 195 
LYS N   H2   sing N N 196 
LYS CA  C    sing N N 197 
LYS CA  CB   sing N N 198 
LYS CA  HA   sing N N 199 
LYS C   O    doub N N 200 
LYS C   OXT  sing N N 201 
LYS CB  CG   sing N N 202 
LYS CB  HB2  sing N N 203 
LYS CB  HB3  sing N N 204 
LYS CG  CD   sing N N 205 
LYS CG  HG2  sing N N 206 
LYS CG  HG3  sing N N 207 
LYS CD  CE   sing N N 208 
LYS CD  HD2  sing N N 209 
LYS CD  HD3  sing N N 210 
LYS CE  NZ   sing N N 211 
LYS CE  HE2  sing N N 212 
LYS CE  HE3  sing N N 213 
LYS NZ  HZ1  sing N N 214 
LYS NZ  HZ2  sing N N 215 
LYS NZ  HZ3  sing N N 216 
LYS OXT HXT  sing N N 217 
MET N   CA   sing N N 218 
MET N   H    sing N N 219 
MET N   H2   sing N N 220 
MET CA  C    sing N N 221 
MET CA  CB   sing N N 222 
MET CA  HA   sing N N 223 
MET C   O    doub N N 224 
MET C   OXT  sing N N 225 
MET CB  CG   sing N N 226 
MET CB  HB2  sing N N 227 
MET CB  HB3  sing N N 228 
MET CG  SD   sing N N 229 
MET CG  HG2  sing N N 230 
MET CG  HG3  sing N N 231 
MET SD  CE   sing N N 232 
MET CE  HE1  sing N N 233 
MET CE  HE2  sing N N 234 
MET CE  HE3  sing N N 235 
MET OXT HXT  sing N N 236 
NAG C1  C2   sing N N 237 
NAG C1  O1   sing N N 238 
NAG C1  O5   sing N N 239 
NAG C1  H1   sing N N 240 
NAG C2  C3   sing N N 241 
NAG C2  N2   sing N N 242 
NAG C2  H2   sing N N 243 
NAG C3  C4   sing N N 244 
NAG C3  O3   sing N N 245 
NAG C3  H3   sing N N 246 
NAG C4  C5   sing N N 247 
NAG C4  O4   sing N N 248 
NAG C4  H4   sing N N 249 
NAG C5  C6   sing N N 250 
NAG C5  O5   sing N N 251 
NAG C5  H5   sing N N 252 
NAG C6  O6   sing N N 253 
NAG C6  H61  sing N N 254 
NAG C6  H62  sing N N 255 
NAG C7  C8   sing N N 256 
NAG C7  N2   sing N N 257 
NAG C7  O7   doub N N 258 
NAG C8  H81  sing N N 259 
NAG C8  H82  sing N N 260 
NAG C8  H83  sing N N 261 
NAG N2  HN2  sing N N 262 
NAG O1  HO1  sing N N 263 
NAG O3  HO3  sing N N 264 
NAG O4  HO4  sing N N 265 
NAG O6  HO6  sing N N 266 
PHE N   CA   sing N N 267 
PHE N   H    sing N N 268 
PHE N   H2   sing N N 269 
PHE CA  C    sing N N 270 
PHE CA  CB   sing N N 271 
PHE CA  HA   sing N N 272 
PHE C   O    doub N N 273 
PHE C   OXT  sing N N 274 
PHE CB  CG   sing N N 275 
PHE CB  HB2  sing N N 276 
PHE CB  HB3  sing N N 277 
PHE CG  CD1  doub Y N 278 
PHE CG  CD2  sing Y N 279 
PHE CD1 CE1  sing Y N 280 
PHE CD1 HD1  sing N N 281 
PHE CD2 CE2  doub Y N 282 
PHE CD2 HD2  sing N N 283 
PHE CE1 CZ   doub Y N 284 
PHE CE1 HE1  sing N N 285 
PHE CE2 CZ   sing Y N 286 
PHE CE2 HE2  sing N N 287 
PHE CZ  HZ   sing N N 288 
PHE OXT HXT  sing N N 289 
PRO N   CA   sing N N 290 
PRO N   CD   sing N N 291 
PRO N   H    sing N N 292 
PRO CA  C    sing N N 293 
PRO CA  CB   sing N N 294 
PRO CA  HA   sing N N 295 
PRO C   O    doub N N 296 
PRO C   OXT  sing N N 297 
PRO CB  CG   sing N N 298 
PRO CB  HB2  sing N N 299 
PRO CB  HB3  sing N N 300 
PRO CG  CD   sing N N 301 
PRO CG  HG2  sing N N 302 
PRO CG  HG3  sing N N 303 
PRO CD  HD2  sing N N 304 
PRO CD  HD3  sing N N 305 
PRO OXT HXT  sing N N 306 
SER N   CA   sing N N 307 
SER N   H    sing N N 308 
SER N   H2   sing N N 309 
SER CA  C    sing N N 310 
SER CA  CB   sing N N 311 
SER CA  HA   sing N N 312 
SER C   O    doub N N 313 
SER C   OXT  sing N N 314 
SER CB  OG   sing N N 315 
SER CB  HB2  sing N N 316 
SER CB  HB3  sing N N 317 
SER OG  HG   sing N N 318 
SER OXT HXT  sing N N 319 
SO4 S   O1   doub N N 320 
SO4 S   O2   doub N N 321 
SO4 S   O3   sing N N 322 
SO4 S   O4   sing N N 323 
THR N   CA   sing N N 324 
THR N   H    sing N N 325 
THR N   H2   sing N N 326 
THR CA  C    sing N N 327 
THR CA  CB   sing N N 328 
THR CA  HA   sing N N 329 
THR C   O    doub N N 330 
THR C   OXT  sing N N 331 
THR CB  OG1  sing N N 332 
THR CB  CG2  sing N N 333 
THR CB  HB   sing N N 334 
THR OG1 HG1  sing N N 335 
THR CG2 HG21 sing N N 336 
THR CG2 HG22 sing N N 337 
THR CG2 HG23 sing N N 338 
THR OXT HXT  sing N N 339 
TRP N   CA   sing N N 340 
TRP N   H    sing N N 341 
TRP N   H2   sing N N 342 
TRP CA  C    sing N N 343 
TRP CA  CB   sing N N 344 
TRP CA  HA   sing N N 345 
TRP C   O    doub N N 346 
TRP C   OXT  sing N N 347 
TRP CB  CG   sing N N 348 
TRP CB  HB2  sing N N 349 
TRP CB  HB3  sing N N 350 
TRP CG  CD1  doub Y N 351 
TRP CG  CD2  sing Y N 352 
TRP CD1 NE1  sing Y N 353 
TRP CD1 HD1  sing N N 354 
TRP CD2 CE2  doub Y N 355 
TRP CD2 CE3  sing Y N 356 
TRP NE1 CE2  sing Y N 357 
TRP NE1 HE1  sing N N 358 
TRP CE2 CZ2  sing Y N 359 
TRP CE3 CZ3  doub Y N 360 
TRP CE3 HE3  sing N N 361 
TRP CZ2 CH2  doub Y N 362 
TRP CZ2 HZ2  sing N N 363 
TRP CZ3 CH2  sing Y N 364 
TRP CZ3 HZ3  sing N N 365 
TRP CH2 HH2  sing N N 366 
TRP OXT HXT  sing N N 367 
TYR N   CA   sing N N 368 
TYR N   H    sing N N 369 
TYR N   H2   sing N N 370 
TYR CA  C    sing N N 371 
TYR CA  CB   sing N N 372 
TYR CA  HA   sing N N 373 
TYR C   O    doub N N 374 
TYR C   OXT  sing N N 375 
TYR CB  CG   sing N N 376 
TYR CB  HB2  sing N N 377 
TYR CB  HB3  sing N N 378 
TYR CG  CD1  doub Y N 379 
TYR CG  CD2  sing Y N 380 
TYR CD1 CE1  sing Y N 381 
TYR CD1 HD1  sing N N 382 
TYR CD2 CE2  doub Y N 383 
TYR CD2 HD2  sing N N 384 
TYR CE1 CZ   doub Y N 385 
TYR CE1 HE1  sing N N 386 
TYR CE2 CZ   sing Y N 387 
TYR CE2 HE2  sing N N 388 
TYR CZ  OH   sing N N 389 
TYR OH  HH   sing N N 390 
TYR OXT HXT  sing N N 391 
VAL N   CA   sing N N 392 
VAL N   H    sing N N 393 
VAL N   H2   sing N N 394 
VAL CA  C    sing N N 395 
VAL CA  CB   sing N N 396 
VAL CA  HA   sing N N 397 
VAL C   O    doub N N 398 
VAL C   OXT  sing N N 399 
VAL CB  CG1  sing N N 400 
VAL CB  CG2  sing N N 401 
VAL CB  HB   sing N N 402 
VAL CG1 HG11 sing N N 403 
VAL CG1 HG12 sing N N 404 
VAL CG1 HG13 sing N N 405 
VAL CG2 HG21 sing N N 406 
VAL CG2 HG22 sing N N 407 
VAL CG2 HG23 sing N N 408 
VAL OXT HXT  sing N N 409 
# 
loop_
_pdbx_audit_support.funding_organization 
_pdbx_audit_support.country 
_pdbx_audit_support.grant_number 
_pdbx_audit_support.ordinal 
'Canadian Institutes of Health Research (CIHR)' Canada MOP89974  1 
'Canadian Institutes of Health Research (CIHR)' Canada MOP201209 2 
# 
_pdbx_initial_refinement_model.id               1 
_pdbx_initial_refinement_model.entity_id_list   ? 
_pdbx_initial_refinement_model.type             'experimental model' 
_pdbx_initial_refinement_model.source_name      PDB 
_pdbx_initial_refinement_model.accession_code   4X6H 
_pdbx_initial_refinement_model.details          ? 
# 
_atom_sites.entry_id                    5T6U 
_atom_sites.fract_transf_matrix[1][1]   -0.00544011 
_atom_sites.fract_transf_matrix[1][2]   0.00727449 
_atom_sites.fract_transf_matrix[1][3]   0.02475822 
_atom_sites.fract_transf_matrix[2][1]   -0.00481131 
_atom_sites.fract_transf_matrix[2][2]   -0.02195685 
_atom_sites.fract_transf_matrix[2][3]   0.00539420 
_atom_sites.fract_transf_matrix[3][1]   0.00713632 
_atom_sites.fract_transf_matrix[3][2]   -0.00109918 
_atom_sites.fract_transf_matrix[3][3]   0.00189102 
_atom_sites.fract_transf_vector[1]      0.447488 
_atom_sites.fract_transf_vector[2]      -0.308588 
_atom_sites.fract_transf_vector[3]      -0.143747 
# 
loop_
_atom_type.symbol 
C 
N 
O 
S 
# 
loop_
_atom_site.group_PDB 
_atom_site.id 
_atom_site.type_symbol 
_atom_site.label_atom_id 
_atom_site.label_alt_id 
_atom_site.label_comp_id 
_atom_site.label_asym_id 
_atom_site.label_entity_id 
_atom_site.label_seq_id 
_atom_site.pdbx_PDB_ins_code 
_atom_site.Cartn_x 
_atom_site.Cartn_y 
_atom_site.Cartn_z 
_atom_site.occupancy 
_atom_site.B_iso_or_equiv 
_atom_site.pdbx_formal_charge 
_atom_site.auth_seq_id 
_atom_site.auth_comp_id 
_atom_site.auth_asym_id 
_atom_site.auth_atom_id 
_atom_site.pdbx_PDB_model_num 
ATOM   1    N N   . VAL A 1 1   ? -1.723  -9.412  20.227  1.00 30.34 ? 1   VAL A N   1 
ATOM   2    C CA  . VAL A 1 1   ? -2.200  -8.559  19.145  1.00 34.90 ? 1   VAL A CA  1 
ATOM   3    C C   . VAL A 1 1   ? -3.092  -7.444  19.679  1.00 39.16 ? 1   VAL A C   1 
ATOM   4    O O   . VAL A 1 1   ? -4.179  -7.708  20.194  1.00 43.60 ? 1   VAL A O   1 
ATOM   5    C CB  . VAL A 1 1   ? -2.968  -9.370  18.085  1.00 34.25 ? 1   VAL A CB  1 
ATOM   6    C CG1 . VAL A 1 1   ? -3.582  -8.443  17.051  1.00 34.78 ? 1   VAL A CG1 1 
ATOM   7    C CG2 . VAL A 1 1   ? -2.045  -10.379 17.420  1.00 28.20 ? 1   VAL A CG2 1 
ATOM   8    N N   . PRO A 1 2   ? -2.628  -6.191  19.556  1.00 40.65 ? 2   PRO A N   1 
ATOM   9    C CA  . PRO A 1 2   ? -3.322  -5.006  20.074  1.00 31.54 ? 2   PRO A CA  1 
ATOM   10   C C   . PRO A 1 2   ? -4.701  -4.813  19.452  1.00 32.21 ? 2   PRO A C   1 
ATOM   11   O O   . PRO A 1 2   ? -4.963  -5.318  18.361  1.00 32.91 ? 2   PRO A O   1 
ATOM   12   C CB  . PRO A 1 2   ? -2.405  -3.852  19.655  1.00 26.74 ? 2   PRO A CB  1 
ATOM   13   C CG  . PRO A 1 2   ? -1.070  -4.476  19.452  1.00 32.81 ? 2   PRO A CG  1 
ATOM   14   C CD  . PRO A 1 2   ? -1.351  -5.840  18.912  1.00 33.13 ? 2   PRO A CD  1 
ATOM   15   N N   . ASP A 1 3   ? -5.569  -4.087  20.149  1.00 32.40 ? 3   ASP A N   1 
ATOM   16   C CA  . ASP A 1 3   ? -6.892  -3.762  19.632  1.00 33.61 ? 3   ASP A CA  1 
ATOM   17   C C   . ASP A 1 3   ? -6.821  -2.535  18.732  1.00 28.38 ? 3   ASP A C   1 
ATOM   18   O O   . ASP A 1 3   ? -7.802  -2.167  18.087  1.00 33.09 ? 3   ASP A O   1 
ATOM   19   C CB  . ASP A 1 3   ? -7.874  -3.510  20.777  1.00 37.37 ? 3   ASP A CB  1 
ATOM   20   C CG  . ASP A 1 3   ? -8.154  -4.758  21.588  1.00 45.39 ? 3   ASP A CG  1 
ATOM   21   O OD1 . ASP A 1 3   ? -8.136  -5.862  21.004  1.00 46.05 ? 3   ASP A OD1 1 
ATOM   22   O OD2 . ASP A 1 3   ? -8.395  -4.634  22.808  1.00 40.14 ? 3   ASP A OD2 1 
ATOM   23   N N   . SER A 1 4   ? -5.653  -1.903  18.701  1.00 22.82 ? 4   SER A N   1 
ATOM   24   C CA  . SER A 1 4   ? -5.438  -0.720  17.880  1.00 24.06 ? 4   SER A CA  1 
ATOM   25   C C   . SER A 1 4   ? -3.957  -0.512  17.589  1.00 26.82 ? 4   SER A C   1 
ATOM   26   O O   . SER A 1 4   ? -3.099  -0.837  18.408  1.00 30.21 ? 4   SER A O   1 
ATOM   27   C CB  . SER A 1 4   ? -6.011  0.523   18.562  1.00 24.40 ? 4   SER A CB  1 
ATOM   28   O OG  . SER A 1 4   ? -7.423  0.451   18.658  1.00 29.04 ? 4   SER A OG  1 
ATOM   29   N N   . ILE A 1 5   ? -3.666  0.027   16.411  1.00 24.61 ? 5   ILE A N   1 
ATOM   30   C CA  . ILE A 1 5   ? -2.303  0.374   16.039  1.00 20.03 ? 5   ILE A CA  1 
ATOM   31   C C   . ILE A 1 5   ? -2.327  1.431   14.939  1.00 25.76 ? 5   ILE A C   1 
ATOM   32   O O   . ILE A 1 5   ? -3.201  1.420   14.071  1.00 25.80 ? 5   ILE A O   1 
ATOM   33   C CB  . ILE A 1 5   ? -1.496  -0.865  15.581  1.00 21.62 ? 5   ILE A CB  1 
ATOM   34   C CG1 . ILE A 1 5   ? -0.024  -0.509  15.369  1.00 21.22 ? 5   ILE A CG1 1 
ATOM   35   C CG2 . ILE A 1 5   ? -2.087  -1.461  14.316  1.00 27.31 ? 5   ILE A CG2 1 
ATOM   36   C CD1 . ILE A 1 5   ? 0.670   -0.010  16.614  1.00 33.88 ? 5   ILE A CD1 1 
ATOM   37   N N   . ASP A 1 6   ? -1.381  2.360   15.000  1.00 26.32 ? 6   ASP A N   1 
ATOM   38   C CA  . ASP A 1 6   ? -1.251  3.380   13.970  1.00 25.14 ? 6   ASP A CA  1 
ATOM   39   C C   . ASP A 1 6   ? 0.221   3.579   13.641  1.00 28.56 ? 6   ASP A C   1 
ATOM   40   O O   . ASP A 1 6   ? 0.950   4.242   14.379  1.00 31.98 ? 6   ASP A O   1 
ATOM   41   C CB  . ASP A 1 6   ? -1.872  4.698   14.433  1.00 24.34 ? 6   ASP A CB  1 
ATOM   42   C CG  . ASP A 1 6   ? -2.174  5.636   13.279  1.00 27.59 ? 6   ASP A CG  1 
ATOM   43   O OD1 . ASP A 1 6   ? -1.631  5.424   12.176  1.00 27.46 ? 6   ASP A OD1 1 
ATOM   44   O OD2 . ASP A 1 6   ? -2.958  6.590   13.475  1.00 31.35 ? 6   ASP A OD2 1 
ATOM   45   N N   . TYR A 1 7   ? 0.654   3.000   12.527  1.00 22.68 ? 7   TYR A N   1 
ATOM   46   C CA  . TYR A 1 7   ? 2.053   3.074   12.125  1.00 22.46 ? 7   TYR A CA  1 
ATOM   47   C C   . TYR A 1 7   ? 2.459   4.472   11.672  1.00 21.84 ? 7   TYR A C   1 
ATOM   48   O O   . TYR A 1 7   ? 3.645   4.761   11.519  1.00 24.88 ? 7   TYR A O   1 
ATOM   49   C CB  . TYR A 1 7   ? 2.362   2.039   11.044  1.00 19.37 ? 7   TYR A CB  1 
ATOM   50   C CG  . TYR A 1 7   ? 2.451   0.633   11.584  1.00 18.13 ? 7   TYR A CG  1 
ATOM   51   C CD1 . TYR A 1 7   ? 3.629   0.160   12.145  1.00 22.64 ? 7   TYR A CD1 1 
ATOM   52   C CD2 . TYR A 1 7   ? 1.355   -0.217  11.545  1.00 21.44 ? 7   TYR A CD2 1 
ATOM   53   C CE1 . TYR A 1 7   ? 3.718   -1.123  12.645  1.00 23.64 ? 7   TYR A CE1 1 
ATOM   54   C CE2 . TYR A 1 7   ? 1.435   -1.504  12.041  1.00 22.53 ? 7   TYR A CE2 1 
ATOM   55   C CZ  . TYR A 1 7   ? 2.619   -1.950  12.590  1.00 21.10 ? 7   TYR A CZ  1 
ATOM   56   O OH  . TYR A 1 7   ? 2.705   -3.230  13.088  1.00 23.51 ? 7   TYR A OH  1 
ATOM   57   N N   . ARG A 1 8   ? 1.471   5.334   11.460  1.00 21.55 ? 8   ARG A N   1 
ATOM   58   C CA  . ARG A 1 8   ? 1.737   6.736   11.174  1.00 24.00 ? 8   ARG A CA  1 
ATOM   59   C C   . ARG A 1 8   ? 2.366   7.393   12.396  1.00 26.74 ? 8   ARG A C   1 
ATOM   60   O O   . ARG A 1 8   ? 3.166   8.321   12.277  1.00 26.82 ? 8   ARG A O   1 
ATOM   61   C CB  . ARG A 1 8   ? 0.443   7.460   10.807  1.00 19.90 ? 8   ARG A CB  1 
ATOM   62   C CG  . ARG A 1 8   ? -0.262  6.894   9.592   1.00 19.69 ? 8   ARG A CG  1 
ATOM   63   C CD  . ARG A 1 8   ? -1.540  7.658   9.296   1.00 21.63 ? 8   ARG A CD  1 
ATOM   64   N NE  . ARG A 1 8   ? -2.589  7.394   10.277  1.00 18.13 ? 8   ARG A NE  1 
ATOM   65   C CZ  . ARG A 1 8   ? -3.793  7.959   10.246  1.00 18.98 ? 8   ARG A CZ  1 
ATOM   66   N NH1 . ARG A 1 8   ? -4.097  8.821   9.286   1.00 15.46 ? 8   ARG A NH1 1 
ATOM   67   N NH2 . ARG A 1 8   ? -4.691  7.663   11.175  1.00 19.35 ? 8   ARG A NH2 1 
ATOM   68   N N   . LYS A 1 9   ? 1.994   6.903   13.573  1.00 28.71 ? 9   LYS A N   1 
ATOM   69   C CA  . LYS A 1 9   ? 2.512   7.431   14.826  1.00 27.98 ? 9   LYS A CA  1 
ATOM   70   C C   . LYS A 1 9   ? 3.871   6.828   15.171  1.00 32.67 ? 9   LYS A C   1 
ATOM   71   O O   . LYS A 1 9   ? 4.633   7.400   15.950  1.00 35.11 ? 9   LYS A O   1 
ATOM   72   C CB  . LYS A 1 9   ? 1.521   7.174   15.962  1.00 30.47 ? 9   LYS A CB  1 
ATOM   73   C CG  . LYS A 1 9   ? 0.262   8.021   15.896  1.00 31.17 ? 9   LYS A CG  1 
ATOM   74   C CD  . LYS A 1 9   ? -0.659  7.727   17.070  1.00 31.40 ? 9   LYS A CD  1 
ATOM   75   C CE  . LYS A 1 9   ? -1.818  8.707   17.122  1.00 27.23 ? 9   LYS A CE  1 
ATOM   76   N NZ  . LYS A 1 9   ? -1.349  10.095  17.384  1.00 31.22 ? 9   LYS A NZ  1 
ATOM   77   N N   . LYS A 1 10  ? 4.168   5.671   14.588  1.00 27.40 ? 10  LYS A N   1 
ATOM   78   C CA  . LYS A 1 10  ? 5.438   4.999   14.839  1.00 28.75 ? 10  LYS A CA  1 
ATOM   79   C C   . LYS A 1 10  ? 6.512   5.463   13.861  1.00 28.60 ? 10  LYS A C   1 
ATOM   80   O O   . LYS A 1 10  ? 7.658   5.019   13.927  1.00 33.47 ? 10  LYS A O   1 
ATOM   81   C CB  . LYS A 1 10  ? 5.278   3.479   14.746  1.00 31.98 ? 10  LYS A CB  1 
ATOM   82   C CG  . LYS A 1 10  ? 4.257   2.894   15.701  1.00 29.00 ? 10  LYS A CG  1 
ATOM   83   C CD  . LYS A 1 10  ? 4.347   1.376   15.752  1.00 35.91 ? 10  LYS A CD  1 
ATOM   84   C CE  . LYS A 1 10  ? 5.666   0.921   16.362  1.00 43.92 ? 10  LYS A CE  1 
ATOM   85   N NZ  . LYS A 1 10  ? 5.747   -0.562  16.468  1.00 44.97 ? 10  LYS A NZ  1 
ATOM   86   N N   . GLY A 1 11  ? 6.133   6.355   12.953  1.00 26.31 ? 11  GLY A N   1 
ATOM   87   C CA  . GLY A 1 11  ? 7.057   6.866   11.958  1.00 24.49 ? 11  GLY A CA  1 
ATOM   88   C C   . GLY A 1 11  ? 7.411   5.835   10.905  1.00 25.41 ? 11  GLY A C   1 
ATOM   89   O O   . GLY A 1 11  ? 8.555   5.758   10.458  1.00 30.29 ? 11  GLY A O   1 
ATOM   90   N N   . TYR A 1 12  ? 6.423   5.039   10.509  1.00 22.81 ? 12  TYR A N   1 
ATOM   91   C CA  . TYR A 1 12  ? 6.619   4.018   9.487   1.00 22.55 ? 12  TYR A CA  1 
ATOM   92   C C   . TYR A 1 12  ? 6.060   4.471   8.145   1.00 24.43 ? 12  TYR A C   1 
ATOM   93   O O   . TYR A 1 12  ? 6.255   3.806   7.127   1.00 25.97 ? 12  TYR A O   1 
ATOM   94   C CB  . TYR A 1 12  ? 5.939   2.711   9.898   1.00 19.13 ? 12  TYR A CB  1 
ATOM   95   C CG  . TYR A 1 12  ? 6.743   1.849   10.846  1.00 20.72 ? 12  TYR A CG  1 
ATOM   96   C CD1 . TYR A 1 12  ? 7.141   2.329   12.085  1.00 28.70 ? 12  TYR A CD1 1 
ATOM   97   C CD2 . TYR A 1 12  ? 7.081   0.545   10.509  1.00 15.65 ? 12  TYR A CD2 1 
ATOM   98   C CE1 . TYR A 1 12  ? 7.868   1.541   12.958  1.00 31.02 ? 12  TYR A CE1 1 
ATOM   99   C CE2 . TYR A 1 12  ? 7.808   -0.251  11.374  1.00 19.91 ? 12  TYR A CE2 1 
ATOM   100  C CZ  . TYR A 1 12  ? 8.198   0.252   12.596  1.00 31.19 ? 12  TYR A CZ  1 
ATOM   101  O OH  . TYR A 1 12  ? 8.921   -0.533  13.465  1.00 30.31 ? 12  TYR A OH  1 
ATOM   102  N N   . VAL A 1 13  ? 5.367   5.606   8.143   1.00 18.22 ? 13  VAL A N   1 
ATOM   103  C CA  . VAL A 1 13  ? 4.650   6.043   6.949   1.00 16.56 ? 13  VAL A CA  1 
ATOM   104  C C   . VAL A 1 13  ? 5.186   7.331   6.319   1.00 19.11 ? 13  VAL A C   1 
ATOM   105  O O   . VAL A 1 13  ? 5.318   8.362   6.979   1.00 20.30 ? 13  VAL A O   1 
ATOM   106  C CB  . VAL A 1 13  ? 3.145   6.192   7.226   1.00 18.13 ? 13  VAL A CB  1 
ATOM   107  C CG1 . VAL A 1 13  ? 2.402   6.465   5.936   1.00 16.35 ? 13  VAL A CG1 1 
ATOM   108  C CG2 . VAL A 1 13  ? 2.610   4.934   7.888   1.00 20.25 ? 13  VAL A CG2 1 
ATOM   109  N N   . THR A 1 14  ? 5.488   7.244   5.027   1.00 25.86 ? 14  THR A N   1 
ATOM   110  C CA  . THR A 1 14  ? 5.944   8.366   4.216   1.00 22.38 ? 14  THR A CA  1 
ATOM   111  C C   . THR A 1 14  ? 4.758   9.276   3.892   1.00 21.81 ? 14  THR A C   1 
ATOM   112  O O   . THR A 1 14  ? 3.636   8.790   3.751   1.00 28.04 ? 14  THR A O   1 
ATOM   113  C CB  . THR A 1 14  ? 6.575   7.824   2.908   1.00 21.18 ? 14  THR A CB  1 
ATOM   114  O OG1 . THR A 1 14  ? 7.715   7.017   3.229   1.00 21.20 ? 14  THR A OG1 1 
ATOM   115  C CG2 . THR A 1 14  ? 7.003   8.939   1.964   1.00 24.78 ? 14  THR A CG2 1 
ATOM   116  N N   . PRO A 1 15  ? 4.992   10.600  3.808   1.00 21.24 ? 15  PRO A N   1 
ATOM   117  C CA  . PRO A 1 15  ? 3.981   11.569  3.367   1.00 23.65 ? 15  PRO A CA  1 
ATOM   118  C C   . PRO A 1 15  ? 3.184   11.114  2.143   1.00 26.49 ? 15  PRO A C   1 
ATOM   119  O O   . PRO A 1 15  ? 3.728   10.458  1.255   1.00 28.79 ? 15  PRO A O   1 
ATOM   120  C CB  . PRO A 1 15  ? 4.824   12.793  3.017   1.00 18.54 ? 15  PRO A CB  1 
ATOM   121  C CG  . PRO A 1 15  ? 5.939   12.742  4.007   1.00 22.53 ? 15  PRO A CG  1 
ATOM   122  C CD  . PRO A 1 15  ? 6.208   11.278  4.296   1.00 20.41 ? 15  PRO A CD  1 
ATOM   123  N N   . VAL A 1 16  ? 1.903   11.468  2.110   1.00 27.61 ? 16  VAL A N   1 
ATOM   124  C CA  . VAL A 1 16  ? 1.006   11.058  1.034   1.00 22.89 ? 16  VAL A CA  1 
ATOM   125  C C   . VAL A 1 16  ? 1.362   11.729  -0.287  1.00 25.26 ? 16  VAL A C   1 
ATOM   126  O O   . VAL A 1 16  ? 1.547   12.944  -0.347  1.00 28.89 ? 16  VAL A O   1 
ATOM   127  C CB  . VAL A 1 16  ? -0.461  11.379  1.385   1.00 19.61 ? 16  VAL A CB  1 
ATOM   128  C CG1 . VAL A 1 16  ? -1.380  11.010  0.234   1.00 24.25 ? 16  VAL A CG1 1 
ATOM   129  C CG2 . VAL A 1 16  ? -0.872  10.650  2.650   1.00 24.37 ? 16  VAL A CG2 1 
ATOM   130  N N   . LYS A 1 17  ? 1.460   10.931  -1.346  1.00 25.28 ? 17  LYS A N   1 
ATOM   131  C CA  . LYS A 1 17  ? 1.753   11.455  -2.673  1.00 23.00 ? 17  LYS A CA  1 
ATOM   132  C C   . LYS A 1 17  ? 0.557   11.308  -3.608  1.00 24.58 ? 17  LYS A C   1 
ATOM   133  O O   . LYS A 1 17  ? -0.440  10.671  -3.268  1.00 23.72 ? 17  LYS A O   1 
ATOM   134  C CB  . LYS A 1 17  ? 2.974   10.755  -3.268  1.00 28.47 ? 17  LYS A CB  1 
ATOM   135  C CG  . LYS A 1 17  ? 4.250   10.949  -2.469  1.00 32.57 ? 17  LYS A CG  1 
ATOM   136  C CD  . LYS A 1 17  ? 4.674   12.407  -2.453  1.00 33.38 ? 17  LYS A CD  1 
ATOM   137  C CE  . LYS A 1 17  ? 5.886   12.616  -1.560  1.00 34.49 ? 17  LYS A CE  1 
ATOM   138  N NZ  . LYS A 1 17  ? 7.024   11.748  -1.970  1.00 49.71 ? 17  LYS A NZ  1 
ATOM   139  N N   . ASN A 1 18  ? 0.667   11.904  -4.790  1.00 25.31 ? 18  ASN A N   1 
ATOM   140  C CA  . ASN A 1 18  ? -0.394  11.847  -5.786  1.00 21.42 ? 18  ASN A CA  1 
ATOM   141  C C   . ASN A 1 18  ? 0.094   11.120  -7.031  1.00 21.53 ? 18  ASN A C   1 
ATOM   142  O O   . ASN A 1 18  ? 1.032   11.566  -7.689  1.00 25.72 ? 18  ASN A O   1 
ATOM   143  C CB  . ASN A 1 18  ? -0.854  13.262  -6.145  1.00 17.90 ? 18  ASN A CB  1 
ATOM   144  C CG  . ASN A 1 18  ? -2.172  13.280  -6.899  1.00 22.87 ? 18  ASN A CG  1 
ATOM   145  O OD1 . ASN A 1 18  ? -2.531  12.318  -7.579  1.00 21.85 ? 18  ASN A OD1 1 
ATOM   146  N ND2 . ASN A 1 18  ? -2.901  14.383  -6.782  1.00 28.89 ? 18  ASN A ND2 1 
ATOM   147  N N   . GLN A 1 19  ? -0.550  10.003  -7.356  1.00 19.96 ? 19  GLN A N   1 
ATOM   148  C CA  . GLN A 1 19  ? -0.123  9.183   -8.485  1.00 21.34 ? 19  GLN A CA  1 
ATOM   149  C C   . GLN A 1 19  ? -0.457  9.826   -9.828  1.00 23.67 ? 19  GLN A C   1 
ATOM   150  O O   . GLN A 1 19  ? 0.016   9.379   -10.873 1.00 24.50 ? 19  GLN A O   1 
ATOM   151  C CB  . GLN A 1 19  ? -0.724  7.776   -8.396  1.00 20.05 ? 19  GLN A CB  1 
ATOM   152  C CG  . GLN A 1 19  ? -2.237  7.725   -8.514  1.00 19.99 ? 19  GLN A CG  1 
ATOM   153  C CD  . GLN A 1 19  ? -2.793  6.344   -8.213  1.00 23.86 ? 19  GLN A CD  1 
ATOM   154  O OE1 . GLN A 1 19  ? -2.519  5.770   -7.160  1.00 26.09 ? 19  GLN A OE1 1 
ATOM   155  N NE2 . GLN A 1 19  ? -3.570  5.802   -9.143  1.00 30.85 ? 19  GLN A NE2 1 
ATOM   156  N N   . GLY A 1 20  ? -1.269  10.878  -9.793  1.00 21.87 ? 20  GLY A N   1 
ATOM   157  C CA  . GLY A 1 20  ? -1.635  11.603  -10.995 1.00 16.97 ? 20  GLY A CA  1 
ATOM   158  C C   . GLY A 1 20  ? -2.409  10.743  -11.972 1.00 24.47 ? 20  GLY A C   1 
ATOM   159  O O   . GLY A 1 20  ? -3.147  9.842   -11.570 1.00 25.02 ? 20  GLY A O   1 
ATOM   160  N N   . GLN A 1 21  ? -2.238  11.019  -13.261 1.00 27.17 ? 21  GLN A N   1 
ATOM   161  C CA  . GLN A 1 21  ? -2.908  10.250  -14.303 1.00 26.16 ? 21  GLN A CA  1 
ATOM   162  C C   . GLN A 1 21  ? -2.072  9.036   -14.694 1.00 24.38 ? 21  GLN A C   1 
ATOM   163  O O   . GLN A 1 21  ? -1.553  8.955   -15.807 1.00 31.53 ? 21  GLN A O   1 
ATOM   164  C CB  . GLN A 1 21  ? -3.181  11.129  -15.524 1.00 28.89 ? 21  GLN A CB  1 
ATOM   165  C CG  . GLN A 1 21  ? -3.980  12.385  -15.216 1.00 27.82 ? 21  GLN A CG  1 
ATOM   166  C CD  . GLN A 1 21  ? -5.384  12.086  -14.722 1.00 30.46 ? 21  GLN A CD  1 
ATOM   167  O OE1 . GLN A 1 21  ? -5.925  11.005  -14.963 1.00 26.46 ? 21  GLN A OE1 1 
ATOM   168  N NE2 . GLN A 1 21  ? -5.983  13.045  -14.024 1.00 28.08 ? 21  GLN A NE2 1 
ATOM   169  N N   . CYS A 1 22  ? -1.952  8.093   -13.766 1.00 22.15 ? 22  CYS A N   1 
ATOM   170  C CA  . CYS A 1 22  ? -1.129  6.909   -13.963 1.00 23.42 ? 22  CYS A CA  1 
ATOM   171  C C   . CYS A 1 22  ? -1.549  5.800   -13.005 1.00 23.33 ? 22  CYS A C   1 
ATOM   172  O O   . CYS A 1 22  ? -1.691  6.029   -11.804 1.00 23.96 ? 22  CYS A O   1 
ATOM   173  C CB  . CYS A 1 22  ? 0.345   7.256   -13.748 1.00 26.05 ? 22  CYS A CB  1 
ATOM   174  S SG  . CYS A 1 22  ? 1.462   5.841   -13.756 1.00 33.65 ? 22  CYS A SG  1 
ATOM   175  N N   . GLY A 1 23  ? -1.743  4.597   -13.535 1.00 19.35 ? 23  GLY A N   1 
ATOM   176  C CA  . GLY A 1 23  ? -2.169  3.468   -12.727 1.00 18.04 ? 23  GLY A CA  1 
ATOM   177  C C   . GLY A 1 23  ? -1.050  2.876   -11.894 1.00 23.39 ? 23  GLY A C   1 
ATOM   178  O O   . GLY A 1 23  ? -0.833  1.665   -11.898 1.00 26.46 ? 23  GLY A O   1 
ATOM   179  N N   . SER A 1 24  ? -0.341  3.734   -11.169 1.00 23.74 ? 24  SER A N   1 
ATOM   180  C CA  . SER A 1 24  ? 0.803   3.311   -10.372 1.00 21.59 ? 24  SER A CA  1 
ATOM   181  C C   . SER A 1 24  ? 0.444   3.154   -8.898  1.00 25.94 ? 24  SER A C   1 
ATOM   182  O O   . SER A 1 24  ? 1.305   3.277   -8.027  1.00 25.58 ? 24  SER A O   1 
ATOM   183  C CB  . SER A 1 24  ? 1.946   4.314   -10.521 1.00 21.02 ? 24  SER A CB  1 
ATOM   184  O OG  . SER A 1 24  ? 1.511   5.627   -10.219 1.00 21.48 ? 24  SER A OG  1 
ATOM   185  N N   . CYS A 1 25  ? -0.828  2.883   -8.628  1.00 26.20 ? 25  CYS A N   1 
ATOM   186  C CA  . CYS A 1 25  ? -1.303  2.688   -7.263  1.00 22.99 ? 25  CYS A CA  1 
ATOM   187  C C   . CYS A 1 25  ? -0.608  1.501   -6.602  1.00 21.85 ? 25  CYS A C   1 
ATOM   188  O O   . CYS A 1 25  ? -0.338  1.516   -5.400  1.00 27.22 ? 25  CYS A O   1 
ATOM   189  C CB  . CYS A 1 25  ? -2.822  2.498   -7.249  1.00 26.19 ? 25  CYS A CB  1 
ATOM   190  S SG  . CYS A 1 25  ? -3.439  1.300   -8.460  1.00 30.20 ? 25  CYS A SG  1 
ATOM   191  N N   . TRP A 1 26  ? -0.317  0.479   -7.400  1.00 20.84 ? 26  TRP A N   1 
ATOM   192  C CA  . TRP A 1 26  ? 0.379   -0.708  -6.916  1.00 22.18 ? 26  TRP A CA  1 
ATOM   193  C C   . TRP A 1 26  ? 1.822   -0.376  -6.551  1.00 22.49 ? 26  TRP A C   1 
ATOM   194  O O   . TRP A 1 26  ? 2.411   -1.000  -5.666  1.00 20.35 ? 26  TRP A O   1 
ATOM   195  C CB  . TRP A 1 26  ? 0.354   -1.802  -7.983  1.00 21.45 ? 26  TRP A CB  1 
ATOM   196  C CG  . TRP A 1 26  ? 0.961   -1.373  -9.281  1.00 18.61 ? 26  TRP A CG  1 
ATOM   197  C CD1 . TRP A 1 26  ? 0.316   -0.790  -10.333 1.00 21.38 ? 26  TRP A CD1 1 
ATOM   198  C CD2 . TRP A 1 26  ? 2.337   -1.484  -9.665  1.00 20.78 ? 26  TRP A CD2 1 
ATOM   199  N NE1 . TRP A 1 26  ? 1.204   -0.533  -11.349 1.00 22.44 ? 26  TRP A NE1 1 
ATOM   200  C CE2 . TRP A 1 26  ? 2.451   -0.950  -10.965 1.00 22.58 ? 26  TRP A CE2 1 
ATOM   201  C CE3 . TRP A 1 26  ? 3.481   -1.984  -9.038  1.00 20.88 ? 26  TRP A CE3 1 
ATOM   202  C CZ2 . TRP A 1 26  ? 3.665   -0.903  -11.647 1.00 23.27 ? 26  TRP A CZ2 1 
ATOM   203  C CZ3 . TRP A 1 26  ? 4.686   -1.934  -9.718  1.00 20.90 ? 26  TRP A CZ3 1 
ATOM   204  C CH2 . TRP A 1 26  ? 4.768   -1.399  -11.008 1.00 21.90 ? 26  TRP A CH2 1 
ATOM   205  N N   . ALA A 1 27  ? 2.385   0.608   -7.243  1.00 20.52 ? 27  ALA A N   1 
ATOM   206  C CA  . ALA A 1 27  ? 3.762   1.022   -7.007  1.00 21.12 ? 27  ALA A CA  1 
ATOM   207  C C   . ALA A 1 27  ? 3.901   1.722   -5.659  1.00 23.57 ? 27  ALA A C   1 
ATOM   208  O O   . ALA A 1 27  ? 4.834   1.456   -4.903  1.00 21.08 ? 27  ALA A O   1 
ATOM   209  C CB  . ALA A 1 27  ? 4.243   1.923   -8.131  1.00 18.72 ? 27  ALA A CB  1 
ATOM   210  N N   . PHE A 1 28  ? 2.963   2.616   -5.363  1.00 21.46 ? 28  PHE A N   1 
ATOM   211  C CA  . PHE A 1 28  ? 2.965   3.336   -4.094  1.00 18.41 ? 28  PHE A CA  1 
ATOM   212  C C   . PHE A 1 28  ? 2.688   2.406   -2.918  1.00 21.34 ? 28  PHE A C   1 
ATOM   213  O O   . PHE A 1 28  ? 3.230   2.592   -1.830  1.00 23.93 ? 28  PHE A O   1 
ATOM   214  C CB  . PHE A 1 28  ? 1.940   4.471   -4.117  1.00 17.43 ? 28  PHE A CB  1 
ATOM   215  C CG  . PHE A 1 28  ? 2.369   5.658   -4.932  1.00 19.51 ? 28  PHE A CG  1 
ATOM   216  C CD1 . PHE A 1 28  ? 2.038   5.753   -6.275  1.00 23.00 ? 28  PHE A CD1 1 
ATOM   217  C CD2 . PHE A 1 28  ? 3.100   6.682   -4.353  1.00 18.35 ? 28  PHE A CD2 1 
ATOM   218  C CE1 . PHE A 1 28  ? 2.431   6.847   -7.025  1.00 21.13 ? 28  PHE A CE1 1 
ATOM   219  C CE2 . PHE A 1 28  ? 3.496   7.777   -5.097  1.00 20.23 ? 28  PHE A CE2 1 
ATOM   220  C CZ  . PHE A 1 28  ? 3.160   7.860   -6.435  1.00 20.53 ? 28  PHE A CZ  1 
ATOM   221  N N   . SER A 1 29  ? 1.842   1.407   -3.140  1.00 17.20 ? 29  SER A N   1 
ATOM   222  C CA  . SER A 1 29  ? 1.512   0.444   -2.097  1.00 19.27 ? 29  SER A CA  1 
ATOM   223  C C   . SER A 1 29  ? 2.729   -0.405  -1.749  1.00 21.40 ? 29  SER A C   1 
ATOM   224  O O   . SER A 1 29  ? 3.076   -0.570  -0.574  1.00 20.02 ? 29  SER A O   1 
ATOM   225  C CB  . SER A 1 29  ? 0.359   -0.452  -2.550  1.00 20.14 ? 29  SER A CB  1 
ATOM   226  O OG  . SER A 1 29  ? 0.018   -1.387  -1.543  1.00 25.29 ? 29  SER A OG  1 
ATOM   227  N N   . SER A 1 30  ? 3.373   -0.934  -2.784  1.00 23.55 ? 30  SER A N   1 
ATOM   228  C CA  . SER A 1 30  ? 4.558   -1.765  -2.630  1.00 20.11 ? 30  SER A CA  1 
ATOM   229  C C   . SER A 1 30  ? 5.678   -0.969  -1.978  1.00 21.92 ? 30  SER A C   1 
ATOM   230  O O   . SER A 1 30  ? 6.330   -1.438  -1.039  1.00 18.45 ? 30  SER A O   1 
ATOM   231  C CB  . SER A 1 30  ? 5.019   -2.274  -3.995  1.00 20.45 ? 30  SER A CB  1 
ATOM   232  O OG  . SER A 1 30  ? 3.924   -2.753  -4.753  1.00 22.25 ? 30  SER A OG  1 
ATOM   233  N N   . ALA A 1 31  ? 5.892   0.241   -2.486  1.00 22.99 ? 31  ALA A N   1 
ATOM   234  C CA  . ALA A 1 31  ? 6.911   1.131   -1.951  1.00 18.23 ? 31  ALA A CA  1 
ATOM   235  C C   . ALA A 1 31  ? 6.629   1.445   -0.491  1.00 21.37 ? 31  ALA A C   1 
ATOM   236  O O   . ALA A 1 31  ? 7.548   1.545   0.310   1.00 24.28 ? 31  ALA A O   1 
ATOM   237  C CB  . ALA A 1 31  ? 6.984   2.410   -2.766  1.00 18.16 ? 31  ALA A CB  1 
ATOM   238  N N   . GLY A 1 32  ? 5.352   1.587   -0.150  1.00 21.13 ? 32  GLY A N   1 
ATOM   239  C CA  . GLY A 1 32  ? 4.952   1.874   1.215   1.00 21.46 ? 32  GLY A CA  1 
ATOM   240  C C   . GLY A 1 32  ? 5.240   0.720   2.156   1.00 22.05 ? 32  GLY A C   1 
ATOM   241  O O   . GLY A 1 32  ? 5.750   0.919   3.261   1.00 27.82 ? 32  GLY A O   1 
ATOM   242  N N   . ALA A 1 33  ? 4.909   -0.491  1.716   1.00 20.89 ? 33  ALA A N   1 
ATOM   243  C CA  . ALA A 1 33  ? 5.182   -1.686  2.505   1.00 21.41 ? 33  ALA A CA  1 
ATOM   244  C C   . ALA A 1 33  ? 6.683   -1.856  2.727   1.00 24.28 ? 33  ALA A C   1 
ATOM   245  O O   . ALA A 1 33  ? 7.134   -2.112  3.848   1.00 30.11 ? 33  ALA A O   1 
ATOM   246  C CB  . ALA A 1 33  ? 4.603   -2.911  1.827   1.00 20.90 ? 33  ALA A CB  1 
ATOM   247  N N   . LEU A 1 34  ? 7.450   -1.705  1.651   1.00 21.65 ? 34  LEU A N   1 
ATOM   248  C CA  . LEU A 1 34  ? 8.905   -1.799  1.728   1.00 19.59 ? 34  LEU A CA  1 
ATOM   249  C C   . LEU A 1 34  ? 9.496   -0.704  2.615   1.00 23.50 ? 34  LEU A C   1 
ATOM   250  O O   . LEU A 1 34  ? 10.516  -0.911  3.268   1.00 28.53 ? 34  LEU A O   1 
ATOM   251  C CB  . LEU A 1 34  ? 9.522   -1.741  0.329   1.00 21.86 ? 34  LEU A CB  1 
ATOM   252  C CG  . LEU A 1 34  ? 9.477   -3.015  -0.515  1.00 22.12 ? 34  LEU A CG  1 
ATOM   253  C CD1 . LEU A 1 34  ? 9.883   -2.714  -1.947  1.00 18.25 ? 34  LEU A CD1 1 
ATOM   254  C CD2 . LEU A 1 34  ? 10.385  -4.074  0.082   1.00 20.36 ? 34  LEU A CD2 1 
ATOM   255  N N   . GLU A 1 35  ? 8.851   0.458   2.632   1.00 21.41 ? 35  GLU A N   1 
ATOM   256  C CA  . GLU A 1 35  ? 9.287   1.565   3.476   1.00 22.61 ? 35  GLU A CA  1 
ATOM   257  C C   . GLU A 1 35  ? 9.064   1.232   4.944   1.00 24.61 ? 35  GLU A C   1 
ATOM   258  O O   . GLU A 1 35  ? 9.944   1.448   5.781   1.00 23.37 ? 35  GLU A O   1 
ATOM   259  C CB  . GLU A 1 35  ? 8.544   2.852   3.109   1.00 18.99 ? 35  GLU A CB  1 
ATOM   260  C CG  . GLU A 1 35  ? 9.117   3.581   1.903   1.00 22.83 ? 35  GLU A CG  1 
ATOM   261  C CD  . GLU A 1 35  ? 8.115   4.521   1.258   1.00 25.35 ? 35  GLU A CD  1 
ATOM   262  O OE1 . GLU A 1 35  ? 7.037   4.741   1.849   1.00 33.25 ? 35  GLU A OE1 1 
ATOM   263  O OE2 . GLU A 1 35  ? 8.404   5.035   0.155   1.00 24.05 ? 35  GLU A OE2 1 
ATOM   264  N N   . GLY A 1 36  ? 7.882   0.704   5.247   1.00 25.80 ? 36  GLY A N   1 
ATOM   265  C CA  . GLY A 1 36  ? 7.551   0.303   6.600   1.00 23.29 ? 36  GLY A CA  1 
ATOM   266  C C   . GLY A 1 36  ? 8.485   -0.776  7.109   1.00 24.39 ? 36  GLY A C   1 
ATOM   267  O O   . GLY A 1 36  ? 8.954   -0.722  8.248   1.00 24.23 ? 36  GLY A O   1 
ATOM   268  N N   . GLN A 1 37  ? 8.765   -1.757  6.257   1.00 25.43 ? 37  GLN A N   1 
ATOM   269  C CA  . GLN A 1 37  ? 9.635   -2.862  6.642   1.00 26.68 ? 37  GLN A CA  1 
ATOM   270  C C   . GLN A 1 37  ? 11.087  -2.407  6.785   1.00 25.70 ? 37  GLN A C   1 
ATOM   271  O O   . GLN A 1 37  ? 11.823  -2.899  7.643   1.00 25.77 ? 37  GLN A O   1 
ATOM   272  C CB  . GLN A 1 37  ? 9.522   -4.008  5.635   1.00 23.60 ? 37  GLN A CB  1 
ATOM   273  C CG  . GLN A 1 37  ? 9.507   -5.390  6.270   1.00 28.71 ? 37  GLN A CG  1 
ATOM   274  C CD  . GLN A 1 37  ? 8.277   -5.631  7.132   1.00 24.13 ? 37  GLN A CD  1 
ATOM   275  O OE1 . GLN A 1 37  ? 7.275   -4.924  7.023   1.00 21.75 ? 37  GLN A OE1 1 
ATOM   276  N NE2 . GLN A 1 37  ? 8.349   -6.639  7.993   1.00 26.28 ? 37  GLN A NE2 1 
ATOM   277  N N   . LEU A 1 38  ? 11.492  -1.461  5.942   1.00 22.59 ? 38  LEU A N   1 
ATOM   278  C CA  . LEU A 1 38  ? 12.819  -0.867  6.037   1.00 21.37 ? 38  LEU A CA  1 
ATOM   279  C C   . LEU A 1 38  ? 12.960  -0.128  7.360   1.00 23.41 ? 38  LEU A C   1 
ATOM   280  O O   . LEU A 1 38  ? 14.004  -0.186  8.008   1.00 22.73 ? 38  LEU A O   1 
ATOM   281  C CB  . LEU A 1 38  ? 13.063  0.093   4.873   1.00 21.66 ? 38  LEU A CB  1 
ATOM   282  C CG  . LEU A 1 38  ? 14.348  0.921   4.926   1.00 20.04 ? 38  LEU A CG  1 
ATOM   283  C CD1 . LEU A 1 38  ? 15.571  0.018   4.943   1.00 18.64 ? 38  LEU A CD1 1 
ATOM   284  C CD2 . LEU A 1 38  ? 14.407  1.889   3.755   1.00 21.61 ? 38  LEU A CD2 1 
ATOM   285  N N   . LYS A 1 39  ? 11.896  0.565   7.753   1.00 24.65 ? 39  LYS A N   1 
ATOM   286  C CA  . LYS A 1 39  ? 11.855  1.258   9.036   1.00 24.19 ? 39  LYS A CA  1 
ATOM   287  C C   . LYS A 1 39  ? 11.939  0.266   10.192  1.00 24.61 ? 39  LYS A C   1 
ATOM   288  O O   . LYS A 1 39  ? 12.644  0.500   11.169  1.00 27.09 ? 39  LYS A O   1 
ATOM   289  C CB  . LYS A 1 39  ? 10.575  2.084   9.153   1.00 23.78 ? 39  LYS A CB  1 
ATOM   290  C CG  . LYS A 1 39  ? 10.320  2.656   10.539  1.00 21.96 ? 39  LYS A CG  1 
ATOM   291  C CD  . LYS A 1 39  ? 11.298  3.764   10.887  1.00 24.57 ? 39  LYS A CD  1 
ATOM   292  C CE  . LYS A 1 39  ? 10.974  4.363   12.248  1.00 28.89 ? 39  LYS A CE  1 
ATOM   293  N NZ  . LYS A 1 39  ? 11.833  5.536   12.571  1.00 30.28 ? 39  LYS A NZ  1 
ATOM   294  N N   . LYS A 1 40  ? 11.217  -0.842  10.072  1.00 22.28 ? 40  LYS A N   1 
ATOM   295  C CA  . LYS A 1 40  ? 11.218  -1.862  11.114  1.00 22.21 ? 40  LYS A CA  1 
ATOM   296  C C   . LYS A 1 40  ? 12.594  -2.507  11.273  1.00 26.76 ? 40  LYS A C   1 
ATOM   297  O O   . LYS A 1 40  ? 13.018  -2.821  12.385  1.00 30.85 ? 40  LYS A O   1 
ATOM   298  C CB  . LYS A 1 40  ? 10.166  -2.933  10.818  1.00 18.95 ? 40  LYS A CB  1 
ATOM   299  C CG  . LYS A 1 40  ? 10.090  -4.032  11.865  1.00 22.71 ? 40  LYS A CG  1 
ATOM   300  C CD  . LYS A 1 40  ? 9.108   -5.116  11.457  1.00 31.03 ? 40  LYS A CD  1 
ATOM   301  C CE  . LYS A 1 40  ? 9.118   -6.269  12.449  1.00 32.35 ? 40  LYS A CE  1 
ATOM   302  N NZ  . LYS A 1 40  ? 8.225   -7.377  12.011  1.00 39.67 ? 40  LYS A NZ  1 
ATOM   303  N N   . LYS A 1 41  ? 13.294  -2.692  10.158  1.00 27.78 ? 41  LYS A N   1 
ATOM   304  C CA  . LYS A 1 41  ? 14.583  -3.377  10.182  1.00 26.75 ? 41  LYS A CA  1 
ATOM   305  C C   . LYS A 1 41  ? 15.763  -2.457  10.491  1.00 25.64 ? 41  LYS A C   1 
ATOM   306  O O   . LYS A 1 41  ? 16.793  -2.914  10.986  1.00 25.59 ? 41  LYS A O   1 
ATOM   307  C CB  . LYS A 1 41  ? 14.822  -4.111  8.860   1.00 29.92 ? 41  LYS A CB  1 
ATOM   308  C CG  . LYS A 1 41  ? 13.869  -5.270  8.615   1.00 41.81 ? 41  LYS A CG  1 
ATOM   309  C CD  . LYS A 1 41  ? 14.038  -6.355  9.668   1.00 45.39 ? 41  LYS A CD  1 
ATOM   310  C CE  . LYS A 1 41  ? 13.121  -7.539  9.399   1.00 47.84 ? 41  LYS A CE  1 
ATOM   311  N NZ  . LYS A 1 41  ? 13.338  -8.646  10.375  1.00 45.75 ? 41  LYS A NZ  1 
ATOM   312  N N   . THR A 1 42  ? 15.617  -1.168  10.205  1.00 24.22 ? 42  THR A N   1 
ATOM   313  C CA  . THR A 1 42  ? 16.724  -0.231  10.380  1.00 24.92 ? 42  THR A CA  1 
ATOM   314  C C   . THR A 1 42  ? 16.429  0.882   11.382  1.00 26.27 ? 42  THR A C   1 
ATOM   315  O O   . THR A 1 42  ? 17.325  1.346   12.083  1.00 29.01 ? 42  THR A O   1 
ATOM   316  C CB  . THR A 1 42  ? 17.140  0.412   9.043   1.00 25.74 ? 42  THR A CB  1 
ATOM   317  O OG1 . THR A 1 42  ? 16.056  1.193   8.526   1.00 27.10 ? 42  THR A OG1 1 
ATOM   318  C CG2 . THR A 1 42  ? 17.512  -0.657  8.034   1.00 25.01 ? 42  THR A CG2 1 
ATOM   319  N N   . GLY A 1 43  ? 15.174  1.313   11.445  1.00 24.78 ? 43  GLY A N   1 
ATOM   320  C CA  . GLY A 1 43  ? 14.803  2.420   12.305  1.00 25.27 ? 43  GLY A CA  1 
ATOM   321  C C   . GLY A 1 43  ? 14.820  3.728   11.541  1.00 26.36 ? 43  GLY A C   1 
ATOM   322  O O   . GLY A 1 43  ? 14.494  4.785   12.080  1.00 31.09 ? 43  GLY A O   1 
ATOM   323  N N   . LYS A 1 44  ? 15.208  3.651   10.272  1.00 24.20 ? 44  LYS A N   1 
ATOM   324  C CA  . LYS A 1 44  ? 15.260  4.827   9.417   1.00 22.26 ? 44  LYS A CA  1 
ATOM   325  C C   . LYS A 1 44  ? 14.072  4.851   8.467   1.00 20.80 ? 44  LYS A C   1 
ATOM   326  O O   . LYS A 1 44  ? 13.799  3.871   7.776   1.00 27.76 ? 44  LYS A O   1 
ATOM   327  C CB  . LYS A 1 44  ? 16.564  4.858   8.620   1.00 21.92 ? 44  LYS A CB  1 
ATOM   328  C CG  . LYS A 1 44  ? 16.781  6.144   7.844   1.00 20.58 ? 44  LYS A CG  1 
ATOM   329  C CD  . LYS A 1 44  ? 16.892  7.328   8.789   1.00 32.34 ? 44  LYS A CD  1 
ATOM   330  C CE  . LYS A 1 44  ? 16.975  8.645   8.032   1.00 39.50 ? 44  LYS A CE  1 
ATOM   331  N NZ  . LYS A 1 44  ? 17.033  9.809   8.961   1.00 46.78 ? 44  LYS A NZ  1 
ATOM   332  N N   . LEU A 1 45  ? 13.361  5.971   8.442   1.00 22.62 ? 45  LEU A N   1 
ATOM   333  C CA  . LEU A 1 45  ? 12.263  6.150   7.504   1.00 21.56 ? 45  LEU A CA  1 
ATOM   334  C C   . LEU A 1 45  ? 12.797  6.801   6.237   1.00 25.06 ? 45  LEU A C   1 
ATOM   335  O O   . LEU A 1 45  ? 13.345  7.900   6.275   1.00 33.59 ? 45  LEU A O   1 
ATOM   336  C CB  . LEU A 1 45  ? 11.155  7.003   8.119   1.00 20.12 ? 45  LEU A CB  1 
ATOM   337  C CG  . LEU A 1 45  ? 9.869   7.118   7.299   1.00 21.91 ? 45  LEU A CG  1 
ATOM   338  C CD1 . LEU A 1 45  ? 9.278   5.741   7.027   1.00 20.60 ? 45  LEU A CD1 1 
ATOM   339  C CD2 . LEU A 1 45  ? 8.858   8.010   8.006   1.00 22.68 ? 45  LEU A CD2 1 
ATOM   340  N N   . LEU A 1 46  ? 12.641  6.111   5.115   1.00 21.22 ? 46  LEU A N   1 
ATOM   341  C CA  . LEU A 1 46  ? 13.209  6.573   3.858   1.00 20.97 ? 46  LEU A CA  1 
ATOM   342  C C   . LEU A 1 46  ? 12.237  6.342   2.708   1.00 23.68 ? 46  LEU A C   1 
ATOM   343  O O   . LEU A 1 46  ? 11.747  5.230   2.514   1.00 22.88 ? 46  LEU A O   1 
ATOM   344  C CB  . LEU A 1 46  ? 14.528  5.848   3.590   1.00 19.30 ? 46  LEU A CB  1 
ATOM   345  C CG  . LEU A 1 46  ? 15.249  6.148   2.276   1.00 30.21 ? 46  LEU A CG  1 
ATOM   346  C CD1 . LEU A 1 46  ? 15.761  7.580   2.249   1.00 25.67 ? 46  LEU A CD1 1 
ATOM   347  C CD2 . LEU A 1 46  ? 16.386  5.164   2.070   1.00 33.91 ? 46  LEU A CD2 1 
ATOM   348  N N   . ALA A 1 47  ? 11.959  7.396   1.949   1.00 21.77 ? 47  ALA A N   1 
ATOM   349  C CA  . ALA A 1 47  ? 11.022  7.310   0.835   1.00 22.54 ? 47  ALA A CA  1 
ATOM   350  C C   . ALA A 1 47  ? 11.616  6.535   -0.334  1.00 24.57 ? 47  ALA A C   1 
ATOM   351  O O   . ALA A 1 47  ? 12.570  6.985   -0.969  1.00 27.77 ? 47  ALA A O   1 
ATOM   352  C CB  . ALA A 1 47  ? 10.598  8.697   0.388   1.00 22.44 ? 47  ALA A CB  1 
ATOM   353  N N   . LEU A 1 48  ? 11.041  5.371   -0.615  1.00 22.08 ? 48  LEU A N   1 
ATOM   354  C CA  . LEU A 1 48  ? 11.475  4.555   -1.741  1.00 20.28 ? 48  LEU A CA  1 
ATOM   355  C C   . LEU A 1 48  ? 10.763  4.985   -3.020  1.00 22.21 ? 48  LEU A C   1 
ATOM   356  O O   . LEU A 1 48  ? 9.784   5.726   -2.972  1.00 23.41 ? 48  LEU A O   1 
ATOM   357  C CB  . LEU A 1 48  ? 11.236  3.073   -1.451  1.00 20.63 ? 48  LEU A CB  1 
ATOM   358  C CG  . LEU A 1 48  ? 12.033  2.534   -0.262  1.00 21.10 ? 48  LEU A CG  1 
ATOM   359  C CD1 . LEU A 1 48  ? 11.655  1.098   0.040   1.00 21.83 ? 48  LEU A CD1 1 
ATOM   360  C CD2 . LEU A 1 48  ? 13.524  2.646   -0.535  1.00 23.88 ? 48  LEU A CD2 1 
ATOM   361  N N   . SER A 1 49  ? 11.259  4.516   -4.160  1.00 22.00 ? 49  SER A N   1 
ATOM   362  C CA  . SER A 1 49  ? 10.786  4.999   -5.453  1.00 22.97 ? 49  SER A CA  1 
ATOM   363  C C   . SER A 1 49  ? 9.755   4.086   -6.110  1.00 23.63 ? 49  SER A C   1 
ATOM   364  O O   . SER A 1 49  ? 10.081  2.975   -6.525  1.00 24.12 ? 49  SER A O   1 
ATOM   365  C CB  . SER A 1 49  ? 11.969  5.197   -6.401  1.00 22.06 ? 49  SER A CB  1 
ATOM   366  O OG  . SER A 1 49  ? 11.526  5.578   -7.692  1.00 30.23 ? 49  SER A OG  1 
ATOM   367  N N   . PRO A 1 50  ? 8.501   4.557   -6.208  1.00 22.31 ? 50  PRO A N   1 
ATOM   368  C CA  . PRO A 1 50  ? 7.466   3.834   -6.951  1.00 21.15 ? 50  PRO A CA  1 
ATOM   369  C C   . PRO A 1 50  ? 7.712   3.902   -8.455  1.00 20.67 ? 50  PRO A C   1 
ATOM   370  O O   . PRO A 1 50  ? 7.298   3.000   -9.183  1.00 21.24 ? 50  PRO A O   1 
ATOM   371  C CB  . PRO A 1 50  ? 6.183   4.587   -6.585  1.00 18.76 ? 50  PRO A CB  1 
ATOM   372  C CG  . PRO A 1 50  ? 6.639   5.949   -6.199  1.00 18.79 ? 50  PRO A CG  1 
ATOM   373  C CD  . PRO A 1 50  ? 7.957   5.743   -5.524  1.00 23.20 ? 50  PRO A CD  1 
ATOM   374  N N   . GLN A 1 51  ? 8.384   4.958   -8.906  1.00 25.16 ? 51  GLN A N   1 
ATOM   375  C CA  . GLN A 1 51  ? 8.697   5.126   -10.322 1.00 27.03 ? 51  GLN A CA  1 
ATOM   376  C C   . GLN A 1 51  ? 9.598   4.000   -10.811 1.00 23.47 ? 51  GLN A C   1 
ATOM   377  O O   . GLN A 1 51  ? 9.423   3.488   -11.922 1.00 23.16 ? 51  GLN A O   1 
ATOM   378  C CB  . GLN A 1 51  ? 9.381   6.471   -10.564 1.00 26.53 ? 51  GLN A CB  1 
ATOM   379  C CG  . GLN A 1 51  ? 9.534   6.835   -12.031 1.00 23.18 ? 51  GLN A CG  1 
ATOM   380  C CD  . GLN A 1 51  ? 8.204   7.129   -12.698 1.00 27.50 ? 51  GLN A CD  1 
ATOM   381  O OE1 . GLN A 1 51  ? 7.468   8.022   -12.274 1.00 25.44 ? 51  GLN A OE1 1 
ATOM   382  N NE2 . GLN A 1 51  ? 7.884   6.374   -13.744 1.00 29.21 ? 51  GLN A NE2 1 
ATOM   383  N N   . ASN A 1 52  ? 10.563  3.630   -9.974  1.00 21.27 ? 52  ASN A N   1 
ATOM   384  C CA  . ASN A 1 52  ? 11.439  2.499   -10.245 1.00 24.52 ? 52  ASN A CA  1 
ATOM   385  C C   . ASN A 1 52  ? 10.629  1.244   -10.530 1.00 24.46 ? 52  ASN A C   1 
ATOM   386  O O   . ASN A 1 52  ? 10.935  0.503   -11.462 1.00 26.38 ? 52  ASN A O   1 
ATOM   387  C CB  . ASN A 1 52  ? 12.366  2.257   -9.053  1.00 22.21 ? 52  ASN A CB  1 
ATOM   388  C CG  . ASN A 1 52  ? 13.498  1.289   -9.369  1.00 23.92 ? 52  ASN A CG  1 
ATOM   389  O OD1 . ASN A 1 52  ? 13.967  1.218   -10.505 1.00 35.41 ? 52  ASN A OD1 1 
ATOM   390  N ND2 . ASN A 1 52  ? 13.949  0.545   -8.362  1.00 25.14 ? 52  ASN A ND2 1 
ATOM   391  N N   . LEU A 1 53  ? 9.598   1.017   -9.723  1.00 23.39 ? 53  LEU A N   1 
ATOM   392  C CA  . LEU A 1 53  ? 8.714   -0.121  -9.913  1.00 24.79 ? 53  LEU A CA  1 
ATOM   393  C C   . LEU A 1 53  ? 7.944   0.009   -11.223 1.00 23.42 ? 53  LEU A C   1 
ATOM   394  O O   . LEU A 1 53  ? 7.868   -0.939  -12.005 1.00 25.82 ? 53  LEU A O   1 
ATOM   395  C CB  . LEU A 1 53  ? 7.741   -0.233  -8.740  1.00 23.32 ? 53  LEU A CB  1 
ATOM   396  C CG  . LEU A 1 53  ? 8.370   -0.416  -7.358  1.00 20.18 ? 53  LEU A CG  1 
ATOM   397  C CD1 . LEU A 1 53  ? 7.295   -0.454  -6.288  1.00 18.61 ? 53  LEU A CD1 1 
ATOM   398  C CD2 . LEU A 1 53  ? 9.214   -1.680  -7.319  1.00 22.27 ? 53  LEU A CD2 1 
ATOM   399  N N   . VAL A 1 54  ? 7.380   1.189   -11.455 1.00 19.82 ? 54  VAL A N   1 
ATOM   400  C CA  . VAL A 1 54  ? 6.607   1.455   -12.664 1.00 22.54 ? 54  VAL A CA  1 
ATOM   401  C C   . VAL A 1 54  ? 7.399   1.144   -13.933 1.00 28.90 ? 54  VAL A C   1 
ATOM   402  O O   . VAL A 1 54  ? 6.867   0.575   -14.887 1.00 35.49 ? 54  VAL A O   1 
ATOM   403  C CB  . VAL A 1 54  ? 6.129   2.924   -12.704 1.00 23.82 ? 54  VAL A CB  1 
ATOM   404  C CG1 . VAL A 1 54  ? 5.464   3.243   -14.034 1.00 22.52 ? 54  VAL A CG1 1 
ATOM   405  C CG2 . VAL A 1 54  ? 5.178   3.200   -11.554 1.00 24.36 ? 54  VAL A CG2 1 
ATOM   406  N N   . ASP A 1 55  ? 8.680   1.497   -13.929 1.00 24.13 ? 55  ASP A N   1 
ATOM   407  C CA  . ASP A 1 55  ? 9.504   1.367   -15.124 1.00 23.83 ? 55  ASP A CA  1 
ATOM   408  C C   . ASP A 1 55  ? 10.195  0.011   -15.258 1.00 28.41 ? 55  ASP A C   1 
ATOM   409  O O   . ASP A 1 55  ? 10.342  -0.509  -16.364 1.00 32.52 ? 55  ASP A O   1 
ATOM   410  C CB  . ASP A 1 55  ? 10.550  2.482   -15.167 1.00 23.47 ? 55  ASP A CB  1 
ATOM   411  C CG  . ASP A 1 55  ? 9.927   3.859   -15.186 1.00 25.63 ? 55  ASP A CG  1 
ATOM   412  O OD1 . ASP A 1 55  ? 8.844   4.012   -15.791 1.00 27.74 ? 55  ASP A OD1 1 
ATOM   413  O OD2 . ASP A 1 55  ? 10.518  4.788   -14.597 1.00 26.79 ? 55  ASP A OD2 1 
ATOM   414  N N   . CYS A 1 56  ? 10.613  -0.562  -14.134 1.00 27.27 ? 56  CYS A N   1 
ATOM   415  C CA  . CYS A 1 56  ? 11.495  -1.724  -14.166 1.00 24.88 ? 56  CYS A CA  1 
ATOM   416  C C   . CYS A 1 56  ? 10.810  -3.069  -13.911 1.00 23.64 ? 56  CYS A C   1 
ATOM   417  O O   . CYS A 1 56  ? 11.353  -4.115  -14.262 1.00 22.74 ? 56  CYS A O   1 
ATOM   418  C CB  . CYS A 1 56  ? 12.663  -1.529  -13.198 1.00 26.38 ? 56  CYS A CB  1 
ATOM   419  S SG  . CYS A 1 56  ? 13.632  -0.034  -13.507 1.00 28.64 ? 56  CYS A SG  1 
ATOM   420  N N   . VAL A 1 57  ? 9.631   -3.051  -13.297 1.00 25.89 ? 57  VAL A N   1 
ATOM   421  C CA  . VAL A 1 57  ? 8.879   -4.289  -13.115 1.00 26.40 ? 57  VAL A CA  1 
ATOM   422  C C   . VAL A 1 57  ? 8.262   -4.690  -14.449 1.00 25.56 ? 57  VAL A C   1 
ATOM   423  O O   . VAL A 1 57  ? 7.196   -4.203  -14.828 1.00 31.73 ? 57  VAL A O   1 
ATOM   424  C CB  . VAL A 1 57  ? 7.780   -4.163  -12.042 1.00 24.05 ? 57  VAL A CB  1 
ATOM   425  C CG1 . VAL A 1 57  ? 7.029   -5.478  -11.898 1.00 20.36 ? 57  VAL A CG1 1 
ATOM   426  C CG2 . VAL A 1 57  ? 8.387   -3.756  -10.710 1.00 23.54 ? 57  VAL A CG2 1 
ATOM   427  N N   . THR A 1 58  ? 8.947   -5.578  -15.161 1.00 27.06 ? 58  THR A N   1 
ATOM   428  C CA  . THR A 1 58  ? 8.578   -5.913  -16.531 1.00 28.69 ? 58  THR A CA  1 
ATOM   429  C C   . THR A 1 58  ? 7.414   -6.896  -16.622 1.00 26.49 ? 58  THR A C   1 
ATOM   430  O O   . THR A 1 58  ? 6.958   -7.225  -17.716 1.00 27.52 ? 58  THR A O   1 
ATOM   431  C CB  . THR A 1 58  ? 9.782   -6.475  -17.306 1.00 27.59 ? 58  THR A CB  1 
ATOM   432  O OG1 . THR A 1 58  ? 10.153  -7.748  -16.761 1.00 30.72 ? 58  THR A OG1 1 
ATOM   433  C CG2 . THR A 1 58  ? 10.963  -5.521  -17.207 1.00 22.91 ? 58  THR A CG2 1 
ATOM   434  N N   . GLU A 1 59  ? 6.936   -7.364  -15.474 1.00 27.43 ? 59  GLU A N   1 
ATOM   435  C CA  . GLU A 1 59  ? 5.790   -8.265  -15.447 1.00 23.92 ? 59  GLU A CA  1 
ATOM   436  C C   . GLU A 1 59  ? 4.552   -7.556  -14.905 1.00 23.49 ? 59  GLU A C   1 
ATOM   437  O O   . GLU A 1 59  ? 3.519   -8.178  -14.657 1.00 28.35 ? 59  GLU A O   1 
ATOM   438  C CB  . GLU A 1 59  ? 6.110   -9.533  -14.655 1.00 21.96 ? 59  GLU A CB  1 
ATOM   439  C CG  . GLU A 1 59  ? 7.227   -10.361 -15.279 1.00 25.93 ? 59  GLU A CG  1 
ATOM   440  C CD  . GLU A 1 59  ? 7.548   -11.617 -14.492 1.00 33.07 ? 59  GLU A CD  1 
ATOM   441  O OE1 . GLU A 1 59  ? 6.776   -11.962 -13.573 1.00 35.41 ? 59  GLU A OE1 1 
ATOM   442  O OE2 . GLU A 1 59  ? 8.576   -12.260 -14.795 1.00 37.62 ? 59  GLU A OE2 1 
ATOM   443  N N   . ASN A 1 60  ? 4.675   -6.245  -14.721 1.00 21.41 ? 60  ASN A N   1 
ATOM   444  C CA  . ASN A 1 60  ? 3.523   -5.389  -14.469 1.00 20.69 ? 60  ASN A CA  1 
ATOM   445  C C   . ASN A 1 60  ? 3.265   -4.499  -15.681 1.00 23.34 ? 60  ASN A C   1 
ATOM   446  O O   . ASN A 1 60  ? 3.944   -4.624  -16.701 1.00 30.86 ? 60  ASN A O   1 
ATOM   447  C CB  . ASN A 1 60  ? 3.717   -4.552  -13.205 1.00 25.74 ? 60  ASN A CB  1 
ATOM   448  C CG  . ASN A 1 60  ? 3.426   -5.334  -11.937 1.00 22.94 ? 60  ASN A CG  1 
ATOM   449  O OD1 . ASN A 1 60  ? 2.748   -6.362  -11.969 1.00 20.27 ? 60  ASN A OD1 1 
ATOM   450  N ND2 . ASN A 1 60  ? 3.928   -4.844  -10.809 1.00 20.05 ? 60  ASN A ND2 1 
ATOM   451  N N   . TYR A 1 61  ? 2.294   -3.600  -15.573 1.00 22.21 ? 61  TYR A N   1 
ATOM   452  C CA  . TYR A 1 61  ? 1.857   -2.823  -16.731 1.00 22.93 ? 61  TYR A CA  1 
ATOM   453  C C   . TYR A 1 61  ? 2.222   -1.343  -16.644 1.00 22.60 ? 61  TYR A C   1 
ATOM   454  O O   . TYR A 1 61  ? 1.640   -0.513  -17.342 1.00 22.75 ? 61  TYR A O   1 
ATOM   455  C CB  . TYR A 1 61  ? 0.348   -2.982  -16.931 1.00 20.15 ? 61  TYR A CB  1 
ATOM   456  C CG  . TYR A 1 61  ? -0.104  -4.424  -16.944 1.00 21.87 ? 61  TYR A CG  1 
ATOM   457  C CD1 . TYR A 1 61  ? 0.607   -5.388  -17.646 1.00 22.64 ? 61  TYR A CD1 1 
ATOM   458  C CD2 . TYR A 1 61  ? -1.233  -4.825  -16.241 1.00 24.01 ? 61  TYR A CD2 1 
ATOM   459  C CE1 . TYR A 1 61  ? 0.203   -6.707  -17.658 1.00 23.58 ? 61  TYR A CE1 1 
ATOM   460  C CE2 . TYR A 1 61  ? -1.646  -6.144  -16.245 1.00 24.39 ? 61  TYR A CE2 1 
ATOM   461  C CZ  . TYR A 1 61  ? -0.924  -7.080  -16.956 1.00 23.50 ? 61  TYR A CZ  1 
ATOM   462  O OH  . TYR A 1 61  ? -1.325  -8.395  -16.968 1.00 29.13 ? 61  TYR A OH  1 
ATOM   463  N N   . GLY A 1 62  ? 3.192   -1.019  -15.793 1.00 27.03 ? 62  GLY A N   1 
ATOM   464  C CA  . GLY A 1 62  ? 3.622   0.356   -15.614 1.00 23.03 ? 62  GLY A CA  1 
ATOM   465  C C   . GLY A 1 62  ? 2.501   1.238   -15.104 1.00 23.56 ? 62  GLY A C   1 
ATOM   466  O O   . GLY A 1 62  ? 1.937   0.988   -14.039 1.00 29.21 ? 62  GLY A O   1 
ATOM   467  N N   . CYS A 1 63  ? 2.167   2.269   -15.874 1.00 25.28 ? 63  CYS A N   1 
ATOM   468  C CA  . CYS A 1 63  ? 1.073   3.167   -15.518 1.00 26.57 ? 63  CYS A CA  1 
ATOM   469  C C   . CYS A 1 63  ? -0.278  2.593   -15.938 1.00 28.48 ? 63  CYS A C   1 
ATOM   470  O O   . CYS A 1 63  ? -1.290  3.293   -15.923 1.00 30.09 ? 63  CYS A O   1 
ATOM   471  C CB  . CYS A 1 63  ? 1.273   4.544   -16.156 1.00 30.84 ? 63  CYS A CB  1 
ATOM   472  S SG  . CYS A 1 63  ? 2.588   5.541   -15.416 1.00 32.75 ? 63  CYS A SG  1 
ATOM   473  N N   . GLY A 1 64  ? -0.287  1.319   -16.316 1.00 24.38 ? 64  GLY A N   1 
ATOM   474  C CA  . GLY A 1 64  ? -1.501  0.662   -16.760 1.00 25.65 ? 64  GLY A CA  1 
ATOM   475  C C   . GLY A 1 64  ? -2.009  -0.375  -15.777 1.00 25.55 ? 64  GLY A C   1 
ATOM   476  O O   . GLY A 1 64  ? -2.997  -1.059  -16.039 1.00 28.36 ? 64  GLY A O   1 
ATOM   477  N N   . GLY A 1 65  ? -1.328  -0.494  -14.641 1.00 21.55 ? 65  GLY A N   1 
ATOM   478  C CA  . GLY A 1 65  ? -1.724  -1.438  -13.612 1.00 18.19 ? 65  GLY A CA  1 
ATOM   479  C C   . GLY A 1 65  ? -0.603  -2.374  -13.205 1.00 21.27 ? 65  GLY A C   1 
ATOM   480  O O   . GLY A 1 65  ? 0.495   -2.325  -13.759 1.00 22.73 ? 65  GLY A O   1 
ATOM   481  N N   . GLY A 1 66  ? -0.880  -3.230  -12.226 1.00 22.07 ? 66  GLY A N   1 
ATOM   482  C CA  . GLY A 1 66  ? 0.100   -4.193  -11.759 1.00 19.76 ? 66  GLY A CA  1 
ATOM   483  C C   . GLY A 1 66  ? -0.247  -4.776  -10.402 1.00 19.11 ? 66  GLY A C   1 
ATOM   484  O O   . GLY A 1 66  ? -1.237  -4.387  -9.784  1.00 19.46 ? 66  GLY A O   1 
ATOM   485  N N   . TYR A 1 67  ? 0.569   -5.719  -9.946  1.00 20.13 ? 67  TYR A N   1 
ATOM   486  C CA  . TYR A 1 67  ? 0.385   -6.328  -8.635  1.00 23.46 ? 67  TYR A CA  1 
ATOM   487  C C   . TYR A 1 67  ? 1.540   -5.954  -7.713  1.00 25.09 ? 67  TYR A C   1 
ATOM   488  O O   . TYR A 1 67  ? 2.628   -5.615  -8.176  1.00 28.38 ? 67  TYR A O   1 
ATOM   489  C CB  . TYR A 1 67  ? 0.291   -7.852  -8.750  1.00 27.27 ? 67  TYR A CB  1 
ATOM   490  C CG  . TYR A 1 67  ? -0.968  -8.361  -9.418  1.00 32.59 ? 67  TYR A CG  1 
ATOM   491  C CD1 . TYR A 1 67  ? -2.025  -7.508  -9.706  1.00 27.55 ? 67  TYR A CD1 1 
ATOM   492  C CD2 . TYR A 1 67  ? -1.101  -9.703  -9.747  1.00 37.00 ? 67  TYR A CD2 1 
ATOM   493  C CE1 . TYR A 1 67  ? -3.175  -7.976  -10.313 1.00 37.31 ? 67  TYR A CE1 1 
ATOM   494  C CE2 . TYR A 1 67  ? -2.247  -10.181 -10.353 1.00 35.83 ? 67  TYR A CE2 1 
ATOM   495  C CZ  . TYR A 1 67  ? -3.282  -9.314  -10.634 1.00 44.32 ? 67  TYR A CZ  1 
ATOM   496  O OH  . TYR A 1 67  ? -4.426  -9.785  -11.238 1.00 46.31 ? 67  TYR A OH  1 
ATOM   497  N N   . MET A 1 68  ? 1.304   -6.024  -6.407  1.00 22.68 ? 68  MET A N   1 
ATOM   498  C CA  . MET A 1 68  ? 2.340   -5.700  -5.432  1.00 22.49 ? 68  MET A CA  1 
ATOM   499  C C   . MET A 1 68  ? 3.311   -6.860  -5.237  1.00 22.07 ? 68  MET A C   1 
ATOM   500  O O   . MET A 1 68  ? 4.505   -6.652  -5.012  1.00 23.70 ? 68  MET A O   1 
ATOM   501  C CB  . MET A 1 68  ? 1.721   -5.295  -4.091  1.00 21.92 ? 68  MET A CB  1 
ATOM   502  C CG  . MET A 1 68  ? 0.987   -3.964  -4.124  1.00 23.46 ? 68  MET A CG  1 
ATOM   503  S SD  . MET A 1 68  ? -0.589  -4.044  -4.992  1.00 44.87 ? 68  MET A SD  1 
ATOM   504  C CE  . MET A 1 68  ? -1.595  -4.906  -3.785  1.00 31.94 ? 68  MET A CE  1 
ATOM   505  N N   . THR A 1 69  ? 2.789   -8.080  -5.321  1.00 23.07 ? 69  THR A N   1 
ATOM   506  C CA  . THR A 1 69  ? 3.606   -9.279  -5.172  1.00 27.00 ? 69  THR A CA  1 
ATOM   507  C C   . THR A 1 69  ? 4.683   -9.345  -6.251  1.00 26.14 ? 69  THR A C   1 
ATOM   508  O O   . THR A 1 69  ? 5.841   -9.670  -5.975  1.00 27.91 ? 69  THR A O   1 
ATOM   509  C CB  . THR A 1 69  ? 2.746   -10.555 -5.237  1.00 26.21 ? 69  THR A CB  1 
ATOM   510  O OG1 . THR A 1 69  ? 1.976   -10.553 -6.445  1.00 21.78 ? 69  THR A OG1 1 
ATOM   511  C CG2 . THR A 1 69  ? 1.804   -10.623 -4.044  1.00 21.87 ? 69  THR A CG2 1 
ATOM   512  N N   . THR A 1 70  ? 4.292   -9.023  -7.480  1.00 24.97 ? 70  THR A N   1 
ATOM   513  C CA  . THR A 1 70  ? 5.218   -9.020  -8.604  1.00 23.93 ? 70  THR A CA  1 
ATOM   514  C C   . THR A 1 70  ? 6.296   -7.961  -8.397  1.00 26.17 ? 70  THR A C   1 
ATOM   515  O O   . THR A 1 70  ? 7.451   -8.146  -8.788  1.00 32.81 ? 70  THR A O   1 
ATOM   516  C CB  . THR A 1 70  ? 4.486   -8.752  -9.932  1.00 22.46 ? 70  THR A CB  1 
ATOM   517  O OG1 . THR A 1 70  ? 3.286   -9.534  -9.986  1.00 24.29 ? 70  THR A OG1 1 
ATOM   518  C CG2 . THR A 1 70  ? 5.373   -9.110  -11.112 1.00 23.63 ? 70  THR A CG2 1 
ATOM   519  N N   . ALA A 1 71  ? 5.910   -6.853  -7.771  1.00 21.09 ? 71  ALA A N   1 
ATOM   520  C CA  . ALA A 1 71  ? 6.845   -5.776  -7.472  1.00 19.60 ? 71  ALA A CA  1 
ATOM   521  C C   . ALA A 1 71  ? 7.859   -6.215  -6.423  1.00 21.38 ? 71  ALA A C   1 
ATOM   522  O O   . ALA A 1 71  ? 9.050   -5.927  -6.542  1.00 24.72 ? 71  ALA A O   1 
ATOM   523  C CB  . ALA A 1 71  ? 6.096   -4.538  -7.005  1.00 22.84 ? 71  ALA A CB  1 
ATOM   524  N N   . PHE A 1 72  ? 7.380   -6.910  -5.396  1.00 23.36 ? 72  PHE A N   1 
ATOM   525  C CA  . PHE A 1 72  ? 8.254   -7.423  -4.346  1.00 23.95 ? 72  PHE A CA  1 
ATOM   526  C C   . PHE A 1 72  ? 9.240   -8.417  -4.939  1.00 24.40 ? 72  PHE A C   1 
ATOM   527  O O   . PHE A 1 72  ? 10.431  -8.411  -4.609  1.00 26.34 ? 72  PHE A O   1 
ATOM   528  C CB  . PHE A 1 72  ? 7.437   -8.100  -3.246  1.00 26.33 ? 72  PHE A CB  1 
ATOM   529  C CG  . PHE A 1 72  ? 6.445   -7.192  -2.580  1.00 24.08 ? 72  PHE A CG  1 
ATOM   530  C CD1 . PHE A 1 72  ? 6.682   -5.830  -2.499  1.00 22.57 ? 72  PHE A CD1 1 
ATOM   531  C CD2 . PHE A 1 72  ? 5.276   -7.699  -2.039  1.00 23.47 ? 72  PHE A CD2 1 
ATOM   532  C CE1 . PHE A 1 72  ? 5.771   -4.990  -1.891  1.00 22.98 ? 72  PHE A CE1 1 
ATOM   533  C CE2 . PHE A 1 72  ? 4.361   -6.863  -1.428  1.00 27.09 ? 72  PHE A CE2 1 
ATOM   534  C CZ  . PHE A 1 72  ? 4.610   -5.507  -1.354  1.00 25.91 ? 72  PHE A CZ  1 
ATOM   535  N N   . GLN A 1 73  ? 8.730   -9.267  -5.825  1.00 25.17 ? 73  GLN A N   1 
ATOM   536  C CA  . GLN A 1 73  ? 9.556   -10.253 -6.506  1.00 26.08 ? 73  GLN A CA  1 
ATOM   537  C C   . GLN A 1 73  ? 10.615  -9.546  -7.344  1.00 26.99 ? 73  GLN A C   1 
ATOM   538  O O   . GLN A 1 73  ? 11.767  -9.989  -7.412  1.00 28.70 ? 73  GLN A O   1 
ATOM   539  C CB  . GLN A 1 73  ? 8.688   -11.154 -7.382  1.00 30.70 ? 73  GLN A CB  1 
ATOM   540  C CG  . GLN A 1 73  ? 9.226   -12.564 -7.548  1.00 35.30 ? 73  GLN A CG  1 
ATOM   541  C CD  . GLN A 1 73  ? 8.117   -13.593 -7.657  1.00 44.47 ? 73  GLN A CD  1 
ATOM   542  O OE1 . GLN A 1 73  ? 6.934   -13.251 -7.656  1.00 40.72 ? 73  GLN A OE1 1 
ATOM   543  N NE2 . GLN A 1 73  ? 8.494   -14.864 -7.743  1.00 47.24 ? 73  GLN A NE2 1 
ATOM   544  N N   . TYR A 1 74  ? 10.221  -8.438  -7.968  1.00 24.20 ? 74  TYR A N   1 
ATOM   545  C CA  . TYR A 1 74  ? 11.166  -7.624  -8.723  1.00 24.38 ? 74  TYR A CA  1 
ATOM   546  C C   . TYR A 1 74  ? 12.277  -7.106  -7.828  1.00 23.48 ? 74  TYR A C   1 
ATOM   547  O O   . TYR A 1 74  ? 13.449  -7.257  -8.148  1.00 25.49 ? 74  TYR A O   1 
ATOM   548  C CB  . TYR A 1 74  ? 10.485  -6.436  -9.402  1.00 25.37 ? 74  TYR A CB  1 
ATOM   549  C CG  . TYR A 1 74  ? 11.470  -5.330  -9.726  1.00 26.96 ? 74  TYR A CG  1 
ATOM   550  C CD1 . TYR A 1 74  ? 12.343  -5.447  -10.799 1.00 23.78 ? 74  TYR A CD1 1 
ATOM   551  C CD2 . TYR A 1 74  ? 11.541  -4.182  -8.945  1.00 25.30 ? 74  TYR A CD2 1 
ATOM   552  C CE1 . TYR A 1 74  ? 13.254  -4.449  -11.092 1.00 21.98 ? 74  TYR A CE1 1 
ATOM   553  C CE2 . TYR A 1 74  ? 12.449  -3.179  -9.230  1.00 28.72 ? 74  TYR A CE2 1 
ATOM   554  C CZ  . TYR A 1 74  ? 13.301  -3.318  -10.305 1.00 25.87 ? 74  TYR A CZ  1 
ATOM   555  O OH  . TYR A 1 74  ? 14.205  -2.321  -10.593 1.00 33.05 ? 74  TYR A OH  1 
ATOM   556  N N   . VAL A 1 75  ? 11.904  -6.475  -6.718  1.00 26.24 ? 75  VAL A N   1 
ATOM   557  C CA  . VAL A 1 75  ? 12.885  -5.905  -5.800  1.00 26.58 ? 75  VAL A CA  1 
ATOM   558  C C   . VAL A 1 75  ? 13.843  -6.982  -5.302  1.00 28.10 ? 75  VAL A C   1 
ATOM   559  O O   . VAL A 1 75  ? 15.038  -6.740  -5.139  1.00 32.13 ? 75  VAL A O   1 
ATOM   560  C CB  . VAL A 1 75  ? 12.210  -5.208  -4.604  1.00 25.45 ? 75  VAL A CB  1 
ATOM   561  C CG1 . VAL A 1 75  ? 13.252  -4.635  -3.657  1.00 26.34 ? 75  VAL A CG1 1 
ATOM   562  C CG2 . VAL A 1 75  ? 11.281  -4.110  -5.090  1.00 23.94 ? 75  VAL A CG2 1 
ATOM   563  N N   . GLN A 1 76  ? 13.311  -8.180  -5.082  1.00 28.25 ? 76  GLN A N   1 
ATOM   564  C CA  . GLN A 1 76  ? 14.136  -9.302  -4.652  1.00 28.82 ? 76  GLN A CA  1 
ATOM   565  C C   . GLN A 1 76  ? 15.147  -9.722  -5.718  1.00 31.31 ? 76  GLN A C   1 
ATOM   566  O O   . GLN A 1 76  ? 16.348  -9.781  -5.455  1.00 29.63 ? 76  GLN A O   1 
ATOM   567  C CB  . GLN A 1 76  ? 13.264  -10.496 -4.277  1.00 27.11 ? 76  GLN A CB  1 
ATOM   568  C CG  . GLN A 1 76  ? 14.060  -11.731 -3.900  1.00 29.03 ? 76  GLN A CG  1 
ATOM   569  C CD  . GLN A 1 76  ? 13.180  -12.933 -3.631  1.00 28.48 ? 76  GLN A CD  1 
ATOM   570  O OE1 . GLN A 1 76  ? 11.984  -12.918 -3.925  1.00 26.53 ? 76  GLN A OE1 1 
ATOM   571  N NE2 . GLN A 1 76  ? 13.766  -13.982 -3.068  1.00 29.28 ? 76  GLN A NE2 1 
ATOM   572  N N   . GLN A 1 77  ? 14.658  -10.013 -6.919  1.00 32.89 ? 77  GLN A N   1 
ATOM   573  C CA  . GLN A 1 77  ? 15.515  -10.549 -7.977  1.00 33.01 ? 77  GLN A CA  1 
ATOM   574  C C   . GLN A 1 77  ? 16.485  -9.523  -8.564  1.00 27.20 ? 77  GLN A C   1 
ATOM   575  O O   . GLN A 1 77  ? 17.560  -9.875  -9.047  1.00 29.04 ? 77  GLN A O   1 
ATOM   576  C CB  . GLN A 1 77  ? 14.666  -11.184 -9.078  1.00 34.91 ? 77  GLN A CB  1 
ATOM   577  C CG  . GLN A 1 77  ? 13.969  -12.457 -8.635  1.00 37.70 ? 77  GLN A CG  1 
ATOM   578  C CD  . GLN A 1 77  ? 12.795  -12.819 -9.518  1.00 51.70 ? 77  GLN A CD  1 
ATOM   579  O OE1 . GLN A 1 77  ? 12.558  -12.187 -10.550 1.00 48.90 ? 77  GLN A OE1 1 
ATOM   580  N NE2 . GLN A 1 77  ? 12.044  -13.837 -9.113  1.00 57.36 ? 77  GLN A NE2 1 
ATOM   581  N N   . ASN A 1 78  ? 16.101  -8.254  -8.512  1.00 23.64 ? 78  ASN A N   1 
ATOM   582  C CA  . ASN A 1 78  ? 16.945  -7.172  -8.997  1.00 24.56 ? 78  ASN A CA  1 
ATOM   583  C C   . ASN A 1 78  ? 18.025  -6.834  -7.977  1.00 29.20 ? 78  ASN A C   1 
ATOM   584  O O   . ASN A 1 78  ? 19.071  -6.278  -8.314  1.00 23.57 ? 78  ASN A O   1 
ATOM   585  C CB  . ASN A 1 78  ? 16.091  -5.941  -9.313  1.00 24.11 ? 78  ASN A CB  1 
ATOM   586  C CG  . ASN A 1 78  ? 16.914  -4.758  -9.772  1.00 27.06 ? 78  ASN A CG  1 
ATOM   587  O OD1 . ASN A 1 78  ? 17.478  -4.765  -10.865 1.00 32.41 ? 78  ASN A OD1 1 
ATOM   588  N ND2 . ASN A 1 78  ? 16.980  -3.726  -8.939  1.00 26.64 ? 78  ASN A ND2 1 
ATOM   589  N N   . GLY A 1 79  ? 17.766  -7.186  -6.723  1.00 26.79 ? 79  GLY A N   1 
ATOM   590  C CA  . GLY A 1 79  ? 18.728  -6.987  -5.658  1.00 22.54 ? 79  GLY A CA  1 
ATOM   591  C C   . GLY A 1 79  ? 18.712  -5.588  -5.078  1.00 25.36 ? 79  GLY A C   1 
ATOM   592  O O   . GLY A 1 79  ? 19.727  -5.107  -4.578  1.00 24.58 ? 79  GLY A O   1 
ATOM   593  N N   . GLY A 1 80  ? 17.560  -4.930  -5.143  1.00 29.28 ? 80  GLY A N   1 
ATOM   594  C CA  . GLY A 1 80  ? 17.423  -3.610  -4.558  1.00 27.63 ? 80  GLY A CA  1 
ATOM   595  C C   . GLY A 1 80  ? 16.422  -2.695  -5.237  1.00 26.18 ? 80  GLY A C   1 
ATOM   596  O O   . GLY A 1 80  ? 15.925  -2.981  -6.326  1.00 24.91 ? 80  GLY A O   1 
ATOM   597  N N   . ILE A 1 81  ? 16.127  -1.584  -4.570  1.00 24.30 ? 81  ILE A N   1 
ATOM   598  C CA  . ILE A 1 81  ? 15.232  -0.566  -5.102  1.00 22.03 ? 81  ILE A CA  1 
ATOM   599  C C   . ILE A 1 81  ? 15.762  0.816   -4.721  1.00 22.91 ? 81  ILE A C   1 
ATOM   600  O O   . ILE A 1 81  ? 16.378  0.986   -3.669  1.00 26.77 ? 81  ILE A O   1 
ATOM   601  C CB  . ILE A 1 81  ? 13.782  -0.761  -4.592  1.00 23.64 ? 81  ILE A CB  1 
ATOM   602  C CG1 . ILE A 1 81  ? 12.817  0.177   -5.322  1.00 19.90 ? 81  ILE A CG1 1 
ATOM   603  C CG2 . ILE A 1 81  ? 13.702  -0.580  -3.077  1.00 24.37 ? 81  ILE A CG2 1 
ATOM   604  C CD1 . ILE A 1 81  ? 11.384  0.060   -4.851  1.00 22.72 ? 81  ILE A CD1 1 
ATOM   605  N N   . ASP A 1 82  ? 15.537  1.796   -5.590  1.00 22.47 ? 82  ASP A N   1 
ATOM   606  C CA  . ASP A 1 82  ? 16.079  3.135   -5.392  1.00 22.45 ? 82  ASP A CA  1 
ATOM   607  C C   . ASP A 1 82  ? 15.222  3.981   -4.462  1.00 23.39 ? 82  ASP A C   1 
ATOM   608  O O   . ASP A 1 82  ? 14.052  3.681   -4.229  1.00 24.19 ? 82  ASP A O   1 
ATOM   609  C CB  . ASP A 1 82  ? 16.245  3.845   -6.737  1.00 20.88 ? 82  ASP A CB  1 
ATOM   610  C CG  . ASP A 1 82  ? 17.344  3.236   -7.583  1.00 28.52 ? 82  ASP A CG  1 
ATOM   611  O OD1 . ASP A 1 82  ? 17.894  2.195   -7.174  1.00 32.31 ? 82  ASP A OD1 1 
ATOM   612  O OD2 . ASP A 1 82  ? 17.655  3.793   -8.657  1.00 29.42 ? 82  ASP A OD2 1 
ATOM   613  N N   . SER A 1 83  ? 15.819  5.043   -3.934  1.00 21.47 ? 83  SER A N   1 
ATOM   614  C CA  . SER A 1 83  ? 15.098  6.000   -3.108  1.00 22.10 ? 83  SER A CA  1 
ATOM   615  C C   . SER A 1 83  ? 14.283  6.930   -3.995  1.00 24.58 ? 83  SER A C   1 
ATOM   616  O O   . SER A 1 83  ? 14.486  6.975   -5.208  1.00 26.15 ? 83  SER A O   1 
ATOM   617  C CB  . SER A 1 83  ? 16.080  6.815   -2.268  1.00 27.47 ? 83  SER A CB  1 
ATOM   618  O OG  . SER A 1 83  ? 17.000  7.505   -3.095  1.00 27.21 ? 83  SER A OG  1 
ATOM   619  N N   . GLU A 1 84  ? 13.363  7.671   -3.390  1.00 27.57 ? 84  GLU A N   1 
ATOM   620  C CA  . GLU A 1 84  ? 12.561  8.630   -4.139  1.00 28.53 ? 84  GLU A CA  1 
ATOM   621  C C   . GLU A 1 84  ? 13.435  9.766   -4.651  1.00 27.42 ? 84  GLU A C   1 
ATOM   622  O O   . GLU A 1 84  ? 13.239  10.261  -5.759  1.00 25.66 ? 84  GLU A O   1 
ATOM   623  C CB  . GLU A 1 84  ? 11.422  9.183   -3.276  1.00 29.42 ? 84  GLU A CB  1 
ATOM   624  C CG  . GLU A 1 84  ? 10.568  10.242  -3.968  1.00 29.08 ? 84  GLU A CG  1 
ATOM   625  C CD  . GLU A 1 84  ? 9.809   9.699   -5.165  1.00 30.35 ? 84  GLU A CD  1 
ATOM   626  O OE1 . GLU A 1 84  ? 9.572   8.475   -5.213  1.00 33.88 ? 84  GLU A OE1 1 
ATOM   627  O OE2 . GLU A 1 84  ? 9.450   10.493  -6.059  1.00 30.40 ? 84  GLU A OE2 1 
ATOM   628  N N   . ASP A 1 85  ? 14.407  10.172  -3.840  1.00 28.74 ? 85  ASP A N   1 
ATOM   629  C CA  . ASP A 1 85  ? 15.325  11.244  -4.210  1.00 30.92 ? 85  ASP A CA  1 
ATOM   630  C C   . ASP A 1 85  ? 16.149  10.892  -5.447  1.00 30.52 ? 85  ASP A C   1 
ATOM   631  O O   . ASP A 1 85  ? 16.343  11.724  -6.336  1.00 23.90 ? 85  ASP A O   1 
ATOM   632  C CB  . ASP A 1 85  ? 16.259  11.571  -3.044  1.00 28.29 ? 85  ASP A CB  1 
ATOM   633  C CG  . ASP A 1 85  ? 15.565  12.344  -1.939  1.00 44.35 ? 85  ASP A CG  1 
ATOM   634  O OD1 . ASP A 1 85  ? 14.317  12.392  -1.937  1.00 45.41 ? 85  ASP A OD1 1 
ATOM   635  O OD2 . ASP A 1 85  ? 16.271  12.902  -1.072  1.00 44.46 ? 85  ASP A OD2 1 
ATOM   636  N N   . ALA A 1 86  ? 16.626  9.653   -5.494  1.00 26.42 ? 86  ALA A N   1 
ATOM   637  C CA  . ALA A 1 86  ? 17.453  9.185   -6.596  1.00 21.29 ? 86  ALA A CA  1 
ATOM   638  C C   . ALA A 1 86  ? 16.632  8.892   -7.852  1.00 24.25 ? 86  ALA A C   1 
ATOM   639  O O   . ALA A 1 86  ? 17.083  9.147   -8.967  1.00 29.82 ? 86  ALA A O   1 
ATOM   640  C CB  . ALA A 1 86  ? 18.246  7.959   -6.173  1.00 20.62 ? 86  ALA A CB  1 
ATOM   641  N N   . TYR A 1 87  ? 15.426  8.364   -7.666  1.00 25.21 ? 87  TYR A N   1 
ATOM   642  C CA  . TYR A 1 87  ? 14.558  8.018   -8.782  1.00 23.05 ? 87  TYR A CA  1 
ATOM   643  C C   . TYR A 1 87  ? 13.167  8.606   -8.549  1.00 26.26 ? 87  TYR A C   1 
ATOM   644  O O   . TYR A 1 87  ? 12.245  7.887   -8.164  1.00 27.78 ? 87  TYR A O   1 
ATOM   645  C CB  . TYR A 1 87  ? 14.464  6.498   -8.900  1.00 20.37 ? 87  TYR A CB  1 
ATOM   646  C CG  . TYR A 1 87  ? 14.119  5.973   -10.273 1.00 21.64 ? 87  TYR A CG  1 
ATOM   647  C CD1 . TYR A 1 87  ? 13.444  6.762   -11.195 1.00 23.28 ? 87  TYR A CD1 1 
ATOM   648  C CD2 . TYR A 1 87  ? 14.469  4.677   -10.643 1.00 24.51 ? 87  TYR A CD2 1 
ATOM   649  C CE1 . TYR A 1 87  ? 13.126  6.284   -12.437 1.00 25.57 ? 87  TYR A CE1 1 
ATOM   650  C CE2 . TYR A 1 87  ? 14.155  4.184   -11.895 1.00 22.75 ? 87  TYR A CE2 1 
ATOM   651  C CZ  . TYR A 1 87  ? 13.481  5.000   -12.787 1.00 24.70 ? 87  TYR A CZ  1 
ATOM   652  O OH  . TYR A 1 87  ? 13.147  4.556   -14.042 1.00 27.78 ? 87  TYR A OH  1 
ATOM   653  N N   . PRO A 1 88  ? 13.013  9.919   -8.790  1.00 24.83 ? 88  PRO A N   1 
ATOM   654  C CA  . PRO A 1 88  ? 11.767  10.654  -8.525  1.00 23.20 ? 88  PRO A CA  1 
ATOM   655  C C   . PRO A 1 88  ? 10.569  10.143  -9.327  1.00 27.74 ? 88  PRO A C   1 
ATOM   656  O O   . PRO A 1 88  ? 10.733  9.545   -10.392 1.00 29.15 ? 88  PRO A O   1 
ATOM   657  C CB  . PRO A 1 88  ? 12.107  12.091  -8.950  1.00 19.95 ? 88  PRO A CB  1 
ATOM   658  C CG  . PRO A 1 88  ? 13.604  12.154  -8.968  1.00 24.89 ? 88  PRO A CG  1 
ATOM   659  C CD  . PRO A 1 88  ? 14.046  10.788  -9.377  1.00 22.56 ? 88  PRO A CD  1 
ATOM   660  N N   . TYR A 1 89  ? 9.374   10.384  -8.799  1.00 27.78 ? 89  TYR A N   1 
ATOM   661  C CA  . TYR A 1 89  ? 8.135   10.021  -9.475  1.00 24.15 ? 89  TYR A CA  1 
ATOM   662  C C   . TYR A 1 89  ? 7.722   11.119  -10.449 1.00 21.71 ? 89  TYR A C   1 
ATOM   663  O O   . TYR A 1 89  ? 7.641   12.292  -10.081 1.00 23.69 ? 89  TYR A O   1 
ATOM   664  C CB  . TYR A 1 89  ? 7.030   9.773   -8.446  1.00 22.04 ? 89  TYR A CB  1 
ATOM   665  C CG  . TYR A 1 89  ? 5.714   9.338   -9.043  1.00 23.08 ? 89  TYR A CG  1 
ATOM   666  C CD1 . TYR A 1 89  ? 5.525   8.034   -9.482  1.00 24.04 ? 89  TYR A CD1 1 
ATOM   667  C CD2 . TYR A 1 89  ? 4.655   10.229  -9.160  1.00 22.11 ? 89  TYR A CD2 1 
ATOM   668  C CE1 . TYR A 1 89  ? 4.321   7.631   -10.028 1.00 19.76 ? 89  TYR A CE1 1 
ATOM   669  C CE2 . TYR A 1 89  ? 3.447   9.836   -9.704  1.00 20.11 ? 89  TYR A CE2 1 
ATOM   670  C CZ  . TYR A 1 89  ? 3.286   8.536   -10.135 1.00 19.75 ? 89  TYR A CZ  1 
ATOM   671  O OH  . TYR A 1 89  ? 2.088   8.135   -10.679 1.00 21.33 ? 89  TYR A OH  1 
ATOM   672  N N   . VAL A 1 90  ? 7.476   10.737  -11.697 1.00 23.64 ? 90  VAL A N   1 
ATOM   673  C CA  . VAL A 1 90  ? 7.076   11.698  -12.718 1.00 28.54 ? 90  VAL A CA  1 
ATOM   674  C C   . VAL A 1 90  ? 5.680   11.405  -13.260 1.00 24.85 ? 90  VAL A C   1 
ATOM   675  O O   . VAL A 1 90  ? 5.112   12.211  -13.994 1.00 28.73 ? 90  VAL A O   1 
ATOM   676  C CB  . VAL A 1 90  ? 8.093   11.764  -13.876 1.00 27.43 ? 90  VAL A CB  1 
ATOM   677  C CG1 . VAL A 1 90  ? 9.424   12.297  -13.373 1.00 21.73 ? 90  VAL A CG1 1 
ATOM   678  C CG2 . VAL A 1 90  ? 8.263   10.396  -14.526 1.00 22.97 ? 90  VAL A CG2 1 
ATOM   679  N N   . GLY A 1 91  ? 5.134   10.248  -12.901 1.00 19.80 ? 91  GLY A N   1 
ATOM   680  C CA  . GLY A 1 91  ? 3.756   9.924   -13.223 1.00 27.89 ? 91  GLY A CA  1 
ATOM   681  C C   . GLY A 1 91  ? 3.498   9.484   -14.650 1.00 34.44 ? 91  GLY A C   1 
ATOM   682  O O   . GLY A 1 91  ? 2.375   9.595   -15.143 1.00 33.16 ? 91  GLY A O   1 
ATOM   683  N N   . GLN A 1 92  ? 4.528   8.982   -15.321 1.00 36.31 ? 92  GLN A N   1 
ATOM   684  C CA  . GLN A 1 92  ? 4.364   8.486   -16.685 1.00 34.68 ? 92  GLN A CA  1 
ATOM   685  C C   . GLN A 1 92  ? 5.369   7.390   -17.023 1.00 28.55 ? 92  GLN A C   1 
ATOM   686  O O   . GLN A 1 92  ? 6.431   7.297   -16.410 1.00 32.08 ? 92  GLN A O   1 
ATOM   687  C CB  . GLN A 1 92  ? 4.452   9.634   -17.695 1.00 37.45 ? 92  GLN A CB  1 
ATOM   688  C CG  . GLN A 1 92  ? 5.777   10.375  -17.693 1.00 38.30 ? 92  GLN A CG  1 
ATOM   689  C CD  . GLN A 1 92  ? 5.709   11.676  -18.468 1.00 46.39 ? 92  GLN A CD  1 
ATOM   690  O OE1 . GLN A 1 92  ? 4.789   12.474  -18.281 1.00 47.97 ? 92  GLN A OE1 1 
ATOM   691  N NE2 . GLN A 1 92  ? 6.678   11.894  -19.348 1.00 41.88 ? 92  GLN A NE2 1 
ATOM   692  N N   . ASP A 1 93  ? 5.016   6.559   -17.998 1.00 30.15 ? 93  ASP A N   1 
ATOM   693  C CA  . ASP A 1 93  ? 5.862   5.445   -18.410 1.00 31.44 ? 93  ASP A CA  1 
ATOM   694  C C   . ASP A 1 93  ? 7.175   5.920   -19.017 1.00 31.67 ? 93  ASP A C   1 
ATOM   695  O O   . ASP A 1 93  ? 7.228   6.960   -19.675 1.00 32.73 ? 93  ASP A O   1 
ATOM   696  C CB  . ASP A 1 93  ? 5.125   4.547   -19.406 1.00 34.89 ? 93  ASP A CB  1 
ATOM   697  C CG  . ASP A 1 93  ? 4.062   3.692   -18.746 1.00 36.01 ? 93  ASP A CG  1 
ATOM   698  O OD1 . ASP A 1 93  ? 4.255   3.303   -17.574 1.00 35.21 ? 93  ASP A OD1 1 
ATOM   699  O OD2 . ASP A 1 93  ? 3.035   3.405   -19.398 1.00 32.70 ? 93  ASP A OD2 1 
ATOM   700  N N   . GLU A 1 94  ? 8.229   5.144   -18.786 1.00 28.71 ? 94  GLU A N   1 
ATOM   701  C CA  . GLU A 1 94  ? 9.549   5.416   -19.340 1.00 24.53 ? 94  GLU A CA  1 
ATOM   702  C C   . GLU A 1 94  ? 10.448  4.201   -19.137 1.00 21.82 ? 94  GLU A C   1 
ATOM   703  O O   . GLU A 1 94  ? 10.068  3.248   -18.456 1.00 25.03 ? 94  GLU A O   1 
ATOM   704  C CB  . GLU A 1 94  ? 10.167  6.656   -18.692 1.00 28.61 ? 94  GLU A CB  1 
ATOM   705  C CG  . GLU A 1 94  ? 10.169  6.624   -17.177 1.00 28.44 ? 94  GLU A CG  1 
ATOM   706  C CD  . GLU A 1 94  ? 10.677  7.910   -16.564 1.00 29.33 ? 94  GLU A CD  1 
ATOM   707  O OE1 . GLU A 1 94  ? 10.940  7.924   -15.343 1.00 34.74 ? 94  GLU A OE1 1 
ATOM   708  O OE2 . GLU A 1 94  ? 10.810  8.910   -17.303 1.00 32.21 ? 94  GLU A OE2 1 
ATOM   709  N N   . SER A 1 95  ? 11.637  4.236   -19.730 1.00 22.09 ? 95  SER A N   1 
ATOM   710  C CA  . SER A 1 95  ? 12.563  3.109   -19.658 1.00 24.43 ? 95  SER A CA  1 
ATOM   711  C C   . SER A 1 95  ? 13.098  2.901   -18.248 1.00 28.75 ? 95  SER A C   1 
ATOM   712  O O   . SER A 1 95  ? 13.080  3.817   -17.426 1.00 32.44 ? 95  SER A O   1 
ATOM   713  C CB  . SER A 1 95  ? 13.726  3.306   -20.633 1.00 21.99 ? 95  SER A CB  1 
ATOM   714  O OG  . SER A 1 95  ? 13.267  3.327   -21.973 1.00 24.34 ? 95  SER A OG  1 
ATOM   715  N N   . CYS A 1 96  ? 13.573  1.690   -17.974 1.00 27.72 ? 96  CYS A N   1 
ATOM   716  C CA  . CYS A 1 96  ? 14.152  1.371   -16.677 1.00 25.27 ? 96  CYS A CA  1 
ATOM   717  C C   . CYS A 1 96  ? 15.454  2.136   -16.480 1.00 30.74 ? 96  CYS A C   1 
ATOM   718  O O   . CYS A 1 96  ? 16.414  1.950   -17.228 1.00 30.03 ? 96  CYS A O   1 
ATOM   719  C CB  . CYS A 1 96  ? 14.403  -0.133  -16.555 1.00 23.91 ? 96  CYS A CB  1 
ATOM   720  S SG  . CYS A 1 96  ? 14.955  -0.667  -14.917 1.00 45.64 ? 96  CYS A SG  1 
ATOM   721  N N   . MET A 1 97  ? 15.476  3.006   -15.475 1.00 28.06 ? 97  MET A N   1 
ATOM   722  C CA  . MET A 1 97  ? 16.653  3.816   -15.183 1.00 25.33 ? 97  MET A CA  1 
ATOM   723  C C   . MET A 1 97  ? 17.146  3.547   -13.765 1.00 23.14 ? 97  MET A C   1 
ATOM   724  O O   . MET A 1 97  ? 17.495  4.469   -13.028 1.00 26.61 ? 97  MET A O   1 
ATOM   725  C CB  . MET A 1 97  ? 16.340  5.300   -15.372 1.00 24.39 ? 97  MET A CB  1 
ATOM   726  C CG  . MET A 1 97  ? 15.795  5.636   -16.754 1.00 25.91 ? 97  MET A CG  1 
ATOM   727  S SD  . MET A 1 97  ? 15.475  7.394   -16.986 1.00 36.92 ? 97  MET A SD  1 
ATOM   728  C CE  . MET A 1 97  ? 14.304  7.706   -15.668 1.00 29.16 ? 97  MET A CE  1 
ATOM   729  N N   . TYR A 1 98  ? 17.174  2.271   -13.399 1.00 23.64 ? 98  TYR A N   1 
ATOM   730  C CA  . TYR A 1 98  ? 17.584  1.843   -12.067 1.00 24.97 ? 98  TYR A CA  1 
ATOM   731  C C   . TYR A 1 98  ? 19.080  2.024   -11.833 1.00 27.14 ? 98  TYR A C   1 
ATOM   732  O O   . TYR A 1 98  ? 19.907  1.439   -12.530 1.00 28.61 ? 98  TYR A O   1 
ATOM   733  C CB  . TYR A 1 98  ? 17.179  0.381   -11.847 1.00 20.47 ? 98  TYR A CB  1 
ATOM   734  C CG  . TYR A 1 98  ? 17.871  -0.295  -10.686 1.00 24.88 ? 98  TYR A CG  1 
ATOM   735  C CD1 . TYR A 1 98  ? 17.496  -0.028  -9.377  1.00 28.32 ? 98  TYR A CD1 1 
ATOM   736  C CD2 . TYR A 1 98  ? 18.891  -1.212  -10.901 1.00 29.32 ? 98  TYR A CD2 1 
ATOM   737  C CE1 . TYR A 1 98  ? 18.123  -0.646  -8.315  1.00 27.20 ? 98  TYR A CE1 1 
ATOM   738  C CE2 . TYR A 1 98  ? 19.524  -1.835  -9.845  1.00 32.81 ? 98  TYR A CE2 1 
ATOM   739  C CZ  . TYR A 1 98  ? 19.136  -1.547  -8.554  1.00 31.44 ? 98  TYR A CZ  1 
ATOM   740  O OH  . TYR A 1 98  ? 19.761  -2.164  -7.495  1.00 32.18 ? 98  TYR A OH  1 
ATOM   741  N N   . ASN A 1 99  ? 19.421  2.847   -10.846 1.00 27.65 ? 99  ASN A N   1 
ATOM   742  C CA  . ASN A 1 99  ? 20.814  3.057   -10.458 1.00 26.44 ? 99  ASN A CA  1 
ATOM   743  C C   . ASN A 1 99  ? 21.159  2.194   -9.252  1.00 31.32 ? 99  ASN A C   1 
ATOM   744  O O   . ASN A 1 99  ? 20.746  2.491   -8.130  1.00 38.09 ? 99  ASN A O   1 
ATOM   745  C CB  . ASN A 1 99  ? 21.057  4.541   -10.145 1.00 31.00 ? 99  ASN A CB  1 
ATOM   746  C CG  . ASN A 1 99  ? 22.531  4.904   -10.090 1.00 32.57 ? 99  ASN A CG  1 
ATOM   747  O OD1 . ASN A 1 99  ? 23.360  4.128   -9.620  1.00 30.26 ? 99  ASN A OD1 1 
ATOM   748  N ND2 . ASN A 1 99  ? 22.862  6.097   -10.582 1.00 36.38 ? 99  ASN A ND2 1 
ATOM   749  N N   . ALA A 1 100 ? 21.911  1.122   -9.490  1.00 29.86 ? 100 ALA A N   1 
ATOM   750  C CA  . ALA A 1 100 ? 22.255  0.171   -8.437  1.00 27.42 ? 100 ALA A CA  1 
ATOM   751  C C   . ALA A 1 100 ? 23.078  0.802   -7.319  1.00 31.44 ? 100 ALA A C   1 
ATOM   752  O O   . ALA A 1 100 ? 23.114  0.287   -6.203  1.00 35.51 ? 100 ALA A O   1 
ATOM   753  C CB  . ALA A 1 100 ? 22.985  -1.027  -9.023  1.00 26.17 ? 100 ALA A CB  1 
ATOM   754  N N   . THR A 1 101 ? 23.743  1.911   -7.623  1.00 32.15 ? 101 THR A N   1 
ATOM   755  C CA  . THR A 1 101 ? 24.523  2.631   -6.627  1.00 34.21 ? 101 THR A CA  1 
ATOM   756  C C   . THR A 1 101 ? 23.581  3.377   -5.683  1.00 31.53 ? 101 THR A C   1 
ATOM   757  O O   . THR A 1 101 ? 23.913  3.636   -4.527  1.00 33.99 ? 101 THR A O   1 
ATOM   758  C CB  . THR A 1 101 ? 25.498  3.620   -7.297  1.00 29.19 ? 101 THR A CB  1 
ATOM   759  O OG1 . THR A 1 101 ? 26.250  2.938   -8.308  1.00 27.05 ? 101 THR A OG1 1 
ATOM   760  C CG2 . THR A 1 101 ? 26.456  4.215   -6.279  1.00 23.32 ? 101 THR A CG2 1 
ATOM   761  N N   . ALA A 1 102 ? 22.392  3.695   -6.184  1.00 30.58 ? 102 ALA A N   1 
ATOM   762  C CA  . ALA A 1 102 ? 21.383  4.403   -5.402  1.00 28.19 ? 102 ALA A CA  1 
ATOM   763  C C   . ALA A 1 102 ? 20.523  3.437   -4.592  1.00 30.95 ? 102 ALA A C   1 
ATOM   764  O O   . ALA A 1 102 ? 19.508  3.830   -4.012  1.00 30.18 ? 102 ALA A O   1 
ATOM   765  C CB  . ALA A 1 102 ? 20.512  5.242   -6.315  1.00 26.44 ? 102 ALA A CB  1 
ATOM   766  N N   . LYS A 1 103 ? 20.936  2.172   -4.571  1.00 29.39 ? 103 LYS A N   1 
ATOM   767  C CA  . LYS A 1 103 ? 20.253  1.121   -3.825  1.00 26.14 ? 103 LYS A CA  1 
ATOM   768  C C   . LYS A 1 103 ? 20.044  1.533   -2.371  1.00 32.31 ? 103 LYS A C   1 
ATOM   769  O O   . LYS A 1 103 ? 20.987  1.952   -1.699  1.00 37.85 ? 103 LYS A O   1 
ATOM   770  C CB  . LYS A 1 103 ? 21.083  -0.160  -3.882  1.00 25.65 ? 103 LYS A CB  1 
ATOM   771  C CG  . LYS A 1 103 ? 20.376  -1.411  -3.413  1.00 26.24 ? 103 LYS A CG  1 
ATOM   772  C CD  . LYS A 1 103 ? 21.322  -2.596  -3.473  1.00 27.20 ? 103 LYS A CD  1 
ATOM   773  C CE  . LYS A 1 103 ? 21.974  -2.704  -4.843  1.00 25.56 ? 103 LYS A CE  1 
ATOM   774  N NZ  . LYS A 1 103 ? 23.020  -3.760  -4.885  1.00 24.69 ? 103 LYS A NZ  1 
ATOM   775  N N   . ALA A 1 104 ? 18.810  1.418   -1.891  1.00 30.20 ? 104 ALA A N   1 
ATOM   776  C CA  . ALA A 1 104 ? 18.475  1.889   -0.550  1.00 26.18 ? 104 ALA A CA  1 
ATOM   777  C C   . ALA A 1 104 ? 17.658  0.881   0.255   1.00 28.56 ? 104 ALA A C   1 
ATOM   778  O O   . ALA A 1 104 ? 17.455  1.056   1.457   1.00 29.75 ? 104 ALA A O   1 
ATOM   779  C CB  . ALA A 1 104 ? 17.745  3.218   -0.631  1.00 25.08 ? 104 ALA A CB  1 
ATOM   780  N N   . ALA A 1 105 ? 17.190  -0.171  -0.408  1.00 25.28 ? 105 ALA A N   1 
ATOM   781  C CA  . ALA A 1 105 ? 16.418  -1.211  0.263   1.00 28.35 ? 105 ALA A CA  1 
ATOM   782  C C   . ALA A 1 105 ? 16.427  -2.509  -0.538  1.00 32.57 ? 105 ALA A C   1 
ATOM   783  O O   . ALA A 1 105 ? 16.520  -2.491  -1.763  1.00 26.37 ? 105 ALA A O   1 
ATOM   784  C CB  . ALA A 1 105 ? 14.989  -0.743  0.502   1.00 22.04 ? 105 ALA A CB  1 
ATOM   785  N N   . LYS A 1 106 ? 16.334  -3.633  0.164   1.00 28.71 ? 106 LYS A N   1 
ATOM   786  C CA  . LYS A 1 106 ? 16.277  -4.938  -0.482  1.00 26.43 ? 106 LYS A CA  1 
ATOM   787  C C   . LYS A 1 106 ? 15.025  -5.697  -0.064  1.00 28.04 ? 106 LYS A C   1 
ATOM   788  O O   . LYS A 1 106 ? 14.314  -5.288  0.851   1.00 25.82 ? 106 LYS A O   1 
ATOM   789  C CB  . LYS A 1 106 ? 17.513  -5.769  -0.137  1.00 27.04 ? 106 LYS A CB  1 
ATOM   790  C CG  . LYS A 1 106 ? 18.818  -5.220  -0.679  1.00 24.71 ? 106 LYS A CG  1 
ATOM   791  C CD  . LYS A 1 106 ? 19.963  -6.158  -0.341  1.00 22.34 ? 106 LYS A CD  1 
ATOM   792  C CE  . LYS A 1 106 ? 21.287  -5.628  -0.855  1.00 27.12 ? 106 LYS A CE  1 
ATOM   793  N NZ  . LYS A 1 106 ? 22.414  -6.530  -0.493  1.00 30.83 ? 106 LYS A NZ  1 
ATOM   794  N N   . CYS A 1 107 ? 14.764  -6.808  -0.743  1.00 35.32 ? 107 CYS A N   1 
ATOM   795  C CA  . CYS A 1 107 ? 13.629  -7.658  -0.417  1.00 27.98 ? 107 CYS A CA  1 
ATOM   796  C C   . CYS A 1 107 ? 14.055  -9.122  -0.443  1.00 28.83 ? 107 CYS A C   1 
ATOM   797  O O   . CYS A 1 107 ? 15.036  -9.477  -1.095  1.00 31.06 ? 107 CYS A O   1 
ATOM   798  C CB  . CYS A 1 107 ? 12.484  -7.423  -1.403  1.00 22.36 ? 107 CYS A CB  1 
ATOM   799  S SG  . CYS A 1 107 ? 10.984  -8.353  -1.038  1.00 30.81 ? 107 CYS A SG  1 
ATOM   800  N N   . ARG A 1 108 ? 13.320  -9.967  0.270   1.00 28.91 ? 108 ARG A N   1 
ATOM   801  C CA  . ARG A 1 108 ? 13.646  -11.388 0.335   1.00 28.88 ? 108 ARG A CA  1 
ATOM   802  C C   . ARG A 1 108 ? 12.408  -12.254 0.172   1.00 29.21 ? 108 ARG A C   1 
ATOM   803  O O   . ARG A 1 108 ? 12.228  -13.241 0.884   1.00 31.40 ? 108 ARG A O   1 
ATOM   804  C CB  . ARG A 1 108 ? 14.360  -11.716 1.646   1.00 28.09 ? 108 ARG A CB  1 
ATOM   805  C CG  . ARG A 1 108 ? 15.797  -11.241 1.671   1.00 34.35 ? 108 ARG A CG  1 
ATOM   806  C CD  . ARG A 1 108 ? 16.390  -11.267 3.066   1.00 33.68 ? 108 ARG A CD  1 
ATOM   807  N NE  . ARG A 1 108 ? 17.790  -10.852 3.046   1.00 45.87 ? 108 ARG A NE  1 
ATOM   808  C CZ  . ARG A 1 108 ? 18.194  -9.586  3.014   1.00 43.52 ? 108 ARG A CZ  1 
ATOM   809  N NH1 . ARG A 1 108 ? 19.490  -9.302  2.994   1.00 34.24 ? 108 ARG A NH1 1 
ATOM   810  N NH2 . ARG A 1 108 ? 17.305  -8.600  3.000   1.00 40.50 ? 108 ARG A NH2 1 
ATOM   811  N N   . GLY A 1 109 ? 11.561  -11.881 -0.778  1.00 26.24 ? 109 GLY A N   1 
ATOM   812  C CA  . GLY A 1 109 ? 10.332  -12.607 -1.022  1.00 32.66 ? 109 GLY A CA  1 
ATOM   813  C C   . GLY A 1 109 ? 9.141   -11.871 -0.448  1.00 31.31 ? 109 GLY A C   1 
ATOM   814  O O   . GLY A 1 109 ? 9.273   -10.761 0.068   1.00 31.02 ? 109 GLY A O   1 
ATOM   815  N N   . TYR A 1 110 ? 7.972   -12.494 -0.533  1.00 31.31 ? 110 TYR A N   1 
ATOM   816  C CA  . TYR A 1 110 ? 6.747   -11.878 -0.047  1.00 30.18 ? 110 TYR A CA  1 
ATOM   817  C C   . TYR A 1 110 ? 5.829   -12.912 0.586   1.00 32.59 ? 110 TYR A C   1 
ATOM   818  O O   . TYR A 1 110 ? 6.042   -14.118 0.452   1.00 31.39 ? 110 TYR A O   1 
ATOM   819  C CB  . TYR A 1 110 ? 6.021   -11.159 -1.187  1.00 28.37 ? 110 TYR A CB  1 
ATOM   820  C CG  . TYR A 1 110 ? 5.616   -12.072 -2.323  1.00 34.28 ? 110 TYR A CG  1 
ATOM   821  C CD1 . TYR A 1 110 ? 4.345   -12.630 -2.372  1.00 34.10 ? 110 TYR A CD1 1 
ATOM   822  C CD2 . TYR A 1 110 ? 6.506   -12.379 -3.343  1.00 35.92 ? 110 TYR A CD2 1 
ATOM   823  C CE1 . TYR A 1 110 ? 3.972   -13.466 -3.407  1.00 29.10 ? 110 TYR A CE1 1 
ATOM   824  C CE2 . TYR A 1 110 ? 6.143   -13.214 -4.380  1.00 34.07 ? 110 TYR A CE2 1 
ATOM   825  C CZ  . TYR A 1 110 ? 4.875   -13.753 -4.408  1.00 32.92 ? 110 TYR A CZ  1 
ATOM   826  O OH  . TYR A 1 110 ? 4.511   -14.586 -5.441  1.00 46.37 ? 110 TYR A OH  1 
ATOM   827  N N   . ARG A 1 111 ? 4.804   -12.430 1.279   1.00 32.43 ? 111 ARG A N   1 
ATOM   828  C CA  . ARG A 1 111 ? 3.799   -13.300 1.866   1.00 30.59 ? 111 ARG A CA  1 
ATOM   829  C C   . ARG A 1 111 ? 2.409   -12.764 1.566   1.00 32.39 ? 111 ARG A C   1 
ATOM   830  O O   . ARG A 1 111 ? 2.136   -11.574 1.749   1.00 31.98 ? 111 ARG A O   1 
ATOM   831  C CB  . ARG A 1 111 ? 4.000   -13.419 3.375   1.00 31.64 ? 111 ARG A CB  1 
ATOM   832  C CG  . ARG A 1 111 ? 5.298   -14.091 3.783   1.00 42.84 ? 111 ARG A CG  1 
ATOM   833  C CD  . ARG A 1 111 ? 5.304   -15.562 3.398   1.00 57.09 ? 111 ARG A CD  1 
ATOM   834  N NE  . ARG A 1 111 ? 6.537   -16.223 3.815   1.00 58.61 ? 111 ARG A NE  1 
ATOM   835  C CZ  . ARG A 1 111 ? 6.732   -17.538 3.779   1.00 66.29 ? 111 ARG A CZ  1 
ATOM   836  N NH1 . ARG A 1 111 ? 5.771   -18.343 3.347   1.00 72.95 ? 111 ARG A NH1 1 
ATOM   837  N NH2 . ARG A 1 111 ? 7.888   -18.049 4.181   1.00 60.68 ? 111 ARG A NH2 1 
ATOM   838  N N   . GLU A 1 112 ? 1.541   -13.652 1.094   1.00 33.70 ? 112 GLU A N   1 
ATOM   839  C CA  . GLU A 1 112 ? 0.159   -13.306 0.800   1.00 30.02 ? 112 GLU A CA  1 
ATOM   840  C C   . GLU A 1 112 ? -0.726  -13.658 1.988   1.00 30.93 ? 112 GLU A C   1 
ATOM   841  O O   . GLU A 1 112 ? -0.498  -14.660 2.666   1.00 33.17 ? 112 GLU A O   1 
ATOM   842  C CB  . GLU A 1 112 ? -0.324  -14.053 -0.446  1.00 28.82 ? 112 GLU A CB  1 
ATOM   843  C CG  . GLU A 1 112 ? 0.385   -13.656 -1.732  1.00 32.46 ? 112 GLU A CG  1 
ATOM   844  C CD  . GLU A 1 112 ? 0.180   -14.666 -2.847  1.00 47.83 ? 112 GLU A CD  1 
ATOM   845  O OE1 . GLU A 1 112 ? 0.293   -15.881 -2.575  1.00 56.72 ? 112 GLU A OE1 1 
ATOM   846  O OE2 . GLU A 1 112 ? -0.097  -14.248 -3.992  1.00 41.22 ? 112 GLU A OE2 1 
ATOM   847  N N   . ILE A 1 113 ? -1.732  -12.829 2.239   1.00 29.81 ? 113 ILE A N   1 
ATOM   848  C CA  . ILE A 1 113 ? -2.679  -13.085 3.315   1.00 30.88 ? 113 ILE A CA  1 
ATOM   849  C C   . ILE A 1 113 ? -3.880  -13.858 2.774   1.00 32.53 ? 113 ILE A C   1 
ATOM   850  O O   . ILE A 1 113 ? -4.437  -13.489 1.738   1.00 28.52 ? 113 ILE A O   1 
ATOM   851  C CB  . ILE A 1 113 ? -3.141  -11.773 3.997   1.00 27.98 ? 113 ILE A CB  1 
ATOM   852  C CG1 . ILE A 1 113 ? -2.161  -11.364 5.101   1.00 26.40 ? 113 ILE A CG1 1 
ATOM   853  C CG2 . ILE A 1 113 ? -4.535  -11.921 4.588   1.00 24.43 ? 113 ILE A CG2 1 
ATOM   854  C CD1 . ILE A 1 113 ? -0.824  -10.868 4.600   1.00 27.53 ? 113 ILE A CD1 1 
ATOM   855  N N   . PRO A 1 114 ? -4.264  -14.945 3.467   1.00 31.32 ? 114 PRO A N   1 
ATOM   856  C CA  . PRO A 1 114 ? -5.393  -15.808 3.099   1.00 30.34 ? 114 PRO A CA  1 
ATOM   857  C C   . PRO A 1 114 ? -6.655  -15.014 2.777   1.00 30.55 ? 114 PRO A C   1 
ATOM   858  O O   . PRO A 1 114 ? -7.136  -14.248 3.614   1.00 35.29 ? 114 PRO A O   1 
ATOM   859  C CB  . PRO A 1 114 ? -5.603  -16.649 4.359   1.00 25.93 ? 114 PRO A CB  1 
ATOM   860  C CG  . PRO A 1 114 ? -4.250  -16.749 4.954   1.00 25.15 ? 114 PRO A CG  1 
ATOM   861  C CD  . PRO A 1 114 ? -3.587  -15.423 4.687   1.00 31.92 ? 114 PRO A CD  1 
ATOM   862  N N   . VAL A 1 115 ? -7.173  -15.204 1.567   1.00 23.89 ? 115 VAL A N   1 
ATOM   863  C CA  . VAL A 1 115 ? -8.335  -14.468 1.081   1.00 30.74 ? 115 VAL A CA  1 
ATOM   864  C C   . VAL A 1 115 ? -9.554  -14.626 1.986   1.00 31.97 ? 115 VAL A C   1 
ATOM   865  O O   . VAL A 1 115 ? -9.974  -15.742 2.291   1.00 32.50 ? 115 VAL A O   1 
ATOM   866  C CB  . VAL A 1 115 ? -8.717  -14.913 -0.345  1.00 27.78 ? 115 VAL A CB  1 
ATOM   867  C CG1 . VAL A 1 115 ? -9.943  -14.153 -0.828  1.00 27.22 ? 115 VAL A CG1 1 
ATOM   868  C CG2 . VAL A 1 115 ? -7.548  -14.708 -1.293  1.00 25.78 ? 115 VAL A CG2 1 
ATOM   869  N N   . GLY A 1 116 ? -10.113 -13.500 2.414   1.00 32.16 ? 116 GLY A N   1 
ATOM   870  C CA  . GLY A 1 116 ? -11.320 -13.504 3.220   1.00 29.85 ? 116 GLY A CA  1 
ATOM   871  C C   . GLY A 1 116 ? -11.062 -13.450 4.712   1.00 32.56 ? 116 GLY A C   1 
ATOM   872  O O   . GLY A 1 116 ? -11.981 -13.220 5.495   1.00 33.31 ? 116 GLY A O   1 
ATOM   873  N N   . ASN A 1 117 ? -9.811  -13.655 5.111   1.00 30.68 ? 117 ASN A N   1 
ATOM   874  C CA  . ASN A 1 117 ? -9.466  -13.707 6.529   1.00 33.76 ? 117 ASN A CA  1 
ATOM   875  C C   . ASN A 1 117 ? -8.947  -12.376 7.074   1.00 34.80 ? 117 ASN A C   1 
ATOM   876  O O   . ASN A 1 117 ? -7.743  -12.123 7.069   1.00 31.54 ? 117 ASN A O   1 
ATOM   877  C CB  . ASN A 1 117 ? -8.441  -14.818 6.783   1.00 30.93 ? 117 ASN A CB  1 
ATOM   878  C CG  . ASN A 1 117 ? -8.285  -15.140 8.255   1.00 35.71 ? 117 ASN A CG  1 
ATOM   879  O OD1 . ASN A 1 117 ? -9.005  -14.608 9.098   1.00 38.48 ? 117 ASN A OD1 1 
ATOM   880  N ND2 . ASN A 1 117 ? -7.349  -16.029 8.571   1.00 34.91 ? 117 ASN A ND2 1 
ATOM   881  N N   . GLU A 1 118 ? -9.859  -11.536 7.552   1.00 30.59 ? 118 GLU A N   1 
ATOM   882  C CA  . GLU A 1 118 ? -9.491  -10.243 8.118   1.00 27.74 ? 118 GLU A CA  1 
ATOM   883  C C   . GLU A 1 118 ? -8.731  -10.400 9.423   1.00 29.16 ? 118 GLU A C   1 
ATOM   884  O O   . GLU A 1 118 ? -7.964  -9.514  9.808   1.00 28.96 ? 118 GLU A O   1 
ATOM   885  C CB  . GLU A 1 118 ? -10.732 -9.387  8.353   1.00 26.81 ? 118 GLU A CB  1 
ATOM   886  C CG  . GLU A 1 118 ? -11.385 -8.877  7.083   1.00 25.34 ? 118 GLU A CG  1 
ATOM   887  C CD  . GLU A 1 118 ? -12.796 -8.363  7.332   1.00 30.71 ? 118 GLU A CD  1 
ATOM   888  O OE1 . GLU A 1 118 ? -13.525 -9.002  8.124   1.00 35.88 ? 118 GLU A OE1 1 
ATOM   889  O OE2 . GLU A 1 118 ? -13.178 -7.322  6.747   1.00 25.20 ? 118 GLU A OE2 1 
ATOM   890  N N   . LYS A 1 119 ? -8.950  -11.522 10.104  1.00 32.65 ? 119 LYS A N   1 
ATOM   891  C CA  . LYS A 1 119 ? -8.221  -11.806 11.333  1.00 32.47 ? 119 LYS A CA  1 
ATOM   892  C C   . LYS A 1 119 ? -6.727  -11.912 11.051  1.00 30.34 ? 119 LYS A C   1 
ATOM   893  O O   . LYS A 1 119 ? -5.908  -11.321 11.755  1.00 31.40 ? 119 LYS A O   1 
ATOM   894  C CB  . LYS A 1 119 ? -8.715  -13.103 11.970  1.00 38.55 ? 119 LYS A CB  1 
ATOM   895  C CG  . LYS A 1 119 ? -10.196 -13.112 12.327  1.00 43.19 ? 119 LYS A CG  1 
ATOM   896  C CD  . LYS A 1 119 ? -10.519 -12.090 13.402  1.00 42.17 ? 119 LYS A CD  1 
ATOM   897  C CE  . LYS A 1 119 ? -11.989 -12.160 13.798  1.00 42.14 ? 119 LYS A CE  1 
ATOM   898  N NZ  . LYS A 1 119 ? -12.905 -11.862 12.658  1.00 40.88 ? 119 LYS A NZ  1 
ATOM   899  N N   . ALA A 1 120 ? -6.380  -12.663 10.010  1.00 41.69 ? 120 ALA A N   1 
ATOM   900  C CA  . ALA A 1 120 ? -4.986  -12.846 9.618   1.00 37.11 ? 120 ALA A CA  1 
ATOM   901  C C   . ALA A 1 120 ? -4.376  -11.532 9.141   1.00 30.12 ? 120 ALA A C   1 
ATOM   902  O O   . ALA A 1 120 ? -3.175  -11.303 9.295   1.00 26.41 ? 120 ALA A O   1 
ATOM   903  C CB  . ALA A 1 120 ? -4.868  -13.909 8.536   1.00 34.03 ? 120 ALA A CB  1 
ATOM   904  N N   . LEU A 1 121 ? -5.209  -10.674 8.561   1.00 28.81 ? 121 LEU A N   1 
ATOM   905  C CA  . LEU A 1 121 ? -4.763  -9.356  8.130   1.00 28.12 ? 121 LEU A CA  1 
ATOM   906  C C   . LEU A 1 121 ? -4.432  -8.478  9.333   1.00 29.76 ? 121 LEU A C   1 
ATOM   907  O O   . LEU A 1 121 ? -3.417  -7.788  9.340   1.00 29.76 ? 121 LEU A O   1 
ATOM   908  C CB  . LEU A 1 121 ? -5.818  -8.683  7.249   1.00 22.21 ? 121 LEU A CB  1 
ATOM   909  C CG  . LEU A 1 121 ? -5.439  -7.294  6.734   1.00 18.57 ? 121 LEU A CG  1 
ATOM   910  C CD1 . LEU A 1 121 ? -4.148  -7.354  5.934   1.00 18.99 ? 121 LEU A CD1 1 
ATOM   911  C CD2 . LEU A 1 121 ? -6.562  -6.701  5.897   1.00 22.36 ? 121 LEU A CD2 1 
ATOM   912  N N   . LYS A 1 122 ? -5.294  -8.511  10.346  1.00 29.06 ? 122 LYS A N   1 
ATOM   913  C CA  . LYS A 1 122 ? -5.074  -7.755  11.577  1.00 24.78 ? 122 LYS A CA  1 
ATOM   914  C C   . LYS A 1 122 ? -3.824  -8.248  12.304  1.00 28.40 ? 122 LYS A C   1 
ATOM   915  O O   . LYS A 1 122 ? -3.007  -7.447  12.779  1.00 32.20 ? 122 LYS A O   1 
ATOM   916  C CB  . LYS A 1 122 ? -6.307  -7.842  12.485  1.00 27.82 ? 122 LYS A CB  1 
ATOM   917  C CG  . LYS A 1 122 ? -6.078  -7.363  13.912  1.00 29.76 ? 122 LYS A CG  1 
ATOM   918  C CD  . LYS A 1 122 ? -7.356  -7.462  14.747  1.00 30.13 ? 122 LYS A CD  1 
ATOM   919  C CE  . LYS A 1 122 ? -7.053  -7.717  16.228  1.00 34.61 ? 122 LYS A CE  1 
ATOM   920  N NZ  . LYS A 1 122 ? -7.492  -6.608  17.127  1.00 30.72 ? 122 LYS A NZ  1 
ATOM   921  N N   . ARG A 1 123 ? -3.676  -9.568  12.379  1.00 28.76 ? 123 ARG A N   1 
ATOM   922  C CA  . ARG A 1 123 ? -2.494  -10.159 12.993  1.00 24.61 ? 123 ARG A CA  1 
ATOM   923  C C   . ARG A 1 123 ? -1.243  -9.762  12.223  1.00 28.84 ? 123 ARG A C   1 
ATOM   924  O O   . ARG A 1 123 ? -0.203  -9.497  12.816  1.00 33.76 ? 123 ARG A O   1 
ATOM   925  C CB  . ARG A 1 123 ? -2.600  -11.683 13.053  1.00 25.70 ? 123 ARG A CB  1 
ATOM   926  C CG  . ARG A 1 123 ? -3.756  -12.202 13.897  1.00 34.65 ? 123 ARG A CG  1 
ATOM   927  C CD  . ARG A 1 123 ? -3.531  -13.652 14.321  1.00 47.29 ? 123 ARG A CD  1 
ATOM   928  N NE  . ARG A 1 123 ? -3.116  -14.499 13.204  1.00 57.78 ? 123 ARG A NE  1 
ATOM   929  C CZ  . ARG A 1 123 ? -3.950  -15.202 12.445  1.00 51.94 ? 123 ARG A CZ  1 
ATOM   930  N NH1 . ARG A 1 123 ? -5.255  -15.164 12.680  1.00 41.90 ? 123 ARG A NH1 1 
ATOM   931  N NH2 . ARG A 1 123 ? -3.481  -15.944 11.450  1.00 47.28 ? 123 ARG A NH2 1 
ATOM   932  N N   . ALA A 1 124 ? -1.357  -9.714  10.899  1.00 29.54 ? 124 ALA A N   1 
ATOM   933  C CA  . ALA A 1 124 ? -0.243  -9.318  10.043  1.00 28.86 ? 124 ALA A CA  1 
ATOM   934  C C   . ALA A 1 124 ? 0.171   -7.877  10.323  1.00 29.29 ? 124 ALA A C   1 
ATOM   935  O O   . ALA A 1 124 ? 1.336   -7.603  10.605  1.00 28.71 ? 124 ALA A O   1 
ATOM   936  C CB  . ALA A 1 124 ? -0.611  -9.485  8.577   1.00 25.97 ? 124 ALA A CB  1 
ATOM   937  N N   . VAL A 1 125 ? -0.795  -6.965  10.250  1.00 27.23 ? 125 VAL A N   1 
ATOM   938  C CA  . VAL A 1 125 ? -0.556  -5.554  10.541  1.00 25.84 ? 125 VAL A CA  1 
ATOM   939  C C   . VAL A 1 125 ? 0.088   -5.391  11.913  1.00 26.08 ? 125 VAL A C   1 
ATOM   940  O O   . VAL A 1 125 ? 0.987   -4.571  12.097  1.00 27.71 ? 125 VAL A O   1 
ATOM   941  C CB  . VAL A 1 125 ? -1.868  -4.741  10.494  1.00 23.55 ? 125 VAL A CB  1 
ATOM   942  C CG1 . VAL A 1 125 ? -1.638  -3.315  10.971  1.00 24.31 ? 125 VAL A CG1 1 
ATOM   943  C CG2 . VAL A 1 125 ? -2.445  -4.750  9.090   1.00 17.19 ? 125 VAL A CG2 1 
ATOM   944  N N   . ALA A 1 126 ? -0.363  -6.195  12.870  1.00 27.99 ? 126 ALA A N   1 
ATOM   945  C CA  . ALA A 1 126 ? 0.173   -6.139  14.224  1.00 29.69 ? 126 ALA A CA  1 
ATOM   946  C C   . ALA A 1 126 ? 1.630   -6.608  14.314  1.00 32.81 ? 126 ALA A C   1 
ATOM   947  O O   . ALA A 1 126 ? 2.460   -5.953  14.947  1.00 31.48 ? 126 ALA A O   1 
ATOM   948  C CB  . ALA A 1 126 ? -0.702  -6.946  15.173  1.00 31.40 ? 126 ALA A CB  1 
ATOM   949  N N   . ARG A 1 127 ? 1.933   -7.736  13.681  1.00 35.28 ? 127 ARG A N   1 
ATOM   950  C CA  . ARG A 1 127 ? 3.241   -8.368  13.838  1.00 33.02 ? 127 ARG A CA  1 
ATOM   951  C C   . ARG A 1 127 ? 4.239   -8.010  12.740  1.00 32.74 ? 127 ARG A C   1 
ATOM   952  O O   . ARG A 1 127 ? 5.448   -8.135  12.933  1.00 31.70 ? 127 ARG A O   1 
ATOM   953  C CB  . ARG A 1 127 ? 3.093   -9.890  13.923  1.00 33.02 ? 127 ARG A CB  1 
ATOM   954  C CG  . ARG A 1 127 ? 2.704   -10.549 12.609  1.00 42.47 ? 127 ARG A CG  1 
ATOM   955  C CD  . ARG A 1 127 ? 2.557   -12.055 12.758  1.00 45.43 ? 127 ARG A CD  1 
ATOM   956  N NE  . ARG A 1 127 ? 2.023   -12.670 11.545  1.00 53.29 ? 127 ARG A NE  1 
ATOM   957  C CZ  . ARG A 1 127 ? 2.767   -13.092 10.528  1.00 45.79 ? 127 ARG A CZ  1 
ATOM   958  N NH1 . ARG A 1 127 ? 4.087   -12.971 10.573  1.00 41.41 ? 127 ARG A NH1 1 
ATOM   959  N NH2 . ARG A 1 127 ? 2.192   -13.637 9.466   1.00 37.08 ? 127 ARG A NH2 1 
ATOM   960  N N   . VAL A 1 128 ? 3.742   -7.573  11.589  1.00 29.48 ? 128 VAL A N   1 
ATOM   961  C CA  . VAL A 1 128 ? 4.622   -7.249  10.471  1.00 27.73 ? 128 VAL A CA  1 
ATOM   962  C C   . VAL A 1 128 ? 4.798   -5.745  10.304  1.00 25.41 ? 128 VAL A C   1 
ATOM   963  O O   . VAL A 1 128 ? 5.891   -5.213  10.495  1.00 25.54 ? 128 VAL A O   1 
ATOM   964  C CB  . VAL A 1 128 ? 4.112   -7.846  9.146   1.00 28.13 ? 128 VAL A CB  1 
ATOM   965  C CG1 . VAL A 1 128 ? 4.996   -7.406  7.993   1.00 29.26 ? 128 VAL A CG1 1 
ATOM   966  C CG2 . VAL A 1 128 ? 4.057   -9.362  9.233   1.00 34.28 ? 128 VAL A CG2 1 
ATOM   967  N N   . GLY A 1 129 ? 3.714   -5.068  9.946   1.00 21.10 ? 129 GLY A N   1 
ATOM   968  C CA  . GLY A 1 129 ? 3.745   -3.642  9.684   1.00 19.90 ? 129 GLY A CA  1 
ATOM   969  C C   . GLY A 1 129 ? 2.732   -3.295  8.613   1.00 21.12 ? 129 GLY A C   1 
ATOM   970  O O   . GLY A 1 129 ? 1.812   -4.073  8.366   1.00 23.07 ? 129 GLY A O   1 
ATOM   971  N N   . PRO A 1 130 ? 2.889   -2.125  7.978   1.00 21.68 ? 130 PRO A N   1 
ATOM   972  C CA  . PRO A 1 130 ? 2.001   -1.685  6.897   1.00 24.58 ? 130 PRO A CA  1 
ATOM   973  C C   . PRO A 1 130 ? 1.869   -2.728  5.789   1.00 24.71 ? 130 PRO A C   1 
ATOM   974  O O   . PRO A 1 130 ? 2.848   -3.032  5.108   1.00 25.74 ? 130 PRO A O   1 
ATOM   975  C CB  . PRO A 1 130 ? 2.699   -0.432  6.368   1.00 19.15 ? 130 PRO A CB  1 
ATOM   976  C CG  . PRO A 1 130 ? 3.414   0.107   7.554   1.00 17.89 ? 130 PRO A CG  1 
ATOM   977  C CD  . PRO A 1 130 ? 3.888   -1.097  8.320   1.00 18.47 ? 130 PRO A CD  1 
ATOM   978  N N   . ILE A 1 131 ? 0.666   -3.267  5.621   1.00 25.60 ? 131 ILE A N   1 
ATOM   979  C CA  . ILE A 1 131 ? 0.418   -4.310  4.631   1.00 24.70 ? 131 ILE A CA  1 
ATOM   980  C C   . ILE A 1 131 ? -0.142  -3.741  3.332   1.00 22.74 ? 131 ILE A C   1 
ATOM   981  O O   . ILE A 1 131 ? -1.128  -3.000  3.339   1.00 27.93 ? 131 ILE A O   1 
ATOM   982  C CB  . ILE A 1 131 ? -0.565  -5.371  5.167   1.00 22.28 ? 131 ILE A CB  1 
ATOM   983  C CG1 . ILE A 1 131 ? -0.092  -5.912  6.516   1.00 25.86 ? 131 ILE A CG1 1 
ATOM   984  C CG2 . ILE A 1 131 ? -0.726  -6.504  4.169   1.00 21.04 ? 131 ILE A CG2 1 
ATOM   985  C CD1 . ILE A 1 131 ? 1.213   -6.665  6.449   1.00 25.78 ? 131 ILE A CD1 1 
ATOM   986  N N   . SER A 1 132 ? 0.495   -4.091  2.219   1.00 21.95 ? 132 SER A N   1 
ATOM   987  C CA  . SER A 1 132 ? -0.002  -3.720  0.901   1.00 21.39 ? 132 SER A CA  1 
ATOM   988  C C   . SER A 1 132 ? -1.275  -4.491  0.592   1.00 20.41 ? 132 SER A C   1 
ATOM   989  O O   . SER A 1 132 ? -1.278  -5.722  0.595   1.00 21.95 ? 132 SER A O   1 
ATOM   990  C CB  . SER A 1 132 ? 1.047   -4.013  -0.174  1.00 21.99 ? 132 SER A CB  1 
ATOM   991  O OG  . SER A 1 132 ? 2.070   -3.033  -0.175  1.00 19.92 ? 132 SER A OG  1 
ATOM   992  N N   . VAL A 1 133 ? -2.362  -3.770  0.337   1.00 22.15 ? 133 VAL A N   1 
ATOM   993  C CA  . VAL A 1 133 ? -3.617  -4.418  -0.018  1.00 22.25 ? 133 VAL A CA  1 
ATOM   994  C C   . VAL A 1 133 ? -4.221  -3.769  -1.252  1.00 23.83 ? 133 VAL A C   1 
ATOM   995  O O   . VAL A 1 133 ? -3.696  -2.783  -1.767  1.00 27.89 ? 133 VAL A O   1 
ATOM   996  C CB  . VAL A 1 133 ? -4.654  -4.349  1.123   1.00 23.10 ? 133 VAL A CB  1 
ATOM   997  C CG1 . VAL A 1 133 ? -4.077  -4.910  2.417   1.00 21.71 ? 133 VAL A CG1 1 
ATOM   998  C CG2 . VAL A 1 133 ? -5.138  -2.922  1.315   1.00 19.93 ? 133 VAL A CG2 1 
ATOM   999  N N   . SER A 1 134 ? -5.327  -4.332  -1.722  1.00 27.29 ? 134 SER A N   1 
ATOM   1000 C CA  . SER A 1 134 ? -6.068  -3.742  -2.824  1.00 26.64 ? 134 SER A CA  1 
ATOM   1001 C C   . SER A 1 134 ? -7.566  -3.820  -2.535  1.00 26.61 ? 134 SER A C   1 
ATOM   1002 O O   . SER A 1 134 ? -8.047  -4.812  -1.990  1.00 23.97 ? 134 SER A O   1 
ATOM   1003 C CB  . SER A 1 134 ? -5.724  -4.439  -4.140  1.00 24.06 ? 134 SER A CB  1 
ATOM   1004 O OG  . SER A 1 134 ? -6.236  -3.715  -5.245  1.00 29.21 ? 134 SER A OG  1 
ATOM   1005 N N   . ILE A 1 135 ? -8.299  -2.772  -2.900  1.00 25.97 ? 135 ILE A N   1 
ATOM   1006 C CA  . ILE A 1 135 ? -9.726  -2.686  -2.600  1.00 26.09 ? 135 ILE A CA  1 
ATOM   1007 C C   . ILE A 1 135 ? -10.538 -2.238  -3.810  1.00 26.61 ? 135 ILE A C   1 
ATOM   1008 O O   . ILE A 1 135 ? -9.995  -2.036  -4.894  1.00 25.12 ? 135 ILE A O   1 
ATOM   1009 C CB  . ILE A 1 135 ? -9.998  -1.690  -1.456  1.00 22.59 ? 135 ILE A CB  1 
ATOM   1010 C CG1 . ILE A 1 135 ? -9.477  -0.302  -1.831  1.00 21.35 ? 135 ILE A CG1 1 
ATOM   1011 C CG2 . ILE A 1 135 ? -9.365  -2.169  -0.161  1.00 25.27 ? 135 ILE A CG2 1 
ATOM   1012 C CD1 . ILE A 1 135 ? -9.722  0.752   -0.779  1.00 27.65 ? 135 ILE A CD1 1 
ATOM   1013 N N   . ASP A 1 136 ? -11.844 -2.081  -3.612  1.00 29.39 ? 136 ASP A N   1 
ATOM   1014 C CA  . ASP A 1 136 ? -12.724 -1.542  -4.643  1.00 30.25 ? 136 ASP A CA  1 
ATOM   1015 C C   . ASP A 1 136 ? -12.937 -0.044  -4.435  1.00 28.75 ? 136 ASP A C   1 
ATOM   1016 O O   . ASP A 1 136 ? -13.630 0.370   -3.506  1.00 31.90 ? 136 ASP A O   1 
ATOM   1017 C CB  . ASP A 1 136 ? -14.073 -2.262  -4.631  1.00 30.54 ? 136 ASP A CB  1 
ATOM   1018 C CG  . ASP A 1 136 ? -15.038 -1.708  -5.666  1.00 28.04 ? 136 ASP A CG  1 
ATOM   1019 O OD1 . ASP A 1 136 ? -14.594 -1.435  -6.805  1.00 23.89 ? 136 ASP A OD1 1 
ATOM   1020 O OD2 . ASP A 1 136 ? -16.234 -1.538  -5.337  1.00 29.37 ? 136 ASP A OD2 1 
ATOM   1021 N N   . ALA A 1 137 ? -12.350 0.765   -5.310  1.00 26.45 ? 137 ALA A N   1 
ATOM   1022 C CA  . ALA A 1 137 ? -12.404 2.216   -5.158  1.00 22.96 ? 137 ALA A CA  1 
ATOM   1023 C C   . ALA A 1 137 ? -13.372 2.894   -6.120  1.00 25.89 ? 137 ALA A C   1 
ATOM   1024 O O   . ALA A 1 137 ? -13.507 4.116   -6.115  1.00 24.95 ? 137 ALA A O   1 
ATOM   1025 C CB  . ALA A 1 137 ? -10.999 2.792   -5.137  1.00 26.16 ? 137 ALA A CB  1 
ATOM   1026 N N   . SER A 1 138 ? -14.048 2.094   -6.938  1.00 30.26 ? 138 SER A N   1 
ATOM   1027 C CA  . SER A 1 138 ? -14.819 2.586   -8.078  1.00 22.97 ? 138 SER A CA  1 
ATOM   1028 C C   . SER A 1 138 ? -16.014 3.449   -7.675  1.00 25.79 ? 138 SER A C   1 
ATOM   1029 O O   . SER A 1 138 ? -16.386 4.375   -8.395  1.00 25.34 ? 138 SER A O   1 
ATOM   1030 C CB  . SER A 1 138 ? -15.286 1.413   -8.939  1.00 24.14 ? 138 SER A CB  1 
ATOM   1031 O OG  . SER A 1 138 ? -15.846 0.390   -8.134  1.00 34.83 ? 138 SER A OG  1 
ATOM   1032 N N   . LEU A 1 139 ? -16.612 3.138   -6.529  1.00 27.01 ? 139 LEU A N   1 
ATOM   1033 C CA  . LEU A 1 139 ? -17.796 3.854   -6.060  1.00 23.72 ? 139 LEU A CA  1 
ATOM   1034 C C   . LEU A 1 139 ? -17.525 5.334   -5.814  1.00 25.57 ? 139 LEU A C   1 
ATOM   1035 O O   . LEU A 1 139 ? -16.471 5.708   -5.299  1.00 28.88 ? 139 LEU A O   1 
ATOM   1036 C CB  . LEU A 1 139 ? -18.349 3.207   -4.789  1.00 23.11 ? 139 LEU A CB  1 
ATOM   1037 C CG  . LEU A 1 139 ? -19.041 1.854   -4.958  1.00 24.83 ? 139 LEU A CG  1 
ATOM   1038 C CD1 . LEU A 1 139 ? -19.558 1.357   -3.621  1.00 32.77 ? 139 LEU A CD1 1 
ATOM   1039 C CD2 . LEU A 1 139 ? -20.174 1.961   -5.963  1.00 19.47 ? 139 LEU A CD2 1 
ATOM   1040 N N   . ALA A 1 140 ? -18.492 6.170   -6.182  1.00 24.64 ? 140 ALA A N   1 
ATOM   1041 C CA  . ALA A 1 140 ? -18.385 7.610   -5.988  1.00 25.32 ? 140 ALA A CA  1 
ATOM   1042 C C   . ALA A 1 140 ? -18.334 7.956   -4.506  1.00 31.72 ? 140 ALA A C   1 
ATOM   1043 O O   . ALA A 1 140 ? -17.796 8.994   -4.120  1.00 39.64 ? 140 ALA A O   1 
ATOM   1044 C CB  . ALA A 1 140 ? -19.548 8.322   -6.659  1.00 25.68 ? 140 ALA A CB  1 
ATOM   1045 N N   . SER A 1 141 ? -18.899 7.080   -3.680  1.00 25.39 ? 141 SER A N   1 
ATOM   1046 C CA  . SER A 1 141 ? -18.887 7.268   -2.235  1.00 29.00 ? 141 SER A CA  1 
ATOM   1047 C C   . SER A 1 141 ? -17.458 7.244   -1.701  1.00 29.06 ? 141 SER A C   1 
ATOM   1048 O O   . SER A 1 141 ? -17.145 7.895   -0.704  1.00 32.43 ? 141 SER A O   1 
ATOM   1049 C CB  . SER A 1 141 ? -19.724 6.189   -1.547  1.00 30.31 ? 141 SER A CB  1 
ATOM   1050 O OG  . SER A 1 141 ? -19.177 4.901   -1.774  1.00 32.92 ? 141 SER A OG  1 
ATOM   1051 N N   . PHE A 1 142 ? -16.597 6.484   -2.370  1.00 29.72 ? 142 PHE A N   1 
ATOM   1052 C CA  . PHE A 1 142 ? -15.189 6.420   -2.001  1.00 30.80 ? 142 PHE A CA  1 
ATOM   1053 C C   . PHE A 1 142 ? -14.434 7.604   -2.593  1.00 32.14 ? 142 PHE A C   1 
ATOM   1054 O O   . PHE A 1 142 ? -13.517 8.142   -1.972  1.00 29.09 ? 142 PHE A O   1 
ATOM   1055 C CB  . PHE A 1 142 ? -14.567 5.105   -2.475  1.00 26.76 ? 142 PHE A CB  1 
ATOM   1056 C CG  . PHE A 1 142 ? -13.162 4.890   -1.988  1.00 29.09 ? 142 PHE A CG  1 
ATOM   1057 C CD1 . PHE A 1 142 ? -12.925 4.395   -0.716  1.00 32.95 ? 142 PHE A CD1 1 
ATOM   1058 C CD2 . PHE A 1 142 ? -12.080 5.180   -2.803  1.00 23.42 ? 142 PHE A CD2 1 
ATOM   1059 C CE1 . PHE A 1 142 ? -11.634 4.196   -0.264  1.00 31.06 ? 142 PHE A CE1 1 
ATOM   1060 C CE2 . PHE A 1 142 ? -10.786 4.981   -2.357  1.00 22.70 ? 142 PHE A CE2 1 
ATOM   1061 C CZ  . PHE A 1 142 ? -10.563 4.488   -1.085  1.00 26.50 ? 142 PHE A CZ  1 
ATOM   1062 N N   . GLN A 1 143 ? -14.828 8.004   -3.799  1.00 33.01 ? 143 GLN A N   1 
ATOM   1063 C CA  . GLN A 1 143 ? -14.228 9.153   -4.466  1.00 30.42 ? 143 GLN A CA  1 
ATOM   1064 C C   . GLN A 1 143 ? -14.497 10.422  -3.667  1.00 33.02 ? 143 GLN A C   1 
ATOM   1065 O O   . GLN A 1 143 ? -13.682 11.343  -3.651  1.00 39.72 ? 143 GLN A O   1 
ATOM   1066 C CB  . GLN A 1 143 ? -14.800 9.307   -5.876  1.00 33.52 ? 143 GLN A CB  1 
ATOM   1067 C CG  . GLN A 1 143 ? -14.728 8.050   -6.726  1.00 36.33 ? 143 GLN A CG  1 
ATOM   1068 C CD  . GLN A 1 143 ? -13.316 7.712   -7.160  1.00 34.57 ? 143 GLN A CD  1 
ATOM   1069 O OE1 . GLN A 1 143 ? -12.454 8.587   -7.249  1.00 38.93 ? 143 GLN A OE1 1 
ATOM   1070 N NE2 . GLN A 1 143 ? -13.073 6.437   -7.433  1.00 33.25 ? 143 GLN A NE2 1 
ATOM   1071 N N   . PHE A 1 144 ? -15.648 10.456  -3.003  1.00 30.98 ? 144 PHE A N   1 
ATOM   1072 C CA  . PHE A 1 144 ? -16.067 11.626  -2.243  1.00 32.84 ? 144 PHE A CA  1 
ATOM   1073 C C   . PHE A 1 144 ? -15.843 11.444  -0.748  1.00 34.56 ? 144 PHE A C   1 
ATOM   1074 O O   . PHE A 1 144 ? -16.402 12.186  0.061   1.00 30.97 ? 144 PHE A O   1 
ATOM   1075 C CB  . PHE A 1 144 ? -17.545 11.924  -2.504  1.00 38.28 ? 144 PHE A CB  1 
ATOM   1076 C CG  . PHE A 1 144 ? -17.854 12.258  -3.934  1.00 38.59 ? 144 PHE A CG  1 
ATOM   1077 C CD1 . PHE A 1 144 ? -16.927 12.924  -4.719  1.00 33.25 ? 144 PHE A CD1 1 
ATOM   1078 C CD2 . PHE A 1 144 ? -19.071 11.904  -4.495  1.00 37.68 ? 144 PHE A CD2 1 
ATOM   1079 C CE1 . PHE A 1 144 ? -17.207 13.232  -6.035  1.00 45.31 ? 144 PHE A CE1 1 
ATOM   1080 C CE2 . PHE A 1 144 ? -19.358 12.208  -5.812  1.00 36.48 ? 144 PHE A CE2 1 
ATOM   1081 C CZ  . PHE A 1 144 ? -18.425 12.874  -6.583  1.00 44.56 ? 144 PHE A CZ  1 
ATOM   1082 N N   . TYR A 1 145 ? -15.031 10.459  -0.380  1.00 32.99 ? 145 TYR A N   1 
ATOM   1083 C CA  . TYR A 1 145 ? -14.745 10.193  1.026   1.00 31.69 ? 145 TYR A CA  1 
ATOM   1084 C C   . TYR A 1 145 ? -14.057 11.391  1.673   1.00 30.60 ? 145 TYR A C   1 
ATOM   1085 O O   . TYR A 1 145 ? -13.246 12.066  1.038   1.00 26.94 ? 145 TYR A O   1 
ATOM   1086 C CB  . TYR A 1 145 ? -13.874 8.944   1.170   1.00 28.35 ? 145 TYR A CB  1 
ATOM   1087 C CG  . TYR A 1 145 ? -13.499 8.621   2.598   1.00 32.33 ? 145 TYR A CG  1 
ATOM   1088 C CD1 . TYR A 1 145 ? -14.405 8.008   3.453   1.00 31.53 ? 145 TYR A CD1 1 
ATOM   1089 C CD2 . TYR A 1 145 ? -12.237 8.926   3.091   1.00 29.82 ? 145 TYR A CD2 1 
ATOM   1090 C CE1 . TYR A 1 145 ? -14.066 7.711   4.760   1.00 30.60 ? 145 TYR A CE1 1 
ATOM   1091 C CE2 . TYR A 1 145 ? -11.889 8.633   4.397   1.00 30.27 ? 145 TYR A CE2 1 
ATOM   1092 C CZ  . TYR A 1 145 ? -12.808 8.025   5.226   1.00 28.99 ? 145 TYR A CZ  1 
ATOM   1093 O OH  . TYR A 1 145 ? -12.466 7.731   6.526   1.00 29.19 ? 145 TYR A OH  1 
ATOM   1094 N N   . SER A 1 146 ? -14.380 11.654  2.936   1.00 34.48 ? 146 SER A N   1 
ATOM   1095 C CA  . SER A 1 146 ? -13.781 12.779  3.646   1.00 31.25 ? 146 SER A CA  1 
ATOM   1096 C C   . SER A 1 146 ? -13.618 12.538  5.146   1.00 34.80 ? 146 SER A C   1 
ATOM   1097 O O   . SER A 1 146 ? -12.679 13.045  5.760   1.00 34.81 ? 146 SER A O   1 
ATOM   1098 C CB  . SER A 1 146 ? -14.596 14.053  3.408   1.00 29.52 ? 146 SER A CB  1 
ATOM   1099 O OG  . SER A 1 146 ? -14.024 15.158  4.086   1.00 33.94 ? 146 SER A OG  1 
ATOM   1100 N N   . ARG A 1 147 ? -14.531 11.771  5.735   1.00 39.35 ? 147 ARG A N   1 
ATOM   1101 C CA  . ARG A 1 147 ? -14.465 11.495  7.167   1.00 30.03 ? 147 ARG A CA  1 
ATOM   1102 C C   . ARG A 1 147 ? -15.263 10.253  7.555   1.00 25.95 ? 147 ARG A C   1 
ATOM   1103 O O   . ARG A 1 147 ? -16.064 9.744   6.772   1.00 31.81 ? 147 ARG A O   1 
ATOM   1104 C CB  . ARG A 1 147 ? -14.982 12.696  7.957   1.00 29.93 ? 147 ARG A CB  1 
ATOM   1105 C CG  . ARG A 1 147 ? -16.446 13.003  7.699   1.00 32.08 ? 147 ARG A CG  1 
ATOM   1106 C CD  . ARG A 1 147 ? -16.914 14.201  8.504   1.00 33.14 ? 147 ARG A CD  1 
ATOM   1107 N NE  . ARG A 1 147 ? -16.799 13.979  9.942   1.00 35.32 ? 147 ARG A NE  1 
ATOM   1108 C CZ  . ARG A 1 147 ? -17.734 13.397  10.686  1.00 42.02 ? 147 ARG A CZ  1 
ATOM   1109 N NH1 . ARG A 1 147 ? -18.859 12.973  10.125  1.00 40.19 ? 147 ARG A NH1 1 
ATOM   1110 N NH2 . ARG A 1 147 ? -17.547 13.237  11.988  1.00 44.12 ? 147 ARG A NH2 1 
ATOM   1111 N N   . GLY A 1 148 ? -15.050 9.788   8.783   1.00 26.17 ? 148 GLY A N   1 
ATOM   1112 C CA  . GLY A 1 148 ? -15.757 8.627   9.307   1.00 30.38 ? 148 GLY A CA  1 
ATOM   1113 C C   . GLY A 1 148 ? -15.103 7.305   8.949   1.00 25.68 ? 148 GLY A C   1 
ATOM   1114 O O   . GLY A 1 148 ? -13.985 7.265   8.434   1.00 27.89 ? 148 GLY A O   1 
ATOM   1115 N N   . VAL A 1 149 ? -15.816 6.216   9.240   1.00 24.11 ? 149 VAL A N   1 
ATOM   1116 C CA  . VAL A 1 149 ? -15.459 4.892   8.751   1.00 24.98 ? 149 VAL A CA  1 
ATOM   1117 C C   . VAL A 1 149 ? -16.236 4.575   7.475   1.00 27.33 ? 149 VAL A C   1 
ATOM   1118 O O   . VAL A 1 149 ? -17.465 4.510   7.497   1.00 26.69 ? 149 VAL A O   1 
ATOM   1119 C CB  . VAL A 1 149 ? -15.739 3.810   9.792   1.00 24.52 ? 149 VAL A CB  1 
ATOM   1120 C CG1 . VAL A 1 149 ? -15.366 2.441   9.250   1.00 25.54 ? 149 VAL A CG1 1 
ATOM   1121 C CG2 . VAL A 1 149 ? -14.981 4.106   11.073  1.00 26.57 ? 149 VAL A CG2 1 
ATOM   1122 N N   . TYR A 1 150 ? -15.521 4.377   6.373   1.00 28.71 ? 150 TYR A N   1 
ATOM   1123 C CA  . TYR A 1 150 ? -16.162 4.148   5.083   1.00 25.91 ? 150 TYR A CA  1 
ATOM   1124 C C   . TYR A 1 150 ? -16.820 2.780   4.998   1.00 23.02 ? 150 TYR A C   1 
ATOM   1125 O O   . TYR A 1 150 ? -16.227 1.768   5.372   1.00 23.07 ? 150 TYR A O   1 
ATOM   1126 C CB  . TYR A 1 150 ? -15.161 4.307   3.937   1.00 23.44 ? 150 TYR A CB  1 
ATOM   1127 C CG  . TYR A 1 150 ? -15.772 4.074   2.575   1.00 24.28 ? 150 TYR A CG  1 
ATOM   1128 C CD1 . TYR A 1 150 ? -16.511 5.069   1.948   1.00 26.29 ? 150 TYR A CD1 1 
ATOM   1129 C CD2 . TYR A 1 150 ? -15.616 2.860   1.917   1.00 24.08 ? 150 TYR A CD2 1 
ATOM   1130 C CE1 . TYR A 1 150 ? -17.077 4.862   0.705   1.00 25.44 ? 150 TYR A CE1 1 
ATOM   1131 C CE2 . TYR A 1 150 ? -16.178 2.644   0.672   1.00 26.07 ? 150 TYR A CE2 1 
ATOM   1132 C CZ  . TYR A 1 150 ? -16.907 3.650   0.072   1.00 26.95 ? 150 TYR A CZ  1 
ATOM   1133 O OH  . TYR A 1 150 ? -17.469 3.445   -1.167  1.00 26.03 ? 150 TYR A OH  1 
ATOM   1134 N N   . TYR A 1 151 ? -18.049 2.761   4.497   1.00 27.25 ? 151 TYR A N   1 
ATOM   1135 C CA  . TYR A 1 151 ? -18.766 1.517   4.261   1.00 26.28 ? 151 TYR A CA  1 
ATOM   1136 C C   . TYR A 1 151 ? -19.832 1.712   3.194   1.00 28.84 ? 151 TYR A C   1 
ATOM   1137 O O   . TYR A 1 151 ? -20.460 2.768   3.113   1.00 32.47 ? 151 TYR A O   1 
ATOM   1138 C CB  . TYR A 1 151 ? -19.405 0.999   5.550   1.00 27.55 ? 151 TYR A CB  1 
ATOM   1139 C CG  . TYR A 1 151 ? -20.090 -0.341  5.389   1.00 36.10 ? 151 TYR A CG  1 
ATOM   1140 C CD1 . TYR A 1 151 ? -19.353 -1.491  5.142   1.00 39.89 ? 151 TYR A CD1 1 
ATOM   1141 C CD2 . TYR A 1 151 ? -21.470 -0.456  5.489   1.00 39.42 ? 151 TYR A CD2 1 
ATOM   1142 C CE1 . TYR A 1 151 ? -19.969 -2.717  4.998   1.00 44.75 ? 151 TYR A CE1 1 
ATOM   1143 C CE2 . TYR A 1 151 ? -22.096 -1.680  5.347   1.00 46.91 ? 151 TYR A CE2 1 
ATOM   1144 C CZ  . TYR A 1 151 ? -21.340 -2.807  5.101   1.00 54.37 ? 151 TYR A CZ  1 
ATOM   1145 O OH  . TYR A 1 151 ? -21.959 -4.028  4.958   1.00 65.55 ? 151 TYR A OH  1 
ATOM   1146 N N   . ASP A 1 152 ? -20.021 0.687   2.373   1.00 30.95 ? 152 ASP A N   1 
ATOM   1147 C CA  . ASP A 1 152 ? -21.048 0.698   1.344   1.00 33.67 ? 152 ASP A CA  1 
ATOM   1148 C C   . ASP A 1 152 ? -21.309 -0.740  0.932   1.00 35.87 ? 152 ASP A C   1 
ATOM   1149 O O   . ASP A 1 152 ? -20.402 -1.431  0.479   1.00 41.97 ? 152 ASP A O   1 
ATOM   1150 C CB  . ASP A 1 152 ? -20.589 1.518   0.137   1.00 32.67 ? 152 ASP A CB  1 
ATOM   1151 C CG  . ASP A 1 152 ? -21.746 2.001   -0.712  1.00 35.98 ? 152 ASP A CG  1 
ATOM   1152 O OD1 . ASP A 1 152 ? -22.808 1.344   -0.699  1.00 46.84 ? 152 ASP A OD1 1 
ATOM   1153 O OD2 . ASP A 1 152 ? -21.597 3.040   -1.387  1.00 33.34 ? 152 ASP A OD2 1 
ATOM   1154 N N   . GLU A 1 153 ? -22.544 -1.200  1.098   1.00 38.02 ? 153 GLU A N   1 
ATOM   1155 C CA  . GLU A 1 153 ? -22.876 -2.579  0.755   1.00 44.46 ? 153 GLU A CA  1 
ATOM   1156 C C   . GLU A 1 153 ? -22.842 -2.821  -0.753  1.00 40.21 ? 153 GLU A C   1 
ATOM   1157 O O   . GLU A 1 153 ? -22.871 -3.966  -1.203  1.00 44.01 ? 153 GLU A O   1 
ATOM   1158 C CB  . GLU A 1 153 ? -24.224 -2.990  1.354   1.00 51.93 ? 153 GLU A CB  1 
ATOM   1159 C CG  . GLU A 1 153 ? -24.180 -3.180  2.865   1.00 60.99 ? 153 GLU A CG  1 
ATOM   1160 C CD  . GLU A 1 153 ? -25.494 -3.669  3.446   1.00 71.26 ? 153 GLU A CD  1 
ATOM   1161 O OE1 . GLU A 1 153 ? -26.200 -2.859  4.084   1.00 69.66 ? 153 GLU A OE1 1 
ATOM   1162 O OE2 . GLU A 1 153 ? -25.817 -4.865  3.275   1.00 65.89 ? 153 GLU A OE2 1 
ATOM   1163 N N   . ASN A 1 154 ? -22.774 -1.742  -1.526  1.00 35.70 ? 154 ASN A N   1 
ATOM   1164 C CA  . ASN A 1 154 ? -22.602 -1.846  -2.971  1.00 36.40 ? 154 ASN A CA  1 
ATOM   1165 C C   . ASN A 1 154 ? -21.143 -2.073  -3.362  1.00 40.37 ? 154 ASN A C   1 
ATOM   1166 O O   . ASN A 1 154 ? -20.844 -2.401  -4.510  1.00 40.57 ? 154 ASN A O   1 
ATOM   1167 C CB  . ASN A 1 154 ? -23.141 -0.600  -3.675  1.00 36.78 ? 154 ASN A CB  1 
ATOM   1168 C CG  . ASN A 1 154 ? -24.652 -0.599  -3.785  1.00 48.07 ? 154 ASN A CG  1 
ATOM   1169 O OD1 . ASN A 1 154 ? -25.288 -1.653  -3.758  1.00 42.23 ? 154 ASN A OD1 1 
ATOM   1170 N ND2 . ASN A 1 154 ? -25.235 0.587   -3.918  1.00 51.55 ? 154 ASN A ND2 1 
ATOM   1171 N N   . CYS A 1 155 ? -20.241 -1.894  -2.401  1.00 45.18 ? 155 CYS A N   1 
ATOM   1172 C CA  . CYS A 1 155 ? -18.815 -2.074  -2.644  1.00 37.15 ? 155 CYS A CA  1 
ATOM   1173 C C   . CYS A 1 155 ? -18.518 -3.532  -2.970  1.00 37.77 ? 155 CYS A C   1 
ATOM   1174 O O   . CYS A 1 155 ? -18.928 -4.438  -2.244  1.00 42.39 ? 155 CYS A O   1 
ATOM   1175 C CB  . CYS A 1 155 ? -18.001 -1.619  -1.430  1.00 35.87 ? 155 CYS A CB  1 
ATOM   1176 S SG  . CYS A 1 155 ? -16.243 -1.333  -1.747  1.00 38.87 ? 155 CYS A SG  1 
ATOM   1177 N N   . ASP A 1 156 ? -17.809 -3.750  -4.072  1.00 34.01 ? 156 ASP A N   1 
ATOM   1178 C CA  . ASP A 1 156 ? -17.520 -5.096  -4.545  1.00 36.75 ? 156 ASP A CA  1 
ATOM   1179 C C   . ASP A 1 156 ? -16.492 -5.778  -3.650  1.00 36.33 ? 156 ASP A C   1 
ATOM   1180 O O   . ASP A 1 156 ? -15.332 -5.371  -3.599  1.00 41.92 ? 156 ASP A O   1 
ATOM   1181 C CB  . ASP A 1 156 ? -17.014 -5.044  -5.987  1.00 37.40 ? 156 ASP A CB  1 
ATOM   1182 C CG  . ASP A 1 156 ? -17.281 -6.327  -6.746  1.00 37.95 ? 156 ASP A CG  1 
ATOM   1183 O OD1 . ASP A 1 156 ? -17.217 -7.412  -6.130  1.00 41.64 ? 156 ASP A OD1 1 
ATOM   1184 O OD2 . ASP A 1 156 ? -17.559 -6.250  -7.961  1.00 39.65 ? 156 ASP A OD2 1 
ATOM   1185 N N   . ARG A 1 157 ? -16.923 -6.818  -2.942  1.00 33.75 ? 157 ARG A N   1 
ATOM   1186 C CA  . ARG A 1 157 ? -16.026 -7.567  -2.069  1.00 37.95 ? 157 ARG A CA  1 
ATOM   1187 C C   . ARG A 1 157 ? -15.424 -8.778  -2.775  1.00 40.19 ? 157 ARG A C   1 
ATOM   1188 O O   . ARG A 1 157 ? -14.746 -9.595  -2.153  1.00 43.18 ? 157 ARG A O   1 
ATOM   1189 C CB  . ARG A 1 157 ? -16.752 -8.008  -0.795  1.00 40.18 ? 157 ARG A CB  1 
ATOM   1190 C CG  . ARG A 1 157 ? -18.074 -8.712  -1.039  1.00 47.52 ? 157 ARG A CG  1 
ATOM   1191 C CD  . ARG A 1 157 ? -18.613 -9.330  0.243   1.00 42.11 ? 157 ARG A CD  1 
ATOM   1192 N NE  . ARG A 1 157 ? -18.543 -8.406  1.371   1.00 38.35 ? 157 ARG A NE  1 
ATOM   1193 C CZ  . ARG A 1 157 ? -19.448 -7.468  1.628   1.00 39.12 ? 157 ARG A CZ  1 
ATOM   1194 N NH1 . ARG A 1 157 ? -19.302 -6.673  2.680   1.00 39.39 ? 157 ARG A NH1 1 
ATOM   1195 N NH2 . ARG A 1 157 ? -20.499 -7.322  0.833   1.00 42.36 ? 157 ARG A NH2 1 
ATOM   1196 N N   . ASP A 1 158 ? -15.672 -8.887  -4.076  1.00 39.65 ? 158 ASP A N   1 
ATOM   1197 C CA  . ASP A 1 158 ? -15.142 -9.995  -4.861  1.00 40.02 ? 158 ASP A CA  1 
ATOM   1198 C C   . ASP A 1 158 ? -14.187 -9.499  -5.940  1.00 39.37 ? 158 ASP A C   1 
ATOM   1199 O O   . ASP A 1 158 ? -13.109 -10.059 -6.132  1.00 32.82 ? 158 ASP A O   1 
ATOM   1200 C CB  . ASP A 1 158 ? -16.280 -10.798 -5.494  1.00 41.82 ? 158 ASP A CB  1 
ATOM   1201 C CG  . ASP A 1 158 ? -17.270 -11.314 -4.468  1.00 44.12 ? 158 ASP A CG  1 
ATOM   1202 O OD1 . ASP A 1 158 ? -16.985 -12.355 -3.840  1.00 40.48 ? 158 ASP A OD1 1 
ATOM   1203 O OD2 . ASP A 1 158 ? -18.334 -10.681 -4.295  1.00 41.77 ? 158 ASP A OD2 1 
ATOM   1204 N N   . ASN A 1 159 ? -14.588 -8.446  -6.643  1.00 41.51 ? 159 ASN A N   1 
ATOM   1205 C CA  . ASN A 1 159 ? -13.747 -7.850  -7.674  1.00 40.96 ? 159 ASN A CA  1 
ATOM   1206 C C   . ASN A 1 159 ? -13.044 -6.595  -7.167  1.00 40.21 ? 159 ASN A C   1 
ATOM   1207 O O   . ASN A 1 159 ? -13.679 -5.692  -6.622  1.00 37.40 ? 159 ASN A O   1 
ATOM   1208 C CB  . ASN A 1 159 ? -14.571 -7.554  -8.927  1.00 41.40 ? 159 ASN A CB  1 
ATOM   1209 C CG  . ASN A 1 159 ? -15.156 -8.810  -9.544  1.00 44.57 ? 159 ASN A CG  1 
ATOM   1210 O OD1 . ASN A 1 159 ? -14.521 -9.865  -9.541  1.00 43.95 ? 159 ASN A OD1 1 
ATOM   1211 N ND2 . ASN A 1 159 ? -16.374 -8.706  -10.066 1.00 45.74 ? 159 ASN A ND2 1 
ATOM   1212 N N   . VAL A 1 160 ? -11.732 -6.540  -7.361  1.00 41.13 ? 160 VAL A N   1 
ATOM   1213 C CA  . VAL A 1 160 ? -10.895 -5.539  -6.715  1.00 33.66 ? 160 VAL A CA  1 
ATOM   1214 C C   . VAL A 1 160 ? -10.032 -4.793  -7.740  1.00 33.24 ? 160 VAL A C   1 
ATOM   1215 O O   . VAL A 1 160 ? -9.545  -5.395  -8.698  1.00 51.31 ? 160 VAL A O   1 
ATOM   1216 C CB  . VAL A 1 160 ? -10.027 -6.216  -5.637  1.00 32.63 ? 160 VAL A CB  1 
ATOM   1217 C CG1 . VAL A 1 160 ? -9.374  -7.477  -6.195  1.00 41.53 ? 160 VAL A CG1 1 
ATOM   1218 C CG2 . VAL A 1 160 ? -8.998  -5.273  -5.117  1.00 34.25 ? 160 VAL A CG2 1 
ATOM   1219 N N   . ASN A 1 161 ? -9.848  -3.487  -7.548  1.00 28.31 ? 161 ASN A N   1 
ATOM   1220 C CA  . ASN A 1 161 ? -9.225  -2.664  -8.583  1.00 26.72 ? 161 ASN A CA  1 
ATOM   1221 C C   . ASN A 1 161 ? -8.371  -1.473  -8.137  1.00 29.02 ? 161 ASN A C   1 
ATOM   1222 O O   . ASN A 1 161 ? -8.069  -0.604  -8.953  1.00 30.90 ? 161 ASN A O   1 
ATOM   1223 C CB  . ASN A 1 161 ? -10.303 -2.155  -9.540  1.00 27.18 ? 161 ASN A CB  1 
ATOM   1224 C CG  . ASN A 1 161 ? -11.318 -1.265  -8.849  1.00 29.33 ? 161 ASN A CG  1 
ATOM   1225 O OD1 . ASN A 1 161 ? -11.657 -1.480  -7.687  1.00 34.30 ? 161 ASN A OD1 1 
ATOM   1226 N ND2 . ASN A 1 161 ? -11.801 -0.254  -9.561  1.00 34.27 ? 161 ASN A ND2 1 
ATOM   1227 N N   . HIS A 1 162 ? -7.976  -1.415  -6.869  1.00 29.91 ? 162 HIS A N   1 
ATOM   1228 C CA  . HIS A 1 162 ? -7.171  -0.281  -6.408  1.00 27.14 ? 162 HIS A CA  1 
ATOM   1229 C C   . HIS A 1 162 ? -6.301  -0.610  -5.203  1.00 29.56 ? 162 HIS A C   1 
ATOM   1230 O O   . HIS A 1 162 ? -6.805  -0.984  -4.146  1.00 29.51 ? 162 HIS A O   1 
ATOM   1231 C CB  . HIS A 1 162 ? -8.064  0.919   -6.090  1.00 25.64 ? 162 HIS A CB  1 
ATOM   1232 C CG  . HIS A 1 162 ? -7.306  2.191   -5.863  1.00 27.92 ? 162 HIS A CG  1 
ATOM   1233 N ND1 . HIS A 1 162 ? -6.524  2.773   -6.834  1.00 32.90 ? 162 HIS A ND1 1 
ATOM   1234 C CD2 . HIS A 1 162 ? -7.216  2.992   -4.773  1.00 32.91 ? 162 HIS A CD2 1 
ATOM   1235 C CE1 . HIS A 1 162 ? -5.980  3.880   -6.354  1.00 28.85 ? 162 HIS A CE1 1 
ATOM   1236 N NE2 . HIS A 1 162 ? -6.385  4.034   -5.108  1.00 29.82 ? 162 HIS A NE2 1 
ATOM   1237 N N   . ALA A 1 163 ? -4.991  -0.444  -5.366  1.00 28.01 ? 163 ALA A N   1 
ATOM   1238 C CA  . ALA A 1 163 ? -4.037  -0.769  -4.314  1.00 24.02 ? 163 ALA A CA  1 
ATOM   1239 C C   . ALA A 1 163 ? -3.822  0.380   -3.333  1.00 25.60 ? 163 ALA A C   1 
ATOM   1240 O O   . ALA A 1 163 ? -3.518  1.507   -3.731  1.00 23.54 ? 163 ALA A O   1 
ATOM   1241 C CB  . ALA A 1 163 ? -2.714  -1.193  -4.921  1.00 24.96 ? 163 ALA A CB  1 
ATOM   1242 N N   . VAL A 1 164 ? -3.991  0.084   -2.048  1.00 22.81 ? 164 VAL A N   1 
ATOM   1243 C CA  . VAL A 1 164 ? -3.676  1.030   -0.986  1.00 19.52 ? 164 VAL A CA  1 
ATOM   1244 C C   . VAL A 1 164 ? -2.834  0.337   0.078   1.00 21.13 ? 164 VAL A C   1 
ATOM   1245 O O   . VAL A 1 164 ? -2.568  -0.865  -0.012  1.00 18.83 ? 164 VAL A O   1 
ATOM   1246 C CB  . VAL A 1 164 ? -4.942  1.614   -0.331  1.00 17.06 ? 164 VAL A CB  1 
ATOM   1247 C CG1 . VAL A 1 164 ? -5.759  2.394   -1.349  1.00 20.39 ? 164 VAL A CG1 1 
ATOM   1248 C CG2 . VAL A 1 164 ? -5.772  0.508   0.293   1.00 18.52 ? 164 VAL A CG2 1 
ATOM   1249 N N   . LEU A 1 165 ? -2.418  1.094   1.089   1.00 25.44 ? 165 LEU A N   1 
ATOM   1250 C CA  . LEU A 1 165 ? -1.542  0.541   2.117   1.00 24.08 ? 165 LEU A CA  1 
ATOM   1251 C C   . LEU A 1 165 ? -2.165  0.592   3.507   1.00 18.62 ? 165 LEU A C   1 
ATOM   1252 O O   . LEU A 1 165 ? -2.286  1.664   4.092   1.00 24.40 ? 165 LEU A O   1 
ATOM   1253 C CB  . LEU A 1 165 ? -0.207  1.286   2.123   1.00 19.84 ? 165 LEU A CB  1 
ATOM   1254 C CG  . LEU A 1 165 ? 0.826   0.825   3.149   1.00 17.95 ? 165 LEU A CG  1 
ATOM   1255 C CD1 . LEU A 1 165 ? 1.399   -0.527  2.758   1.00 20.89 ? 165 LEU A CD1 1 
ATOM   1256 C CD2 . LEU A 1 165 ? 1.929   1.859   3.302   1.00 17.75 ? 165 LEU A CD2 1 
ATOM   1257 N N   . VAL A 1 166 ? -2.547  -0.562  4.044   1.00 18.22 ? 166 VAL A N   1 
ATOM   1258 C CA  . VAL A 1 166 ? -3.078  -0.612  5.403   1.00 23.97 ? 166 VAL A CA  1 
ATOM   1259 C C   . VAL A 1 166 ? -1.969  -0.327  6.407   1.00 22.35 ? 166 VAL A C   1 
ATOM   1260 O O   . VAL A 1 166 ? -1.041  -1.117  6.554   1.00 25.86 ? 166 VAL A O   1 
ATOM   1261 C CB  . VAL A 1 166 ? -3.716  -1.974  5.731   1.00 23.84 ? 166 VAL A CB  1 
ATOM   1262 C CG1 . VAL A 1 166 ? -4.115  -2.030  7.198   1.00 17.27 ? 166 VAL A CG1 1 
ATOM   1263 C CG2 . VAL A 1 166 ? -4.923  -2.222  4.845   1.00 24.45 ? 166 VAL A CG2 1 
ATOM   1264 N N   . VAL A 1 167 ? -2.071  0.806   7.093   1.00 17.09 ? 167 VAL A N   1 
ATOM   1265 C CA  . VAL A 1 167 ? -1.033  1.239   8.021   1.00 20.09 ? 167 VAL A CA  1 
ATOM   1266 C C   . VAL A 1 167 ? -1.465  1.114   9.476   1.00 24.58 ? 167 VAL A C   1 
ATOM   1267 O O   . VAL A 1 167 ? -0.852  1.703   10.365  1.00 26.83 ? 167 VAL A O   1 
ATOM   1268 C CB  . VAL A 1 167 ? -0.618  2.698   7.750   1.00 20.06 ? 167 VAL A CB  1 
ATOM   1269 C CG1 . VAL A 1 167 ? -0.058  2.835   6.345   1.00 19.18 ? 167 VAL A CG1 1 
ATOM   1270 C CG2 . VAL A 1 167 ? -1.798  3.633   7.948   1.00 18.00 ? 167 VAL A CG2 1 
ATOM   1271 N N   . GLY A 1 168 ? -2.524  0.346   9.719   1.00 25.77 ? 168 GLY A N   1 
ATOM   1272 C CA  . GLY A 1 168 ? -3.003  0.130   11.073  1.00 23.21 ? 168 GLY A CA  1 
ATOM   1273 C C   . GLY A 1 168 ? -4.504  -0.064  11.168  1.00 23.18 ? 168 GLY A C   1 
ATOM   1274 O O   . GLY A 1 168 ? -5.219  0.024   10.171  1.00 25.58 ? 168 GLY A O   1 
ATOM   1275 N N   . TYR A 1 169 ? -4.981  -0.330  12.379  1.00 24.92 ? 169 TYR A N   1 
ATOM   1276 C CA  . TYR A 1 169 ? -6.401  -0.554  12.613  1.00 25.11 ? 169 TYR A CA  1 
ATOM   1277 C C   . TYR A 1 169 ? -6.832  -0.015  13.972  1.00 24.84 ? 169 TYR A C   1 
ATOM   1278 O O   . TYR A 1 169 ? -6.002  0.410   14.776  1.00 24.09 ? 169 TYR A O   1 
ATOM   1279 C CB  . TYR A 1 169 ? -6.733  -2.045  12.511  1.00 25.51 ? 169 TYR A CB  1 
ATOM   1280 C CG  . TYR A 1 169 ? -5.941  -2.920  13.459  1.00 26.36 ? 169 TYR A CG  1 
ATOM   1281 C CD1 . TYR A 1 169 ? -6.372  -3.135  14.761  1.00 24.68 ? 169 TYR A CD1 1 
ATOM   1282 C CD2 . TYR A 1 169 ? -4.764  -3.533  13.049  1.00 25.37 ? 169 TYR A CD2 1 
ATOM   1283 C CE1 . TYR A 1 169 ? -5.653  -3.931  15.629  1.00 26.32 ? 169 TYR A CE1 1 
ATOM   1284 C CE2 . TYR A 1 169 ? -4.037  -4.334  13.912  1.00 24.75 ? 169 TYR A CE2 1 
ATOM   1285 C CZ  . TYR A 1 169 ? -4.487  -4.528  15.200  1.00 27.26 ? 169 TYR A CZ  1 
ATOM   1286 O OH  . TYR A 1 169 ? -3.771  -5.322  16.065  1.00 31.33 ? 169 TYR A OH  1 
ATOM   1287 N N   . GLY A 1 170 ? -8.136  -0.045  14.224  1.00 25.60 ? 170 GLY A N   1 
ATOM   1288 C CA  . GLY A 1 170 ? -8.684  0.425   15.482  1.00 28.18 ? 170 GLY A CA  1 
ATOM   1289 C C   . GLY A 1 170 ? -10.197 0.506   15.448  1.00 29.90 ? 170 GLY A C   1 
ATOM   1290 O O   . GLY A 1 170 ? -10.853 -0.246  14.726  1.00 27.84 ? 170 GLY A O   1 
ATOM   1291 N N   . THR A 1 171 ? -10.752 1.424   16.231  1.00 28.06 ? 171 THR A N   1 
ATOM   1292 C CA  . THR A 1 171 ? -12.196 1.611   16.296  1.00 25.30 ? 171 THR A CA  1 
ATOM   1293 C C   . THR A 1 171 ? -12.540 3.086   16.482  1.00 24.72 ? 171 THR A C   1 
ATOM   1294 O O   . THR A 1 171 ? -11.924 3.776   17.292  1.00 27.79 ? 171 THR A O   1 
ATOM   1295 C CB  . THR A 1 171 ? -12.813 0.806   17.453  1.00 24.94 ? 171 THR A CB  1 
ATOM   1296 O OG1 . THR A 1 171 ? -12.348 -0.549  17.399  1.00 28.40 ? 171 THR A OG1 1 
ATOM   1297 C CG2 . THR A 1 171 ? -14.330 0.821   17.369  1.00 26.75 ? 171 THR A CG2 1 
ATOM   1298 N N   . GLN A 1 172 ? -13.522 3.566   15.727  1.00 18.96 ? 172 GLN A N   1 
ATOM   1299 C CA  . GLN A 1 172 ? -13.981 4.941   15.865  1.00 17.11 ? 172 GLN A CA  1 
ATOM   1300 C C   . GLN A 1 172 ? -15.484 4.999   16.127  1.00 26.35 ? 172 GLN A C   1 
ATOM   1301 O O   . GLN A 1 172 ? -16.287 4.742   15.230  1.00 22.84 ? 172 GLN A O   1 
ATOM   1302 C CB  . GLN A 1 172 ? -13.632 5.762   14.624  1.00 18.40 ? 172 GLN A CB  1 
ATOM   1303 C CG  . GLN A 1 172 ? -14.066 7.216   14.717  1.00 18.38 ? 172 GLN A CG  1 
ATOM   1304 C CD  . GLN A 1 172 ? -13.762 8.003   13.459  1.00 20.57 ? 172 GLN A CD  1 
ATOM   1305 O OE1 . GLN A 1 172 ? -14.594 8.102   12.557  1.00 20.11 ? 172 GLN A OE1 1 
ATOM   1306 N NE2 . GLN A 1 172 ? -12.563 8.570   13.393  1.00 21.00 ? 172 GLN A NE2 1 
ATOM   1307 N N   . LYS A 1 173 ? -15.844 5.340   17.363  1.00 27.57 ? 173 LYS A N   1 
ATOM   1308 C CA  . LYS A 1 173 ? -17.241 5.439   17.781  1.00 21.30 ? 173 LYS A CA  1 
ATOM   1309 C C   . LYS A 1 173 ? -18.019 4.146   17.541  1.00 22.21 ? 173 LYS A C   1 
ATOM   1310 O O   . LYS A 1 173 ? -19.116 4.164   16.983  1.00 23.32 ? 173 LYS A O   1 
ATOM   1311 C CB  . LYS A 1 173 ? -17.933 6.617   17.090  1.00 21.35 ? 173 LYS A CB  1 
ATOM   1312 C CG  . LYS A 1 173 ? -17.358 7.973   17.463  1.00 25.28 ? 173 LYS A CG  1 
ATOM   1313 C CD  . LYS A 1 173 ? -18.051 9.097   16.712  1.00 36.03 ? 173 LYS A CD  1 
ATOM   1314 C CE  . LYS A 1 173 ? -17.462 10.450  17.075  1.00 39.26 ? 173 LYS A CE  1 
ATOM   1315 N NZ  . LYS A 1 173 ? -18.053 11.550  16.262  1.00 46.12 ? 173 LYS A NZ  1 
ATOM   1316 N N   . GLY A 1 174 ? -17.439 3.027   17.964  1.00 21.08 ? 174 GLY A N   1 
ATOM   1317 C CA  . GLY A 1 174 ? -18.103 1.740   17.860  1.00 20.63 ? 174 GLY A CA  1 
ATOM   1318 C C   . GLY A 1 174 ? -17.734 0.954   16.617  1.00 30.50 ? 174 GLY A C   1 
ATOM   1319 O O   . GLY A 1 174 ? -17.681 -0.275  16.647  1.00 32.33 ? 174 GLY A O   1 
ATOM   1320 N N   . SER A 1 175 ? -17.474 1.662   15.524  1.00 27.02 ? 175 SER A N   1 
ATOM   1321 C CA  . SER A 1 175 ? -17.191 1.016   14.247  1.00 21.90 ? 175 SER A CA  1 
ATOM   1322 C C   . SER A 1 175 ? -15.713 0.679   14.081  1.00 22.28 ? 175 SER A C   1 
ATOM   1323 O O   . SER A 1 175 ? -14.869 1.571   14.012  1.00 24.91 ? 175 SER A O   1 
ATOM   1324 C CB  . SER A 1 175 ? -17.657 1.904   13.091  1.00 24.94 ? 175 SER A CB  1 
ATOM   1325 O OG  . SER A 1 175 ? -19.027 2.235   13.226  1.00 28.51 ? 175 SER A OG  1 
ATOM   1326 N N   . LYS A 1 176 ? -15.407 -0.615  14.019  1.00 22.49 ? 176 LYS A N   1 
ATOM   1327 C CA  . LYS A 1 176 ? -14.043 -1.077  13.780  1.00 26.89 ? 176 LYS A CA  1 
ATOM   1328 C C   . LYS A 1 176 ? -13.587 -0.653  12.389  1.00 27.55 ? 176 LYS A C   1 
ATOM   1329 O O   . LYS A 1 176 ? -14.407 -0.505  11.484  1.00 23.01 ? 176 LYS A O   1 
ATOM   1330 C CB  . LYS A 1 176 ? -13.962 -2.598  13.907  1.00 27.91 ? 176 LYS A CB  1 
ATOM   1331 C CG  . LYS A 1 176 ? -14.335 -3.134  15.277  1.00 29.32 ? 176 LYS A CG  1 
ATOM   1332 C CD  . LYS A 1 176 ? -14.227 -4.647  15.313  1.00 30.44 ? 176 LYS A CD  1 
ATOM   1333 C CE  . LYS A 1 176 ? -14.605 -5.193  16.676  1.00 33.81 ? 176 LYS A CE  1 
ATOM   1334 N NZ  . LYS A 1 176 ? -14.535 -6.678  16.711  1.00 40.01 ? 176 LYS A NZ  1 
ATOM   1335 N N   . HIS A 1 177 ? -12.282 -0.464  12.212  1.00 28.09 ? 177 HIS A N   1 
ATOM   1336 C CA  . HIS A 1 177 ? -11.783 0.043   10.940  1.00 24.72 ? 177 HIS A CA  1 
ATOM   1337 C C   . HIS A 1 177 ? -10.359 -0.377  10.582  1.00 22.99 ? 177 HIS A C   1 
ATOM   1338 O O   . HIS A 1 177 ? -9.612  -0.886  11.418  1.00 21.67 ? 177 HIS A O   1 
ATOM   1339 C CB  . HIS A 1 177 ? -11.899 1.571   10.891  1.00 23.94 ? 177 HIS A CB  1 
ATOM   1340 C CG  . HIS A 1 177 ? -11.032 2.275   11.889  1.00 25.56 ? 177 HIS A CG  1 
ATOM   1341 N ND1 . HIS A 1 177 ? -9.672  2.423   11.723  1.00 27.18 ? 177 HIS A ND1 1 
ATOM   1342 C CD2 . HIS A 1 177 ? -11.333 2.875   13.067  1.00 25.39 ? 177 HIS A CD2 1 
ATOM   1343 C CE1 . HIS A 1 177 ? -9.171  3.081   12.752  1.00 28.19 ? 177 HIS A CE1 1 
ATOM   1344 N NE2 . HIS A 1 177 ? -10.159 3.366   13.583  1.00 26.44 ? 177 HIS A NE2 1 
ATOM   1345 N N   . TRP A 1 178 ? -10.015 -0.164  9.315   1.00 22.44 ? 178 TRP A N   1 
ATOM   1346 C CA  . TRP A 1 178 ? -8.657  -0.281  8.808   1.00 23.51 ? 178 TRP A CA  1 
ATOM   1347 C C   . TRP A 1 178 ? -8.204  1.116   8.423   1.00 23.36 ? 178 TRP A C   1 
ATOM   1348 O O   . TRP A 1 178 ? -8.921  1.829   7.719   1.00 19.87 ? 178 TRP A O   1 
ATOM   1349 C CB  . TRP A 1 178 ? -8.614  -1.146  7.547   1.00 20.49 ? 178 TRP A CB  1 
ATOM   1350 C CG  . TRP A 1 178 ? -9.053  -2.564  7.715   1.00 18.52 ? 178 TRP A CG  1 
ATOM   1351 C CD1 . TRP A 1 178 ? -10.214 -3.120  7.265   1.00 19.00 ? 178 TRP A CD1 1 
ATOM   1352 C CD2 . TRP A 1 178 ? -8.326  -3.616  8.357   1.00 14.20 ? 178 TRP A CD2 1 
ATOM   1353 N NE1 . TRP A 1 178 ? -10.260 -4.452  7.595   1.00 19.34 ? 178 TRP A NE1 1 
ATOM   1354 C CE2 . TRP A 1 178 ? -9.112  -4.781  8.267   1.00 17.40 ? 178 TRP A CE2 1 
ATOM   1355 C CE3 . TRP A 1 178 ? -7.088  -3.684  9.005   1.00 17.52 ? 178 TRP A CE3 1 
ATOM   1356 C CZ2 . TRP A 1 178 ? -8.702  -6.000  8.801   1.00 22.20 ? 178 TRP A CZ2 1 
ATOM   1357 C CZ3 . TRP A 1 178 ? -6.684  -4.896  9.536   1.00 20.91 ? 178 TRP A CZ3 1 
ATOM   1358 C CH2 . TRP A 1 178 ? -7.489  -6.038  9.432   1.00 22.59 ? 178 TRP A CH2 1 
ATOM   1359 N N   . ILE A 1 179 ? -7.023  1.512   8.876   1.00 24.32 ? 179 ILE A N   1 
ATOM   1360 C CA  . ILE A 1 179 ? -6.447  2.770   8.429   1.00 21.16 ? 179 ILE A CA  1 
ATOM   1361 C C   . ILE A 1 179 ? -5.730  2.520   7.114   1.00 20.34 ? 179 ILE A C   1 
ATOM   1362 O O   . ILE A 1 179 ? -4.782  1.743   7.064   1.00 21.91 ? 179 ILE A O   1 
ATOM   1363 C CB  . ILE A 1 179 ? -5.441  3.336   9.442   1.00 20.66 ? 179 ILE A CB  1 
ATOM   1364 C CG1 . ILE A 1 179 ? -6.006  3.266   10.862  1.00 20.54 ? 179 ILE A CG1 1 
ATOM   1365 C CG2 . ILE A 1 179 ? -5.077  4.765   9.079   1.00 19.73 ? 179 ILE A CG2 1 
ATOM   1366 C CD1 . ILE A 1 179 ? -5.060  3.797   11.916  1.00 19.06 ? 179 ILE A CD1 1 
ATOM   1367 N N   . ILE A 1 180 ? -6.190  3.155   6.043   1.00 19.29 ? 180 ILE A N   1 
ATOM   1368 C CA  . ILE A 1 180 ? -5.559  2.962   4.744   1.00 19.22 ? 180 ILE A CA  1 
ATOM   1369 C C   . ILE A 1 180 ? -4.941  4.241   4.190   1.00 21.01 ? 180 ILE A C   1 
ATOM   1370 O O   . ILE A 1 180 ? -5.511  5.334   4.293   1.00 24.67 ? 180 ILE A O   1 
ATOM   1371 C CB  . ILE A 1 180 ? -6.519  2.338   3.697   1.00 21.33 ? 180 ILE A CB  1 
ATOM   1372 C CG1 . ILE A 1 180 ? -7.600  3.334   3.272   1.00 24.04 ? 180 ILE A CG1 1 
ATOM   1373 C CG2 . ILE A 1 180 ? -7.137  1.060   4.237   1.00 21.26 ? 180 ILE A CG2 1 
ATOM   1374 C CD1 . ILE A 1 180 ? -8.291  2.964   1.975   1.00 24.79 ? 180 ILE A CD1 1 
ATOM   1375 N N   . LYS A 1 181 ? -3.752  4.083   3.620   1.00 19.30 ? 181 LYS A N   1 
ATOM   1376 C CA  . LYS A 1 181 ? -3.054  5.158   2.942   1.00 20.84 ? 181 LYS A CA  1 
ATOM   1377 C C   . LYS A 1 181 ? -3.252  5.013   1.440   1.00 23.03 ? 181 LYS A C   1 
ATOM   1378 O O   . LYS A 1 181 ? -2.880  3.994   0.843   1.00 21.65 ? 181 LYS A O   1 
ATOM   1379 C CB  . LYS A 1 181 ? -1.563  5.127   3.276   1.00 18.02 ? 181 LYS A CB  1 
ATOM   1380 C CG  . LYS A 1 181 ? -0.755  6.205   2.575   1.00 16.54 ? 181 LYS A CG  1 
ATOM   1381 C CD  . LYS A 1 181 ? 0.731   6.002   2.781   1.00 15.23 ? 181 LYS A CD  1 
ATOM   1382 C CE  . LYS A 1 181 ? 1.530   7.079   2.070   1.00 18.36 ? 181 LYS A CE  1 
ATOM   1383 N NZ  . LYS A 1 181 ? 2.994   6.885   2.250   1.00 26.60 ? 181 LYS A NZ  1 
ATOM   1384 N N   . ASN A 1 182 ? -3.850  6.036   0.843   1.00 18.43 ? 182 ASN A N   1 
ATOM   1385 C CA  . ASN A 1 182 ? -4.108  6.058   -0.585  1.00 20.25 ? 182 ASN A CA  1 
ATOM   1386 C C   . ASN A 1 182 ? -3.077  6.936   -1.280  1.00 27.28 ? 182 ASN A C   1 
ATOM   1387 O O   . ASN A 1 182 ? -2.264  7.587   -0.624  1.00 28.05 ? 182 ASN A O   1 
ATOM   1388 C CB  . ASN A 1 182 ? -5.524  6.575   -0.849  1.00 22.83 ? 182 ASN A CB  1 
ATOM   1389 C CG  . ASN A 1 182 ? -6.047  6.178   -2.213  1.00 27.77 ? 182 ASN A CG  1 
ATOM   1390 O OD1 . ASN A 1 182 ? -5.415  5.408   -2.936  1.00 29.83 ? 182 ASN A OD1 1 
ATOM   1391 N ND2 . ASN A 1 182 ? -7.214  6.700   -2.572  1.00 26.39 ? 182 ASN A ND2 1 
ATOM   1392 N N   . SER A 1 183 ? -3.107  6.951   -2.608  1.00 25.15 ? 183 SER A N   1 
ATOM   1393 C CA  . SER A 1 183 ? -2.153  7.733   -3.383  1.00 22.64 ? 183 SER A CA  1 
ATOM   1394 C C   . SER A 1 183 ? -2.848  8.733   -4.301  1.00 24.60 ? 183 SER A C   1 
ATOM   1395 O O   . SER A 1 183 ? -2.417  8.954   -5.432  1.00 26.06 ? 183 SER A O   1 
ATOM   1396 C CB  . SER A 1 183 ? -1.245  6.808   -4.193  1.00 20.01 ? 183 SER A CB  1 
ATOM   1397 O OG  . SER A 1 183 ? -2.006  5.826   -4.873  1.00 25.24 ? 183 SER A OG  1 
ATOM   1398 N N   . TRP A 1 184 ? -3.924  9.337   -3.807  1.00 26.39 ? 184 TRP A N   1 
ATOM   1399 C CA  . TRP A 1 184 ? -4.654  10.344  -4.566  1.00 23.03 ? 184 TRP A CA  1 
ATOM   1400 C C   . TRP A 1 184 ? -4.400  11.741  -4.008  1.00 29.10 ? 184 TRP A C   1 
ATOM   1401 O O   . TRP A 1 184 ? -5.195  12.657  -4.209  1.00 27.20 ? 184 TRP A O   1 
ATOM   1402 C CB  . TRP A 1 184 ? -6.152  10.036  -4.565  1.00 25.66 ? 184 TRP A CB  1 
ATOM   1403 C CG  . TRP A 1 184 ? -6.510  8.806   -5.341  1.00 30.85 ? 184 TRP A CG  1 
ATOM   1404 C CD1 . TRP A 1 184 ? -5.704  8.112   -6.196  1.00 33.82 ? 184 TRP A CD1 1 
ATOM   1405 C CD2 . TRP A 1 184 ? -7.768  8.120   -5.331  1.00 33.18 ? 184 TRP A CD2 1 
ATOM   1406 N NE1 . TRP A 1 184 ? -6.382  7.039   -6.721  1.00 35.17 ? 184 TRP A NE1 1 
ATOM   1407 C CE2 . TRP A 1 184 ? -7.651  7.019   -6.203  1.00 34.22 ? 184 TRP A CE2 1 
ATOM   1408 C CE3 . TRP A 1 184 ? -8.982  8.328   -4.667  1.00 30.30 ? 184 TRP A CE3 1 
ATOM   1409 C CZ2 . TRP A 1 184 ? -8.701  6.132   -6.432  1.00 33.65 ? 184 TRP A CZ2 1 
ATOM   1410 C CZ3 . TRP A 1 184 ? -10.023 7.445   -4.894  1.00 30.58 ? 184 TRP A CZ3 1 
ATOM   1411 C CH2 . TRP A 1 184 ? -9.875  6.361   -5.770  1.00 32.21 ? 184 TRP A CH2 1 
ATOM   1412 N N   . GLY A 1 185 ? -3.284  11.891  -3.302  1.00 29.00 ? 185 GLY A N   1 
ATOM   1413 C CA  . GLY A 1 185 ? -2.898  13.173  -2.741  1.00 30.16 ? 185 GLY A CA  1 
ATOM   1414 C C   . GLY A 1 185 ? -3.552  13.450  -1.403  1.00 31.33 ? 185 GLY A C   1 
ATOM   1415 O O   . GLY A 1 185 ? -4.383  12.673  -0.934  1.00 26.17 ? 185 GLY A O   1 
ATOM   1416 N N   . GLU A 1 186 ? -3.175  14.565  -0.786  1.00 31.92 ? 186 GLU A N   1 
ATOM   1417 C CA  . GLU A 1 186 ? -3.734  14.955  0.502   1.00 30.06 ? 186 GLU A CA  1 
ATOM   1418 C C   . GLU A 1 186 ? -5.055  15.691  0.315   1.00 32.76 ? 186 GLU A C   1 
ATOM   1419 O O   . GLU A 1 186 ? -5.718  16.057  1.286   1.00 31.86 ? 186 GLU A O   1 
ATOM   1420 C CB  . GLU A 1 186 ? -2.747  15.834  1.271   1.00 29.46 ? 186 GLU A CB  1 
ATOM   1421 C CG  . GLU A 1 186 ? -1.377  15.204  1.458   1.00 32.18 ? 186 GLU A CG  1 
ATOM   1422 C CD  . GLU A 1 186 ? -0.446  16.071  2.283   1.00 37.85 ? 186 GLU A CD  1 
ATOM   1423 O OE1 . GLU A 1 186 ? -0.938  16.995  2.965   1.00 37.76 ? 186 GLU A OE1 1 
ATOM   1424 O OE2 . GLU A 1 186 ? 0.780   15.830  2.246   1.00 43.61 ? 186 GLU A OE2 1 
ATOM   1425 N N   . SER A 1 187 ? -5.431  15.901  -0.943  1.00 28.53 ? 187 SER A N   1 
ATOM   1426 C CA  . SER A 1 187 ? -6.673  16.590  -1.267  1.00 28.73 ? 187 SER A CA  1 
ATOM   1427 C C   . SER A 1 187 ? -7.849  15.620  -1.296  1.00 32.48 ? 187 SER A C   1 
ATOM   1428 O O   . SER A 1 187 ? -8.983  16.015  -1.565  1.00 37.87 ? 187 SER A O   1 
ATOM   1429 C CB  . SER A 1 187 ? -6.549  17.302  -2.615  1.00 39.09 ? 187 SER A CB  1 
ATOM   1430 O OG  . SER A 1 187 ? -5.434  18.175  -2.625  1.00 48.37 ? 187 SER A OG  1 
ATOM   1431 N N   . TRP A 1 188 ? -7.572  14.349  -1.026  1.00 28.02 ? 188 TRP A N   1 
ATOM   1432 C CA  . TRP A 1 188 ? -8.616  13.334  -0.964  1.00 23.90 ? 188 TRP A CA  1 
ATOM   1433 C C   . TRP A 1 188 ? -8.698  12.721  0.429   1.00 21.82 ? 188 TRP A C   1 
ATOM   1434 O O   . TRP A 1 188 ? -7.677  12.501  1.079   1.00 24.40 ? 188 TRP A O   1 
ATOM   1435 C CB  . TRP A 1 188 ? -8.369  12.234  -1.999  1.00 25.41 ? 188 TRP A CB  1 
ATOM   1436 C CG  . TRP A 1 188 ? -9.325  11.088  -1.880  1.00 21.79 ? 188 TRP A CG  1 
ATOM   1437 C CD1 . TRP A 1 188 ? -10.511 10.940  -2.537  1.00 27.10 ? 188 TRP A CD1 1 
ATOM   1438 C CD2 . TRP A 1 188 ? -9.181  9.931   -1.047  1.00 18.00 ? 188 TRP A CD2 1 
ATOM   1439 N NE1 . TRP A 1 188 ? -11.113 9.761   -2.168  1.00 27.02 ? 188 TRP A NE1 1 
ATOM   1440 C CE2 . TRP A 1 188 ? -10.316 9.125   -1.252  1.00 20.73 ? 188 TRP A CE2 1 
ATOM   1441 C CE3 . TRP A 1 188 ? -8.202  9.501   -0.146  1.00 20.16 ? 188 TRP A CE3 1 
ATOM   1442 C CZ2 . TRP A 1 188 ? -10.499 7.913   -0.591  1.00 20.85 ? 188 TRP A CZ2 1 
ATOM   1443 C CZ3 . TRP A 1 188 ? -8.386  8.296   0.507   1.00 19.07 ? 188 TRP A CZ3 1 
ATOM   1444 C CH2 . TRP A 1 188 ? -9.525  7.516   0.281   1.00 18.13 ? 188 TRP A CH2 1 
ATOM   1445 N N   . GLY A 1 189 ? -9.919  12.438  0.872   1.00 21.57 ? 189 GLY A N   1 
ATOM   1446 C CA  . GLY A 1 189 ? -10.146 11.807  2.159   1.00 21.79 ? 189 GLY A CA  1 
ATOM   1447 C C   . GLY A 1 189 ? -9.616  12.632  3.313   1.00 21.37 ? 189 GLY A C   1 
ATOM   1448 O O   . GLY A 1 189 ? -9.601  13.862  3.256   1.00 19.60 ? 189 GLY A O   1 
ATOM   1449 N N   . ASN A 1 190 ? -9.178  11.953  4.367   1.00 16.53 ? 190 ASN A N   1 
ATOM   1450 C CA  . ASN A 1 190 ? -8.595  12.636  5.510   1.00 19.82 ? 190 ASN A CA  1 
ATOM   1451 C C   . ASN A 1 190 ? -7.112  12.886  5.275   1.00 18.22 ? 190 ASN A C   1 
ATOM   1452 O O   . ASN A 1 190 ? -6.262  12.179  5.816   1.00 19.59 ? 190 ASN A O   1 
ATOM   1453 C CB  . ASN A 1 190 ? -8.803  11.826  6.790   1.00 29.15 ? 190 ASN A CB  1 
ATOM   1454 C CG  . ASN A 1 190 ? -8.598  12.654  8.047   1.00 35.55 ? 190 ASN A CG  1 
ATOM   1455 O OD1 . ASN A 1 190 ? -7.834  13.620  8.053   1.00 34.61 ? 190 ASN A OD1 1 
ATOM   1456 N ND2 . ASN A 1 190 ? -9.283  12.277  9.119   1.00 44.11 ? 190 ASN A ND2 1 
ATOM   1457 N N   . LYS A 1 191 ? -6.819  13.894  4.457   1.00 22.08 ? 191 LYS A N   1 
ATOM   1458 C CA  . LYS A 1 191 ? -5.448  14.255  4.107   1.00 25.90 ? 191 LYS A CA  1 
ATOM   1459 C C   . LYS A 1 191 ? -4.693  13.086  3.480   1.00 20.87 ? 191 LYS A C   1 
ATOM   1460 O O   . LYS A 1 191 ? -3.512  12.875  3.753   1.00 18.28 ? 191 LYS A O   1 
ATOM   1461 C CB  . LYS A 1 191 ? -4.696  14.799  5.326   1.00 22.61 ? 191 LYS A CB  1 
ATOM   1462 C CG  . LYS A 1 191 ? -5.246  16.117  5.844   1.00 24.43 ? 191 LYS A CG  1 
ATOM   1463 C CD  . LYS A 1 191 ? -4.624  16.493  7.179   1.00 35.26 ? 191 LYS A CD  1 
ATOM   1464 C CE  . LYS A 1 191 ? -5.109  17.857  7.646   1.00 40.24 ? 191 LYS A CE  1 
ATOM   1465 N NZ  . LYS A 1 191 ? -6.595  17.920  7.730   1.00 31.99 ? 191 LYS A NZ  1 
ATOM   1466 N N   . GLY A 1 192 ? -5.390  12.328  2.639   1.00 18.97 ? 192 GLY A N   1 
ATOM   1467 C CA  . GLY A 1 192 ? -4.783  11.222  1.923   1.00 23.73 ? 192 GLY A CA  1 
ATOM   1468 C C   . GLY A 1 192 ? -5.069  9.864   2.535   1.00 20.56 ? 192 GLY A C   1 
ATOM   1469 O O   . GLY A 1 192 ? -4.804  8.833   1.918   1.00 25.71 ? 192 GLY A O   1 
ATOM   1470 N N   . TYR A 1 193 ? -5.606  9.861   3.751   1.00 16.92 ? 193 TYR A N   1 
ATOM   1471 C CA  . TYR A 1 193 ? -5.908  8.615   4.448   1.00 17.70 ? 193 TYR A CA  1 
ATOM   1472 C C   . TYR A 1 193 ? -7.406  8.350   4.523   1.00 20.88 ? 193 TYR A C   1 
ATOM   1473 O O   . TYR A 1 193 ? -8.218  9.244   4.289   1.00 20.29 ? 193 TYR A O   1 
ATOM   1474 C CB  . TYR A 1 193 ? -5.316  8.630   5.857   1.00 18.41 ? 193 TYR A CB  1 
ATOM   1475 C CG  . TYR A 1 193 ? -3.809  8.702   5.884   1.00 22.62 ? 193 TYR A CG  1 
ATOM   1476 C CD1 . TYR A 1 193 ? -3.040  7.548   5.812   1.00 21.13 ? 193 TYR A CD1 1 
ATOM   1477 C CD2 . TYR A 1 193 ? -3.156  9.922   5.981   1.00 22.30 ? 193 TYR A CD2 1 
ATOM   1478 C CE1 . TYR A 1 193 ? -1.660  7.609   5.837   1.00 17.22 ? 193 TYR A CE1 1 
ATOM   1479 C CE2 . TYR A 1 193 ? -1.779  9.992   6.007   1.00 18.60 ? 193 TYR A CE2 1 
ATOM   1480 C CZ  . TYR A 1 193 ? -1.036  8.834   5.934   1.00 18.61 ? 193 TYR A CZ  1 
ATOM   1481 O OH  . TYR A 1 193 ? 0.337   8.906   5.961   1.00 26.09 ? 193 TYR A OH  1 
ATOM   1482 N N   . ALA A 1 194 ? -7.766  7.116   4.859   1.00 21.63 ? 194 ALA A N   1 
ATOM   1483 C CA  . ALA A 1 194 ? -9.173  6.758   4.997   1.00 19.35 ? 194 ALA A CA  1 
ATOM   1484 C C   . ALA A 1 194 ? -9.376  5.669   6.040   1.00 19.19 ? 194 ALA A C   1 
ATOM   1485 O O   . ALA A 1 194 ? -8.474  4.882   6.311   1.00 21.55 ? 194 ALA A O   1 
ATOM   1486 C CB  . ALA A 1 194 ? -9.738  6.317   3.658   1.00 22.49 ? 194 ALA A CB  1 
ATOM   1487 N N   . LEU A 1 195 ? -10.566 5.633   6.629   1.00 21.67 ? 195 LEU A N   1 
ATOM   1488 C CA  . LEU A 1 195 ? -10.928 4.563   7.548   1.00 21.93 ? 195 LEU A CA  1 
ATOM   1489 C C   . LEU A 1 195 ? -11.939 3.650   6.869   1.00 21.93 ? 195 LEU A C   1 
ATOM   1490 O O   . LEU A 1 195 ? -12.968 4.109   6.376   1.00 23.21 ? 195 LEU A O   1 
ATOM   1491 C CB  . LEU A 1 195 ? -11.501 5.137   8.845   1.00 25.77 ? 195 LEU A CB  1 
ATOM   1492 C CG  . LEU A 1 195 ? -10.585 6.096   9.610   1.00 22.82 ? 195 LEU A CG  1 
ATOM   1493 C CD1 . LEU A 1 195 ? -11.252 6.578   10.888  1.00 21.17 ? 195 LEU A CD1 1 
ATOM   1494 C CD2 . LEU A 1 195 ? -9.247  5.437   9.914   1.00 22.91 ? 195 LEU A CD2 1 
ATOM   1495 N N   . LEU A 1 196 ? -11.641 2.355   6.841   1.00 23.26 ? 196 LEU A N   1 
ATOM   1496 C CA  . LEU A 1 196 ? -12.451 1.399   6.094   1.00 23.04 ? 196 LEU A CA  1 
ATOM   1497 C C   . LEU A 1 196 ? -13.127 0.395   7.018   1.00 23.60 ? 196 LEU A C   1 
ATOM   1498 O O   . LEU A 1 196 ? -12.519 -0.079  7.963   1.00 22.89 ? 196 LEU A O   1 
ATOM   1499 C CB  . LEU A 1 196 ? -11.573 0.659   5.088   1.00 23.01 ? 196 LEU A CB  1 
ATOM   1500 C CG  . LEU A 1 196 ? -12.043 0.679   3.636   1.00 28.51 ? 196 LEU A CG  1 
ATOM   1501 C CD1 . LEU A 1 196 ? -12.139 2.109   3.132   1.00 35.35 ? 196 LEU A CD1 1 
ATOM   1502 C CD2 . LEU A 1 196 ? -11.102 -0.138  2.766   1.00 34.80 ? 196 LEU A CD2 1 
ATOM   1503 N N   . ALA A 1 197 ? -14.380 0.062   6.733   1.00 21.96 ? 197 ALA A N   1 
ATOM   1504 C CA  . ALA A 1 197 ? -15.134 -0.860  7.580   1.00 21.47 ? 197 ALA A CA  1 
ATOM   1505 C C   . ALA A 1 197 ? -14.425 -2.198  7.774   1.00 20.96 ? 197 ALA A C   1 
ATOM   1506 O O   . ALA A 1 197 ? -14.184 -2.933  6.816   1.00 28.55 ? 197 ALA A O   1 
ATOM   1507 C CB  . ALA A 1 197 ? -16.524 -1.075  7.021   1.00 21.72 ? 197 ALA A CB  1 
ATOM   1508 N N   . ARG A 1 198 ? -14.090 -2.497  9.025   1.00 20.71 ? 198 ARG A N   1 
ATOM   1509 C CA  . ARG A 1 198 ? -13.438 -3.752  9.374   1.00 21.88 ? 198 ARG A CA  1 
ATOM   1510 C C   . ARG A 1 198 ? -14.446 -4.724  9.983   1.00 28.67 ? 198 ARG A C   1 
ATOM   1511 O O   . ARG A 1 198 ? -15.361 -4.314  10.701  1.00 35.72 ? 198 ARG A O   1 
ATOM   1512 C CB  . ARG A 1 198 ? -12.279 -3.495  10.343  1.00 21.67 ? 198 ARG A CB  1 
ATOM   1513 C CG  . ARG A 1 198 ? -11.548 -4.739  10.823  1.00 22.20 ? 198 ARG A CG  1 
ATOM   1514 C CD  . ARG A 1 198 ? -10.247 -4.370  11.519  1.00 20.59 ? 198 ARG A CD  1 
ATOM   1515 N NE  . ARG A 1 198 ? -10.456 -3.428  12.613  1.00 27.25 ? 198 ARG A NE  1 
ATOM   1516 C CZ  . ARG A 1 198 ? -10.486 -3.768  13.898  1.00 30.02 ? 198 ARG A CZ  1 
ATOM   1517 N NH1 . ARG A 1 198 ? -10.312 -5.033  14.256  1.00 31.83 ? 198 ARG A NH1 1 
ATOM   1518 N NH2 . ARG A 1 198 ? -10.683 -2.841  14.826  1.00 29.75 ? 198 ARG A NH2 1 
ATOM   1519 N N   . ASN A 1 199 ? -14.276 -6.006  9.668   1.00 33.09 ? 199 ASN A N   1 
ATOM   1520 C CA  . ASN A 1 199 ? -15.155 -7.075  10.145  1.00 29.67 ? 199 ASN A CA  1 
ATOM   1521 C C   . ASN A 1 199 ? -16.586 -6.993  9.623   1.00 32.78 ? 199 ASN A C   1 
ATOM   1522 O O   . ASN A 1 199 ? -17.483 -7.660  10.138  1.00 37.52 ? 199 ASN A O   1 
ATOM   1523 C CB  . ASN A 1 199 ? -15.126 -7.185  11.672  1.00 30.95 ? 199 ASN A CB  1 
ATOM   1524 C CG  . ASN A 1 199 ? -13.795 -7.687  12.186  1.00 37.30 ? 199 ASN A CG  1 
ATOM   1525 O OD1 . ASN A 1 199 ? -13.062 -8.370  11.471  1.00 41.21 ? 199 ASN A OD1 1 
ATOM   1526 N ND2 . ASN A 1 199 ? -13.474 -7.355  13.432  1.00 40.14 ? 199 ASN A ND2 1 
ATOM   1527 N N   . LYS A 1 200 ? -16.787 -6.178  8.593   1.00 29.44 ? 200 LYS A N   1 
ATOM   1528 C CA  . LYS A 1 200 ? -18.059 -6.127  7.882   1.00 35.27 ? 200 LYS A CA  1 
ATOM   1529 C C   . LYS A 1 200 ? -18.044 -7.101  6.706   1.00 33.95 ? 200 LYS A C   1 
ATOM   1530 O O   . LYS A 1 200 ? -18.525 -6.790  5.614   1.00 33.60 ? 200 LYS A O   1 
ATOM   1531 C CB  . LYS A 1 200 ? -18.347 -4.705  7.400   1.00 39.40 ? 200 LYS A CB  1 
ATOM   1532 C CG  . LYS A 1 200 ? -19.180 -3.876  8.366   1.00 45.78 ? 200 LYS A CG  1 
ATOM   1533 C CD  . LYS A 1 200 ? -20.645 -4.294  8.323   1.00 49.83 ? 200 LYS A CD  1 
ATOM   1534 C CE  . LYS A 1 200 ? -21.491 -3.488  9.299   1.00 56.35 ? 200 LYS A CE  1 
ATOM   1535 N NZ  . LYS A 1 200 ? -21.179 -3.820  10.718  1.00 52.56 ? 200 LYS A NZ  1 
ATOM   1536 N N   . ASN A 1 201 ? -17.481 -8.281  6.953   1.00 31.78 ? 201 ASN A N   1 
ATOM   1537 C CA  . ASN A 1 201 ? -17.362 -9.342  5.957   1.00 38.81 ? 201 ASN A CA  1 
ATOM   1538 C C   . ASN A 1 201 ? -16.596 -8.920  4.703   1.00 38.92 ? 201 ASN A C   1 
ATOM   1539 O O   . ASN A 1 201 ? -17.177 -8.781  3.624   1.00 36.15 ? 201 ASN A O   1 
ATOM   1540 C CB  . ASN A 1 201 ? -18.738 -9.913  5.592   1.00 37.73 ? 201 ASN A CB  1 
ATOM   1541 C CG  . ASN A 1 201 ? -18.651 -11.303 4.990   1.00 41.81 ? 201 ASN A CG  1 
ATOM   1542 O OD1 . ASN A 1 201 ? -17.655 -12.006 5.170   1.00 36.45 ? 201 ASN A OD1 1 
ATOM   1543 N ND2 . ASN A 1 201 ? -19.694 -11.707 4.274   1.00 37.17 ? 201 ASN A ND2 1 
ATOM   1544 N N   . ASN A 1 202 ? -15.289 -8.721  4.865   1.00 37.26 ? 202 ASN A N   1 
ATOM   1545 C CA  . ASN A 1 202 ? -14.390 -8.373  3.766   1.00 31.16 ? 202 ASN A CA  1 
ATOM   1546 C C   . ASN A 1 202 ? -14.869 -7.169  2.966   1.00 33.70 ? 202 ASN A C   1 
ATOM   1547 O O   . ASN A 1 202 ? -14.948 -7.224  1.740   1.00 40.26 ? 202 ASN A O   1 
ATOM   1548 C CB  . ASN A 1 202 ? -14.184 -9.572  2.836   1.00 36.02 ? 202 ASN A CB  1 
ATOM   1549 C CG  . ASN A 1 202 ? -12.955 -9.424  1.956   1.00 38.72 ? 202 ASN A CG  1 
ATOM   1550 O OD1 . ASN A 1 202 ? -11.994 -8.743  2.319   1.00 39.45 ? 202 ASN A OD1 1 
ATOM   1551 N ND2 . ASN A 1 202 ? -12.980 -10.064 0.792   1.00 39.39 ? 202 ASN A ND2 1 
ATOM   1552 N N   . ALA A 1 203 ? -15.192 -6.088  3.670   1.00 30.66 ? 203 ALA A N   1 
ATOM   1553 C CA  . ALA A 1 203 ? -15.696 -4.874  3.038   1.00 29.93 ? 203 ALA A CA  1 
ATOM   1554 C C   . ALA A 1 203 ? -14.753 -4.354  1.959   1.00 28.62 ? 203 ALA A C   1 
ATOM   1555 O O   . ALA A 1 203 ? -13.561 -4.162  2.204   1.00 27.78 ? 203 ALA A O   1 
ATOM   1556 C CB  . ALA A 1 203 ? -15.941 -3.803  4.082   1.00 33.77 ? 203 ALA A CB  1 
ATOM   1557 N N   . CYS A 1 204 ? -15.300 -4.144  0.765   1.00 36.44 ? 204 CYS A N   1 
ATOM   1558 C CA  . CYS A 1 204 ? -14.540 -3.680  -0.397  1.00 35.61 ? 204 CYS A CA  1 
ATOM   1559 C C   . CYS A 1 204 ? -13.418 -4.635  -0.812  1.00 31.77 ? 204 CYS A C   1 
ATOM   1560 O O   . CYS A 1 204 ? -12.547 -4.269  -1.601  1.00 31.09 ? 204 CYS A O   1 
ATOM   1561 C CB  . CYS A 1 204 ? -13.998 -2.265  -0.172  1.00 30.13 ? 204 CYS A CB  1 
ATOM   1562 S SG  . CYS A 1 204 ? -15.283 -1.010  0.015   1.00 48.76 ? 204 CYS A SG  1 
ATOM   1563 N N   . GLY A 1 205 ? -13.454 -5.858  -0.290  1.00 30.66 ? 205 GLY A N   1 
ATOM   1564 C CA  . GLY A 1 205 ? -12.476 -6.874  -0.633  1.00 30.53 ? 205 GLY A CA  1 
ATOM   1565 C C   . GLY A 1 205 ? -11.054 -6.496  -0.264  1.00 28.49 ? 205 GLY A C   1 
ATOM   1566 O O   . GLY A 1 205 ? -10.157 -6.524  -1.104  1.00 35.88 ? 205 GLY A O   1 
ATOM   1567 N N   . ILE A 1 206 ? -10.846 -6.150  1.002   1.00 30.27 ? 206 ILE A N   1 
ATOM   1568 C CA  . ILE A 1 206 ? -9.539  -5.699  1.466   1.00 29.27 ? 206 ILE A CA  1 
ATOM   1569 C C   . ILE A 1 206 ? -8.587  -6.876  1.703   1.00 34.50 ? 206 ILE A C   1 
ATOM   1570 O O   . ILE A 1 206 ? -7.399  -6.685  1.963   1.00 33.57 ? 206 ILE A O   1 
ATOM   1571 C CB  . ILE A 1 206 ? -9.667  -4.856  2.755   1.00 29.78 ? 206 ILE A CB  1 
ATOM   1572 C CG1 . ILE A 1 206 ? -8.436  -3.965  2.949   1.00 28.19 ? 206 ILE A CG1 1 
ATOM   1573 C CG2 . ILE A 1 206 ? -9.911  -5.755  3.959   1.00 29.31 ? 206 ILE A CG2 1 
ATOM   1574 C CD1 . ILE A 1 206 ? -8.476  -3.126  4.201   1.00 26.95 ? 206 ILE A CD1 1 
ATOM   1575 N N   . THR A 1 207 ? -9.111  -8.093  1.599   1.00 33.74 ? 207 THR A N   1 
ATOM   1576 C CA  . THR A 1 207 ? -8.308  -9.287  1.839   1.00 34.67 ? 207 THR A CA  1 
ATOM   1577 C C   . THR A 1 207 ? -8.122  -10.117 0.571   1.00 34.71 ? 207 THR A C   1 
ATOM   1578 O O   . THR A 1 207 ? -7.530  -11.195 0.606   1.00 32.62 ? 207 THR A O   1 
ATOM   1579 C CB  . THR A 1 207 ? -8.932  -10.172 2.929   1.00 33.15 ? 207 THR A CB  1 
ATOM   1580 O OG1 . THR A 1 207 ? -10.227 -10.609 2.506   1.00 31.34 ? 207 THR A OG1 1 
ATOM   1581 C CG2 . THR A 1 207 ? -9.065  -9.396  4.232   1.00 30.41 ? 207 THR A CG2 1 
ATOM   1582 N N   . ASN A 1 208 ? -8.634  -9.608  -0.547  1.00 31.48 ? 208 ASN A N   1 
ATOM   1583 C CA  . ASN A 1 208 ? -8.504  -10.295 -1.827  1.00 31.48 ? 208 ASN A CA  1 
ATOM   1584 C C   . ASN A 1 208 ? -7.062  -10.308 -2.328  1.00 38.61 ? 208 ASN A C   1 
ATOM   1585 O O   . ASN A 1 208 ? -6.628  -11.262 -2.973  1.00 41.66 ? 208 ASN A O   1 
ATOM   1586 C CB  . ASN A 1 208 ? -9.424  -9.663  -2.873  1.00 27.10 ? 208 ASN A CB  1 
ATOM   1587 C CG  . ASN A 1 208 ? -10.894 -9.861  -2.553  1.00 30.28 ? 208 ASN A CG  1 
ATOM   1588 O OD1 . ASN A 1 208 ? -11.246 -10.444 -1.527  1.00 30.35 ? 208 ASN A OD1 1 
ATOM   1589 N ND2 . ASN A 1 208 ? -11.761 -9.368  -3.428  1.00 34.47 ? 208 ASN A ND2 1 
ATOM   1590 N N   . MET A 1 209 ? -6.327  -9.243  -2.026  1.00 37.49 ? 209 MET A N   1 
ATOM   1591 C CA  . MET A 1 209 ? -4.922  -9.147  -2.405  1.00 31.29 ? 209 MET A CA  1 
ATOM   1592 C C   . MET A 1 209 ? -4.094  -8.462  -1.328  1.00 31.71 ? 209 MET A C   1 
ATOM   1593 O O   . MET A 1 209 ? -3.552  -7.380  -1.550  1.00 36.68 ? 209 MET A O   1 
ATOM   1594 C CB  . MET A 1 209 ? -4.765  -8.390  -3.723  1.00 28.38 ? 209 MET A CB  1 
ATOM   1595 C CG  . MET A 1 209 ? -4.794  -9.271  -4.955  1.00 28.08 ? 209 MET A CG  1 
ATOM   1596 S SD  . MET A 1 209 ? -4.345  -8.360  -6.443  1.00 51.02 ? 209 MET A SD  1 
ATOM   1597 C CE  . MET A 1 209 ? -5.679  -7.170  -6.527  1.00 27.29 ? 209 MET A CE  1 
ATOM   1598 N N   . ALA A 1 210 ? -3.996  -9.092  -0.163  1.00 25.71 ? 210 ALA A N   1 
ATOM   1599 C CA  . ALA A 1 210 ? -3.186  -8.557  0.924   1.00 24.48 ? 210 ALA A CA  1 
ATOM   1600 C C   . ALA A 1 210 ? -1.828  -9.245  0.971   1.00 26.48 ? 210 ALA A C   1 
ATOM   1601 O O   . ALA A 1 210 ? -1.744  -10.462 1.134   1.00 33.13 ? 210 ALA A O   1 
ATOM   1602 C CB  . ALA A 1 210 ? -3.910  -8.708  2.249   1.00 33.53 ? 210 ALA A CB  1 
ATOM   1603 N N   . SER A 1 211 ? -0.766  -8.459  0.830   1.00 26.96 ? 211 SER A N   1 
ATOM   1604 C CA  . SER A 1 211 ? 0.584   -9.005  0.762   1.00 25.54 ? 211 SER A CA  1 
ATOM   1605 C C   . SER A 1 211 ? 1.609   -8.106  1.448   1.00 27.70 ? 211 SER A C   1 
ATOM   1606 O O   . SER A 1 211 ? 1.399   -6.899  1.574   1.00 23.78 ? 211 SER A O   1 
ATOM   1607 C CB  . SER A 1 211 ? 0.986   -9.219  -0.698  1.00 28.78 ? 211 SER A CB  1 
ATOM   1608 O OG  . SER A 1 211 ? 0.833   -8.023  -1.445  1.00 29.39 ? 211 SER A OG  1 
ATOM   1609 N N   . PHE A 1 212 ? 2.717   -8.697  1.888   1.00 34.82 ? 212 PHE A N   1 
ATOM   1610 C CA  . PHE A 1 212 ? 3.798   -7.916  2.490   1.00 29.32 ? 212 PHE A CA  1 
ATOM   1611 C C   . PHE A 1 212 ? 5.183   -8.481  2.171   1.00 28.52 ? 212 PHE A C   1 
ATOM   1612 O O   . PHE A 1 212 ? 5.347   -9.693  2.038   1.00 26.14 ? 212 PHE A O   1 
ATOM   1613 C CB  . PHE A 1 212 ? 3.597   -7.779  4.005   1.00 28.31 ? 212 PHE A CB  1 
ATOM   1614 C CG  . PHE A 1 212 ? 3.698   -9.074  4.758   1.00 31.44 ? 212 PHE A CG  1 
ATOM   1615 C CD1 . PHE A 1 212 ? 4.918   -9.510  5.254   1.00 31.64 ? 212 PHE A CD1 1 
ATOM   1616 C CD2 . PHE A 1 212 ? 2.572   -9.846  4.990   1.00 28.51 ? 212 PHE A CD2 1 
ATOM   1617 C CE1 . PHE A 1 212 ? 5.015   -10.695 5.957   1.00 32.54 ? 212 PHE A CE1 1 
ATOM   1618 C CE2 . PHE A 1 212 ? 2.661   -11.034 5.693   1.00 27.53 ? 212 PHE A CE2 1 
ATOM   1619 C CZ  . PHE A 1 212 ? 3.885   -11.458 6.179   1.00 30.71 ? 212 PHE A CZ  1 
ATOM   1620 N N   . PRO A 1 213 ? 6.187   -7.597  2.049   1.00 29.33 ? 213 PRO A N   1 
ATOM   1621 C CA  . PRO A 1 213 ? 7.552   -7.999  1.697   1.00 28.55 ? 213 PRO A CA  1 
ATOM   1622 C C   . PRO A 1 213 ? 8.353   -8.470  2.905   1.00 27.19 ? 213 PRO A C   1 
ATOM   1623 O O   . PRO A 1 213 ? 8.025   -8.129  4.041   1.00 25.05 ? 213 PRO A O   1 
ATOM   1624 C CB  . PRO A 1 213 ? 8.177   -6.699  1.166   1.00 28.24 ? 213 PRO A CB  1 
ATOM   1625 C CG  . PRO A 1 213 ? 7.087   -5.657  1.204   1.00 26.11 ? 213 PRO A CG  1 
ATOM   1626 C CD  . PRO A 1 213 ? 6.075   -6.138  2.179   1.00 28.32 ? 213 PRO A CD  1 
ATOM   1627 N N   . LYS A 1 214 ? 9.404   -9.241  2.650   1.00 31.01 ? 214 LYS A N   1 
ATOM   1628 C CA  . LYS A 1 214 ? 10.313  -9.670  3.703   1.00 30.97 ? 214 LYS A CA  1 
ATOM   1629 C C   . LYS A 1 214 ? 11.670  -8.995  3.539   1.00 32.16 ? 214 LYS A C   1 
ATOM   1630 O O   . LYS A 1 214 ? 12.093  -8.702  2.421   1.00 34.58 ? 214 LYS A O   1 
ATOM   1631 C CB  . LYS A 1 214 ? 10.472  -11.193 3.692   1.00 26.72 ? 214 LYS A CB  1 
ATOM   1632 C CG  . LYS A 1 214 ? 9.193   -11.946 4.025   1.00 29.47 ? 214 LYS A CG  1 
ATOM   1633 C CD  . LYS A 1 214 ? 9.455   -13.424 4.275   1.00 37.53 ? 214 LYS A CD  1 
ATOM   1634 C CE  . LYS A 1 214 ? 9.906   -14.138 3.009   1.00 48.18 ? 214 LYS A CE  1 
ATOM   1635 N NZ  . LYS A 1 214 ? 10.086  -15.601 3.237   1.00 49.63 ? 214 LYS A NZ  1 
ATOM   1636 N N   . MET A 1 215 ? 12.344  -8.741  4.655   1.00 33.53 ? 215 MET A N   1 
ATOM   1637 C CA  . MET A 1 215 ? 13.667  -8.127  4.626   1.00 33.31 ? 215 MET A CA  1 
ATOM   1638 C C   . MET A 1 215 ? 14.631  -8.832  5.570   1.00 43.05 ? 215 MET A C   1 
ATOM   1639 O O   . MET A 1 215 ? 15.841  -8.835  5.343   1.00 42.37 ? 215 MET A O   1 
ATOM   1640 C CB  . MET A 1 215 ? 13.587  -6.644  4.988   1.00 35.91 ? 215 MET A CB  1 
ATOM   1641 C CG  . MET A 1 215 ? 13.070  -5.749  3.879   1.00 30.61 ? 215 MET A CG  1 
ATOM   1642 S SD  . MET A 1 215 ? 13.457  -4.017  4.191   1.00 33.22 ? 215 MET A SD  1 
ATOM   1643 C CE  . MET A 1 215 ? 12.719  -3.239  2.759   1.00 26.84 ? 215 MET A CE  1 
ATOM   1644 O OXT . MET A 1 215 ? 14.226  -9.407  6.581   1.00 39.58 ? 215 MET A OXT 1 
HETATM 1645 S S   . SO4 B 2 .   ? 11.540  2.023   15.951  1.00 41.13 ? 301 SO4 A S   1 
HETATM 1646 O O1  . SO4 B 2 .   ? 10.359  2.038   16.810  1.00 37.00 ? 301 SO4 A O1  1 
HETATM 1647 O O2  . SO4 B 2 .   ? 11.362  1.020   14.904  1.00 33.28 ? 301 SO4 A O2  1 
HETATM 1648 O O3  . SO4 B 2 .   ? 11.719  3.340   15.345  1.00 35.98 ? 301 SO4 A O3  1 
HETATM 1649 O O4  . SO4 B 2 .   ? 12.716  1.691   16.752  1.00 38.21 ? 301 SO4 A O4  1 
HETATM 1650 S S   . SO4 C 2 .   ? -11.210 -8.280  16.188  1.00 66.81 ? 302 SO4 A S   1 
HETATM 1651 O O1  . SO4 C 2 .   ? -12.377 -8.782  16.909  1.00 50.78 ? 302 SO4 A O1  1 
HETATM 1652 O O2  . SO4 C 2 .   ? -11.491 -6.939  15.678  1.00 50.14 ? 302 SO4 A O2  1 
HETATM 1653 O O3  . SO4 C 2 .   ? -10.903 -9.170  15.070  1.00 45.57 ? 302 SO4 A O3  1 
HETATM 1654 O O4  . SO4 C 2 .   ? -10.069 -8.223  17.099  1.00 55.65 ? 302 SO4 A O4  1 
HETATM 1655 S S   . SO4 D 2 .   ? -2.966  16.974  -4.198  1.00 57.14 ? 303 SO4 A S   1 
HETATM 1656 O O1  . SO4 D 2 .   ? -3.993  15.935  -4.189  1.00 45.58 ? 303 SO4 A O1  1 
HETATM 1657 O O2  . SO4 D 2 .   ? -3.334  18.004  -5.166  1.00 55.22 ? 303 SO4 A O2  1 
HETATM 1658 O O3  . SO4 D 2 .   ? -2.858  17.567  -2.868  1.00 46.17 ? 303 SO4 A O3  1 
HETATM 1659 O O4  . SO4 D 2 .   ? -1.682  16.387  -4.573  1.00 43.77 ? 303 SO4 A O4  1 
HETATM 1660 C C1  . NAG E 3 .   ? 23.743  6.787   -9.678  0.83 35.97 ? 304 NAG A C1  1 
HETATM 1661 C C2  . NAG E 3 .   ? 24.560  7.940   -10.259 0.83 39.09 ? 304 NAG A C2  1 
HETATM 1662 C C3  . NAG E 3 .   ? 25.290  8.765   -9.202  0.83 37.67 ? 304 NAG A C3  1 
HETATM 1663 C C4  . NAG E 3 .   ? 24.488  8.947   -7.920  0.83 30.17 ? 304 NAG A C4  1 
HETATM 1664 C C5  . NAG E 3 .   ? 23.931  7.608   -7.458  0.83 31.47 ? 304 NAG A C5  1 
HETATM 1665 C C6  . NAG E 3 .   ? 23.088  7.783   -6.199  0.83 32.45 ? 304 NAG A C6  1 
HETATM 1666 C C7  . NAG E 3 .   ? 25.285  6.833   -12.339 0.83 34.22 ? 304 NAG A C7  1 
HETATM 1667 C C8  . NAG E 3 .   ? 26.028  5.567   -12.671 0.83 29.75 ? 304 NAG A C8  1 
HETATM 1668 N N2  . NAG E 3 .   ? 25.558  7.409   -11.170 0.83 32.97 ? 304 NAG A N2  1 
HETATM 1669 O O3  . NAG E 3 .   ? 25.619  10.027  -9.741  0.83 46.56 ? 304 NAG A O3  1 
HETATM 1670 O O4  . NAG E 3 .   ? 25.310  9.532   -6.932  0.83 33.10 ? 304 NAG A O4  1 
HETATM 1671 O O5  . NAG E 3 .   ? 23.085  7.123   -8.476  0.83 33.43 ? 304 NAG A O5  1 
HETATM 1672 O O6  . NAG E 3 .   ? 23.909  8.271   -5.161  0.83 32.94 ? 304 NAG A O6  1 
HETATM 1673 O O7  . NAG E 3 .   ? 24.463  7.292   -13.130 0.83 35.95 ? 304 NAG A O7  1 
HETATM 1674 O O   . HOH F 4 .   ? 19.170  -2.343  11.236  1.00 28.98 ? 401 HOH A O   1 
HETATM 1675 O O   . HOH F 4 .   ? -6.546  -8.309  19.865  1.00 31.39 ? 402 HOH A O   1 
HETATM 1676 O O   . HOH F 4 .   ? 6.487   6.184   -0.955  1.00 30.00 ? 403 HOH A O   1 
HETATM 1677 O O   . HOH F 4 .   ? 9.476   7.676   -7.583  1.00 30.00 ? 404 HOH A O   1 
HETATM 1678 O O   . HOH F 4 .   ? 0.644   8.864   -17.007 1.00 28.27 ? 405 HOH A O   1 
HETATM 1679 O O   . HOH F 4 .   ? 10.910  -7.933  -14.168 1.00 22.59 ? 406 HOH A O   1 
HETATM 1680 O O   . HOH F 4 .   ? 22.599  9.226   -12.505 1.00 30.00 ? 407 HOH A O   1 
HETATM 1681 O O   . HOH F 4 .   ? -12.008 -9.234  -10.503 1.00 40.33 ? 408 HOH A O   1 
HETATM 1682 O O   . HOH F 4 .   ? 0.824   8.228   -1.045  1.00 19.22 ? 409 HOH A O   1 
HETATM 1683 O O   . HOH F 4 .   ? -4.302  9.856   -1.050  1.00 30.00 ? 410 HOH A O   1 
HETATM 1684 O O   . HOH F 4 .   ? 14.950  14.202  -6.133  1.00 28.58 ? 411 HOH A O   1 
HETATM 1685 O O   . HOH F 4 .   ? -14.115 -11.112 17.400  1.00 37.66 ? 412 HOH A O   1 
HETATM 1686 O O   . HOH F 4 .   ? 21.312  -8.631  -2.417  1.00 24.17 ? 413 HOH A O   1 
HETATM 1687 O O   . HOH F 4 .   ? 2.221   10.616  7.664   1.00 30.00 ? 414 HOH A O   1 
HETATM 1688 O O   . HOH F 4 .   ? -9.813  -7.991  11.836  1.00 26.54 ? 415 HOH A O   1 
HETATM 1689 O O   . HOH F 4 .   ? -10.958 2.921   -9.971  1.00 30.00 ? 416 HOH A O   1 
HETATM 1690 O O   . HOH F 4 .   ? -18.982 6.258   10.574  1.00 31.75 ? 417 HOH A O   1 
HETATM 1691 O O   . HOH F 4 .   ? -18.143 7.079   13.175  1.00 28.89 ? 418 HOH A O   1 
HETATM 1692 O O   . HOH F 4 .   ? 8.098   -16.055 -1.950  1.00 30.00 ? 419 HOH A O   1 
HETATM 1693 O O   . HOH F 4 .   ? 8.796   -8.831  -12.514 1.00 26.83 ? 420 HOH A O   1 
HETATM 1694 O O   . HOH F 4 .   ? 16.827  8.709   -12.725 1.00 30.00 ? 421 HOH A O   1 
HETATM 1695 O O   . HOH F 4 .   ? 23.365  -0.894  -12.678 0.5  30.00 ? 422 HOH A O   1 
# 
